data_1Z68
#
_entry.id   1Z68
#
_cell.length_a   70.295
_cell.length_b   152.580
_cell.length_c   214.855
_cell.angle_alpha   90.00
_cell.angle_beta   90.00
_cell.angle_gamma   90.00
#
_symmetry.space_group_name_H-M   'P 21 21 21'
#
loop_
_entity.id
_entity.type
_entity.pdbx_description
1 polymer 'fibroblast activation protein, alpha subunit'
2 branched 2-acetamido-2-deoxy-beta-D-glucopyranose-(1-4)-2-acetamido-2-deoxy-beta-D-glucopyranose
3 branched 2-acetamido-2-deoxy-beta-D-glucopyranose-(1-3)-2-acetamido-2-deoxy-beta-D-glucopyranose
4 non-polymer 2-acetamido-2-deoxy-beta-D-glucopyranose
5 water water
#
_entity_poly.entity_id   1
_entity_poly.type   'polypeptide(L)'
_entity_poly.pdbx_seq_one_letter_code
;MRALTLKDILNGTFSYKTFFPNWISGQEYLHQSADNNIVLYNIETGQSYTILSNRTMKSVNASNYGLSPDRQFVYLESDY
SKLWRYSYTATYYIYDLSNGEFVRGNELPRPIQYLCWSPVGSKLAYVYQNNIYLKQRPGDPPFQITFNGRENKIFNGIPD
WVYEEEMLATKYALWWSPNGKFLAYAEFNDTDIPVIAYSYYGDEQYPRTINIPYPKAGAKNPVVRIFIIDTTYPAYVGPQ
EVPVPAMIASSDYYFSWLTWVTDERVCLQWLKRVQNVSVLSICDFREDWQTWDCPKTQEHIEESRTGWAGGFFVSTPVFS
YDAISYYKIFSDKDGYKHIHYIKDTVENAIQITSGKWEAINIFRVTQDSLFYSSNEFEEYPGRRNIYRISIGSYPPSKKC
VTCHLRKERCQYYTASFSDYAKYYALVCYGPGIPISTLHDGRTDQEIKILEENKELENALKNIQLPKEEIKKLEVDEITL
WYKMILPPQFDRSKKYPLLIQVYGGPCSQSVRSVFAVNWISYLASKEGMVIALVDGRGTAFQGDKLLYAVYRKLGVYEVE
DQITAVRKFIEMGFIDEKRIAIWGWSYGGYVSSLALASGTGLFKCGIAVAPVSSWEYYASVYTERFMGLPTKDDNLEHYK
NSTVMARAEYFRNVDYLLIHGTADDNVHFQNSAQIAKALVNAQVDFQAMWYSDQNHGLSGLSTNHLYTHMTHFLKQCFS
;
_entity_poly.pdbx_strand_id   A,B
#
loop_
_chem_comp.id
_chem_comp.type
_chem_comp.name
_chem_comp.formula
NAG D-saccharide, beta linking 2-acetamido-2-deoxy-beta-D-glucopyranose 'C8 H15 N O6'
#
# COMPACT_ATOMS: atom_id res chain seq x y z
N MET A 1 -40.64 -5.79 21.32
CA MET A 1 -39.23 -6.25 21.54
C MET A 1 -38.51 -6.39 20.21
N ARG A 2 -37.21 -6.08 20.19
CA ARG A 2 -36.42 -6.13 18.95
C ARG A 2 -34.94 -6.45 19.15
N ALA A 3 -34.38 -7.26 18.26
CA ALA A 3 -32.95 -7.56 18.27
C ALA A 3 -32.11 -6.37 17.80
N LEU A 4 -30.92 -6.23 18.38
CA LEU A 4 -29.93 -5.25 17.96
C LEU A 4 -29.61 -5.32 16.47
N THR A 5 -29.16 -4.19 15.92
CA THR A 5 -28.85 -4.05 14.50
C THR A 5 -27.42 -3.53 14.35
N LEU A 6 -26.80 -3.77 13.19
CA LEU A 6 -25.50 -3.18 12.89
C LEU A 6 -25.61 -1.66 12.90
N LYS A 7 -26.74 -1.14 12.44
CA LYS A 7 -27.03 0.29 12.50
C LYS A 7 -26.96 0.81 13.94
N ASP A 8 -27.60 0.07 14.86
CA ASP A 8 -27.57 0.43 16.27
C ASP A 8 -26.14 0.65 16.73
N ILE A 9 -25.29 -0.34 16.49
CA ILE A 9 -23.90 -0.31 16.96
C ILE A 9 -23.08 0.76 16.24
N LEU A 10 -23.30 0.90 14.93
CA LEU A 10 -22.53 1.85 14.13
C LEU A 10 -22.96 3.30 14.38
N ASN A 11 -24.22 3.50 14.76
CA ASN A 11 -24.71 4.84 15.04
C ASN A 11 -24.37 5.34 16.44
N GLY A 12 -24.02 4.41 17.33
CA GLY A 12 -23.78 4.73 18.72
C GLY A 12 -25.06 4.99 19.47
N THR A 13 -26.16 4.40 18.97
CA THR A 13 -27.48 4.56 19.55
C THR A 13 -27.52 4.21 21.05
N PHE A 14 -26.83 3.13 21.41
CA PHE A 14 -26.80 2.66 22.79
C PHE A 14 -25.44 2.90 23.43
N SER A 15 -24.93 4.11 23.21
CA SER A 15 -23.69 4.56 23.82
C SER A 15 -24.04 5.23 25.14
N TYR A 16 -23.06 5.35 26.02
CA TYR A 16 -23.28 5.94 27.34
C TYR A 16 -22.42 7.15 27.65
N LYS A 17 -22.87 7.93 28.63
CA LYS A 17 -22.16 9.13 29.04
C LYS A 17 -21.39 8.88 30.32
N THR A 18 -20.47 9.77 30.62
CA THR A 18 -19.63 9.66 31.79
C THR A 18 -19.50 11.05 32.41
N PHE A 19 -19.10 11.14 33.66
CA PHE A 19 -18.89 12.46 34.27
C PHE A 19 -17.63 12.58 35.10
N PHE A 20 -16.60 13.16 34.48
CA PHE A 20 -15.39 13.48 35.19
C PHE A 20 -15.36 14.97 35.48
N PRO A 21 -15.47 15.34 36.76
CA PRO A 21 -15.32 16.74 37.16
C PRO A 21 -13.96 17.28 36.72
N ASN A 22 -13.99 18.39 35.99
CA ASN A 22 -12.79 19.12 35.63
C ASN A 22 -12.42 20.01 36.82
N TRP A 23 -11.71 19.43 37.79
CA TRP A 23 -11.39 20.10 39.04
C TRP A 23 -10.57 21.38 38.86
N ILE A 24 -10.73 22.34 39.77
CA ILE A 24 -9.95 23.58 39.76
C ILE A 24 -9.56 23.98 41.18
N SER A 25 -10.16 23.29 42.15
CA SER A 25 -9.77 23.42 43.55
C SER A 25 -10.17 22.13 44.28
N GLY A 26 -10.23 22.17 45.62
CA GLY A 26 -10.66 21.03 46.40
C GLY A 26 -12.17 20.87 46.41
N GLN A 27 -12.87 21.91 45.96
CA GLN A 27 -14.33 21.95 46.10
C GLN A 27 -15.05 22.54 44.89
N GLU A 28 -14.29 23.00 43.89
CA GLU A 28 -14.86 23.52 42.65
C GLU A 28 -14.44 22.74 41.41
N TYR A 29 -15.37 22.59 40.46
CA TYR A 29 -15.09 22.05 39.13
C TYR A 29 -15.85 22.81 38.04
N LEU A 30 -15.31 22.78 36.82
CA LEU A 30 -15.94 23.42 35.66
C LEU A 30 -16.49 22.35 34.72
N HIS A 31 -17.69 22.57 34.22
CA HIS A 31 -18.28 21.65 33.25
C HIS A 31 -19.09 22.40 32.19
N GLN A 32 -19.05 21.89 30.97
CA GLN A 32 -19.77 22.48 29.84
C GLN A 32 -21.22 22.01 29.81
N SER A 33 -22.13 22.97 29.71
CA SER A 33 -23.57 22.71 29.77
C SER A 33 -24.12 22.12 28.46
N ALA A 34 -25.40 21.72 28.49
CA ALA A 34 -26.09 21.19 27.32
C ALA A 34 -26.15 22.20 26.17
N ASP A 35 -26.44 23.46 26.51
CA ASP A 35 -26.42 24.56 25.54
C ASP A 35 -25.07 25.30 25.54
N ASN A 36 -24.01 24.55 25.82
CA ASN A 36 -22.61 24.98 25.64
C ASN A 36 -22.18 26.27 26.35
N ASN A 37 -22.31 26.28 27.67
CA ASN A 37 -21.74 27.32 28.53
C ASN A 37 -20.78 26.66 29.51
N ILE A 38 -19.70 27.35 29.87
CA ILE A 38 -18.79 26.80 30.87
C ILE A 38 -19.12 27.35 32.26
N VAL A 39 -19.51 26.45 33.15
CA VAL A 39 -20.06 26.86 34.45
C VAL A 39 -19.25 26.33 35.63
N LEU A 40 -18.97 27.22 36.59
CA LEU A 40 -18.25 26.89 37.81
C LEU A 40 -19.23 26.37 38.85
N TYR A 41 -19.10 25.08 39.17
CA TYR A 41 -19.86 24.49 40.27
C TYR A 41 -18.95 24.38 41.48
N ASN A 42 -19.53 24.59 42.64
CA ASN A 42 -18.86 24.43 43.92
C ASN A 42 -19.74 23.50 44.72
N ILE A 43 -19.13 22.52 45.39
CA ILE A 43 -19.95 21.59 46.16
C ILE A 43 -19.93 21.84 47.67
N GLU A 44 -18.85 22.46 48.15
CA GLU A 44 -18.75 22.98 49.51
C GLU A 44 -19.81 24.06 49.78
N THR A 45 -20.09 24.84 48.74
CA THR A 45 -20.97 26.00 48.85
C THR A 45 -22.27 25.84 48.05
N GLY A 46 -22.27 24.89 47.09
CA GLY A 46 -23.43 24.60 46.28
C GLY A 46 -23.88 25.72 45.35
N GLN A 47 -22.94 26.55 44.90
CA GLN A 47 -23.24 27.67 44.01
C GLN A 47 -22.68 27.46 42.62
N SER A 48 -23.32 28.09 41.64
CA SER A 48 -22.90 28.03 40.25
C SER A 48 -22.98 29.41 39.61
N TYR A 49 -22.17 29.62 38.56
CA TYR A 49 -22.28 30.77 37.66
C TYR A 49 -21.57 30.46 36.34
N THR A 50 -21.89 31.22 35.30
CA THR A 50 -21.26 31.06 33.98
C THR A 50 -19.91 31.78 33.94
N ILE A 51 -18.83 31.04 34.15
CA ILE A 51 -17.48 31.60 34.15
C ILE A 51 -17.06 32.10 32.75
N LEU A 52 -17.54 31.42 31.71
CA LEU A 52 -17.24 31.73 30.31
C LEU A 52 -18.49 31.56 29.42
N SER A 53 -18.96 32.67 28.85
CA SER A 53 -20.19 32.69 28.05
C SER A 53 -20.20 31.73 26.86
N ASN A 54 -21.41 31.42 26.39
CA ASN A 54 -21.64 30.55 25.24
C ASN A 54 -21.13 31.14 23.93
N ARG A 55 -21.36 32.43 23.74
CA ARG A 55 -21.10 33.07 22.46
C ARG A 55 -19.68 33.62 22.35
N THR A 56 -19.05 33.86 23.49
CA THR A 56 -17.62 34.21 23.53
C THR A 56 -16.78 33.01 23.08
N MET A 57 -17.25 31.80 23.38
CA MET A 57 -16.60 30.58 22.91
C MET A 57 -16.82 30.37 21.41
N LYS A 58 -18.01 30.69 20.93
CA LYS A 58 -18.38 30.56 19.52
C LYS A 58 -17.79 31.70 18.70
N SER A 59 -17.36 32.76 19.37
CA SER A 59 -16.75 33.91 18.72
C SER A 59 -15.43 33.52 18.04
N VAL A 60 -14.81 32.46 18.53
CA VAL A 60 -13.59 31.92 17.93
C VAL A 60 -13.79 30.45 17.52
N ASN A 61 -15.06 30.03 17.42
CA ASN A 61 -15.47 28.62 17.44
C ASN A 61 -14.42 27.63 18.00
N ALA A 62 -14.11 27.84 19.27
CA ALA A 62 -13.25 26.96 20.03
C ALA A 62 -14.05 25.73 20.46
N SER A 63 -13.34 24.65 20.76
CA SER A 63 -13.97 23.40 21.18
C SER A 63 -13.43 22.92 22.52
N ASN A 64 -12.55 23.74 23.12
CA ASN A 64 -11.97 23.44 24.43
C ASN A 64 -11.49 24.67 25.19
N TYR A 65 -11.41 24.54 26.51
CA TYR A 65 -11.06 25.66 27.38
C TYR A 65 -9.99 25.28 28.41
N GLY A 66 -9.36 26.29 29.00
CA GLY A 66 -8.36 26.09 30.03
C GLY A 66 -8.23 27.24 31.01
N LEU A 67 -8.96 27.13 32.11
CA LEU A 67 -8.96 28.13 33.18
C LEU A 67 -7.67 28.03 33.98
N SER A 68 -7.04 29.19 34.18
CA SER A 68 -5.81 29.32 34.95
C SER A 68 -6.01 29.10 36.44
N PRO A 69 -4.97 28.61 37.13
CA PRO A 69 -4.98 28.51 38.60
C PRO A 69 -5.43 29.76 39.35
N ASP A 70 -5.05 30.96 38.89
CA ASP A 70 -5.51 32.18 39.57
C ASP A 70 -6.85 32.73 39.03
N ARG A 71 -7.53 31.93 38.20
CA ARG A 71 -8.87 32.22 37.67
C ARG A 71 -8.98 33.60 37.01
N GLN A 72 -7.84 34.19 36.68
CA GLN A 72 -7.78 35.48 36.01
C GLN A 72 -7.86 35.35 34.49
N PHE A 73 -7.50 34.16 33.99
CA PHE A 73 -7.51 33.87 32.55
C PHE A 73 -8.06 32.47 32.25
N VAL A 74 -8.58 32.30 31.04
CA VAL A 74 -8.90 30.99 30.48
C VAL A 74 -8.34 30.86 29.05
N TYR A 75 -7.83 29.68 28.70
CA TYR A 75 -7.45 29.45 27.31
C TYR A 75 -8.61 28.96 26.44
N LEU A 76 -8.57 29.33 25.17
CA LEU A 76 -9.61 28.93 24.23
C LEU A 76 -8.97 28.21 23.04
N GLU A 77 -9.41 26.97 22.85
CA GLU A 77 -8.80 26.07 21.89
C GLU A 77 -9.66 25.92 20.64
N SER A 78 -9.15 26.42 19.52
CA SER A 78 -9.78 26.20 18.23
C SER A 78 -8.76 25.63 17.26
N ASP A 79 -9.23 25.30 16.05
CA ASP A 79 -8.40 24.69 15.00
C ASP A 79 -7.63 23.44 15.47
N TYR A 80 -8.36 22.58 16.16
CA TYR A 80 -7.84 21.31 16.63
C TYR A 80 -7.52 20.50 15.40
N SER A 81 -6.31 19.95 15.37
CA SER A 81 -5.86 19.16 14.24
C SER A 81 -5.10 17.96 14.76
N LYS A 82 -5.67 16.78 14.55
CA LYS A 82 -5.11 15.55 15.07
C LYS A 82 -3.80 15.15 14.40
N LEU A 83 -2.77 14.89 15.21
CA LEU A 83 -1.61 14.18 14.71
C LEU A 83 -1.84 12.71 15.01
N TRP A 84 -1.06 12.12 15.92
CA TRP A 84 -1.23 10.70 16.25
C TRP A 84 -2.33 10.46 17.30
N ARG A 85 -2.15 9.51 18.21
CA ARG A 85 -3.18 9.16 19.18
C ARG A 85 -3.55 10.28 20.16
N TYR A 86 -2.55 10.84 20.83
CA TYR A 86 -2.78 11.93 21.77
C TYR A 86 -2.34 13.29 21.20
N SER A 87 -1.30 13.28 20.37
CA SER A 87 -0.75 14.52 19.84
C SER A 87 -1.74 15.21 18.92
N TYR A 88 -1.84 16.52 19.06
CA TYR A 88 -2.71 17.29 18.19
C TYR A 88 -2.24 18.73 18.20
N THR A 89 -2.78 19.49 17.27
CA THR A 89 -2.32 20.85 17.04
C THR A 89 -3.55 21.73 17.18
N ALA A 90 -3.35 22.94 17.71
CA ALA A 90 -4.48 23.84 17.95
C ALA A 90 -4.07 25.31 17.99
N THR A 91 -5.09 26.15 18.06
CA THR A 91 -4.93 27.59 18.21
C THR A 91 -5.39 28.00 19.62
N TYR A 92 -4.63 28.90 20.23
CA TYR A 92 -4.89 29.26 21.61
C TYR A 92 -5.08 30.76 21.76
N TYR A 93 -6.29 31.15 22.17
CA TYR A 93 -6.58 32.52 22.55
C TYR A 93 -6.73 32.59 24.05
N ILE A 94 -6.33 33.72 24.63
CA ILE A 94 -6.40 33.89 26.06
C ILE A 94 -7.46 34.95 26.39
N TYR A 95 -8.44 34.55 27.19
CA TYR A 95 -9.47 35.48 27.64
C TYR A 95 -9.14 36.13 28.99
N ASP A 96 -8.93 37.45 28.94
CA ASP A 96 -8.76 38.27 30.13
C ASP A 96 -10.07 38.35 30.89
N LEU A 97 -10.24 37.38 31.78
CA LEU A 97 -11.50 37.16 32.48
C LEU A 97 -11.73 38.17 33.60
N SER A 98 -10.76 39.05 33.79
CA SER A 98 -10.88 40.16 34.73
C SER A 98 -11.48 41.37 34.04
N ASN A 99 -11.15 41.53 32.75
CA ASN A 99 -11.53 42.72 31.99
C ASN A 99 -12.70 42.50 31.03
N GLY A 100 -12.95 41.24 30.67
CA GLY A 100 -14.05 40.88 29.81
C GLY A 100 -13.81 41.20 28.35
N GLU A 101 -12.59 40.91 27.89
CA GLU A 101 -12.21 41.00 26.47
C GLU A 101 -10.96 40.14 26.25
N PHE A 102 -10.60 39.90 24.99
CA PHE A 102 -9.45 39.05 24.69
C PHE A 102 -8.11 39.75 24.91
N VAL A 103 -7.07 38.98 25.18
CA VAL A 103 -5.72 39.52 25.39
C VAL A 103 -5.04 39.75 24.04
N ARG A 104 -4.69 41.02 23.80
CA ARG A 104 -4.07 41.44 22.55
C ARG A 104 -2.60 41.78 22.78
N GLY A 105 -1.79 41.69 21.73
CA GLY A 105 -0.40 42.10 21.81
C GLY A 105 0.54 41.02 21.35
N ASN A 106 1.22 40.39 22.31
CA ASN A 106 2.21 39.37 21.99
C ASN A 106 1.60 38.02 21.62
N GLU A 107 0.52 38.10 20.86
CA GLU A 107 -0.23 36.96 20.33
C GLU A 107 0.61 35.71 20.08
N LEU A 108 0.15 34.59 20.65
CA LEU A 108 0.74 33.28 20.45
C LEU A 108 0.77 32.88 18.97
N PRO A 109 1.81 32.17 18.56
CA PRO A 109 1.95 31.70 17.18
C PRO A 109 0.91 30.65 16.77
N ARG A 110 0.70 30.48 15.45
CA ARG A 110 -0.21 29.47 14.89
C ARG A 110 0.43 28.08 14.98
N PRO A 111 -0.27 27.03 14.49
CA PRO A 111 -0.20 25.68 15.07
C PRO A 111 0.77 25.44 16.25
N ILE A 112 0.25 25.63 17.47
CA ILE A 112 0.97 25.26 18.68
C ILE A 112 0.67 23.81 19.02
N GLN A 113 1.72 23.07 19.36
CA GLN A 113 1.58 21.68 19.79
C GLN A 113 0.84 21.65 21.13
N TYR A 114 1.59 21.79 22.21
CA TYR A 114 1.04 21.65 23.55
C TYR A 114 1.22 22.94 24.34
N LEU A 115 0.23 23.20 25.19
CA LEU A 115 0.17 24.41 26.01
C LEU A 115 -0.51 24.05 27.32
N CYS A 116 -0.15 24.80 28.36
CA CYS A 116 -0.69 24.62 29.72
C CYS A 116 -0.19 25.75 30.60
N TRP A 117 -0.87 25.92 31.73
CA TRP A 117 -0.48 26.93 32.71
C TRP A 117 0.48 26.31 33.72
N SER A 118 1.00 27.14 34.62
CA SER A 118 1.61 26.63 35.85
C SER A 118 0.48 26.13 36.75
N PRO A 119 0.78 25.30 37.75
CA PRO A 119 -0.28 24.87 38.68
C PRO A 119 -0.59 26.00 39.64
N VAL A 120 0.21 27.07 39.60
CA VAL A 120 0.06 28.26 40.44
C VAL A 120 0.13 29.53 39.57
N GLY A 121 -0.76 30.49 39.85
CA GLY A 121 -0.80 31.74 39.11
C GLY A 121 -1.43 31.61 37.74
N SER A 122 -0.77 32.22 36.74
CA SER A 122 -1.18 32.14 35.34
C SER A 122 0.01 32.40 34.41
N LYS A 123 1.10 31.67 34.65
CA LYS A 123 2.27 31.66 33.78
C LYS A 123 2.04 30.59 32.73
N LEU A 124 2.42 30.91 31.48
CA LEU A 124 2.21 30.02 30.35
C LEU A 124 3.49 29.33 29.90
N ALA A 125 3.36 28.05 29.54
CA ALA A 125 4.43 27.31 28.87
C ALA A 125 3.84 26.57 27.68
N TYR A 126 4.47 26.72 26.53
CA TYR A 126 3.99 26.07 25.30
C TYR A 126 5.09 25.65 24.35
N VAL A 127 4.77 24.66 23.52
CA VAL A 127 5.66 24.17 22.49
C VAL A 127 5.15 24.56 21.08
N TYR A 128 5.95 25.35 20.38
CA TYR A 128 5.66 25.74 19.00
C TYR A 128 6.83 25.38 18.10
N GLN A 129 6.54 24.52 17.12
CA GLN A 129 7.55 24.01 16.19
C GLN A 129 8.66 23.30 16.96
N ASN A 130 8.24 22.36 17.82
CA ASN A 130 9.14 21.46 18.54
C ASN A 130 10.05 22.12 19.57
N ASN A 131 9.81 23.41 19.82
CA ASN A 131 10.58 24.18 20.77
C ASN A 131 9.73 24.79 21.88
N ILE A 132 10.24 24.73 23.10
CA ILE A 132 9.55 25.30 24.25
C ILE A 132 9.72 26.81 24.34
N TYR A 133 8.60 27.48 24.48
CA TYR A 133 8.58 28.89 24.76
C TYR A 133 7.97 29.03 26.15
N LEU A 134 8.29 30.12 26.84
CA LEU A 134 7.73 30.41 28.16
C LEU A 134 7.22 31.85 28.26
N LYS A 135 6.09 32.02 28.93
CA LYS A 135 5.49 33.34 29.13
C LYS A 135 5.31 33.61 30.60
N GLN A 136 5.49 34.87 31.01
CA GLN A 136 5.34 35.29 32.42
C GLN A 136 3.92 35.77 32.73
N ARG A 137 3.52 36.85 32.07
CA ARG A 137 2.12 37.28 32.04
C ARG A 137 1.56 36.83 30.69
N PRO A 138 0.30 36.40 30.65
CA PRO A 138 -0.35 36.01 29.39
C PRO A 138 -0.18 36.98 28.21
N GLY A 139 0.17 38.23 28.47
CA GLY A 139 0.38 39.21 27.41
C GLY A 139 1.83 39.48 27.06
N ASP A 140 2.76 38.95 27.88
CA ASP A 140 4.19 39.18 27.73
C ASP A 140 4.80 38.53 26.48
N PRO A 141 5.94 39.05 26.00
CA PRO A 141 6.67 38.42 24.89
C PRO A 141 7.26 37.07 25.32
N PRO A 142 7.06 36.03 24.52
CA PRO A 142 7.53 34.69 24.84
C PRO A 142 9.04 34.64 25.04
N PHE A 143 9.48 33.89 26.05
CA PHE A 143 10.90 33.61 26.27
C PHE A 143 11.21 32.18 25.80
N GLN A 144 12.00 32.06 24.74
CA GLN A 144 12.35 30.76 24.18
C GLN A 144 13.29 29.96 25.10
N ILE A 145 12.94 28.70 25.33
CA ILE A 145 13.73 27.83 26.21
C ILE A 145 14.74 27.01 25.40
N THR A 146 14.22 26.21 24.49
CA THR A 146 15.04 25.38 23.60
C THR A 146 15.12 26.03 22.22
N PHE A 147 16.08 25.58 21.43
CA PHE A 147 16.35 26.20 20.13
C PHE A 147 16.62 25.14 19.07
N ASN A 148 16.90 23.91 19.51
CA ASN A 148 17.32 22.87 18.58
C ASN A 148 16.15 22.10 17.96
N GLY A 149 14.95 22.69 18.04
CA GLY A 149 13.75 22.07 17.53
C GLY A 149 13.67 22.05 16.01
N ARG A 150 13.48 20.85 15.47
CA ARG A 150 13.36 20.63 14.03
C ARG A 150 12.22 19.65 13.79
N GLU A 151 11.23 20.07 13.00
CA GLU A 151 10.15 19.18 12.59
C GLU A 151 10.69 17.75 12.40
N ASN A 152 9.98 16.77 12.96
CA ASN A 152 10.29 15.36 12.75
C ASN A 152 11.66 14.86 13.22
N LYS A 153 12.42 15.71 13.92
CA LYS A 153 13.79 15.35 14.29
C LYS A 153 14.15 15.59 15.78
N ILE A 154 13.97 16.82 16.23
CA ILE A 154 14.17 17.10 17.66
C ILE A 154 12.88 17.61 18.29
N PHE A 155 12.51 16.97 19.42
CA PHE A 155 11.27 17.27 20.11
C PHE A 155 11.54 17.76 21.53
N ASN A 156 11.22 19.02 21.81
CA ASN A 156 11.34 19.54 23.16
C ASN A 156 9.97 19.76 23.80
N GLY A 157 9.77 19.16 24.97
CA GLY A 157 8.57 19.38 25.76
C GLY A 157 7.35 18.61 25.27
N ILE A 158 7.55 17.90 24.15
CA ILE A 158 6.57 16.96 23.61
C ILE A 158 7.34 15.70 23.19
N PRO A 159 6.63 14.60 22.94
CA PRO A 159 7.29 13.34 22.56
C PRO A 159 7.48 13.14 21.06
N ASP A 160 8.41 12.23 20.74
CA ASP A 160 8.50 11.66 19.41
C ASP A 160 7.45 10.55 19.31
N TRP A 161 7.32 9.93 18.14
CA TRP A 161 6.27 8.96 17.91
C TRP A 161 6.23 7.86 18.97
N VAL A 162 7.39 7.26 19.23
CA VAL A 162 7.45 6.09 20.10
C VAL A 162 7.23 6.42 21.58
N TYR A 163 7.67 7.62 21.99
CA TYR A 163 7.49 8.02 23.38
C TYR A 163 6.02 8.32 23.66
N GLU A 164 5.32 8.82 22.65
CA GLU A 164 3.90 9.11 22.77
C GLU A 164 3.05 7.85 22.86
N GLU A 165 3.18 6.96 21.88
CA GLU A 165 2.32 5.78 21.82
C GLU A 165 2.72 4.76 22.87
N GLU A 166 4.02 4.58 23.03
CA GLU A 166 4.53 3.41 23.73
C GLU A 166 5.13 3.63 25.12
N MET A 167 5.38 4.88 25.51
CA MET A 167 6.03 5.15 26.79
C MET A 167 5.21 6.07 27.70
N LEU A 168 5.01 7.31 27.25
CA LEU A 168 4.39 8.34 28.07
C LEU A 168 2.89 8.35 27.93
N ALA A 169 2.40 7.80 26.81
CA ALA A 169 0.98 7.84 26.45
C ALA A 169 0.35 9.20 26.71
N THR A 170 0.95 10.24 26.14
CA THR A 170 0.46 11.60 26.33
C THR A 170 1.01 12.54 25.27
N LYS A 171 0.20 13.55 24.93
CA LYS A 171 0.59 14.53 23.94
C LYS A 171 1.77 15.41 24.40
N TYR A 172 2.08 15.37 25.70
CA TYR A 172 3.08 16.28 26.29
C TYR A 172 4.28 15.59 26.95
N ALA A 173 5.36 16.36 27.09
CA ALA A 173 6.56 15.90 27.79
C ALA A 173 7.24 17.10 28.46
N LEU A 174 6.42 17.99 29.00
CA LEU A 174 6.88 19.04 29.88
C LEU A 174 6.02 18.99 31.16
N TRP A 175 6.63 19.38 32.27
CA TRP A 175 5.97 19.36 33.57
C TRP A 175 6.43 20.55 34.38
N TRP A 176 5.46 21.25 34.95
CA TRP A 176 5.77 22.30 35.92
C TRP A 176 5.99 21.70 37.29
N SER A 177 6.92 22.30 38.03
CA SER A 177 7.07 22.04 39.46
C SER A 177 5.82 22.56 40.19
N PRO A 178 5.42 21.92 41.30
CA PRO A 178 4.07 22.09 41.88
C PRO A 178 3.66 23.54 42.13
N ASN A 179 4.64 24.42 42.39
CA ASN A 179 4.38 25.84 42.57
C ASN A 179 4.78 26.68 41.37
N GLY A 180 5.44 26.04 40.40
CA GLY A 180 5.78 26.70 39.15
C GLY A 180 7.06 27.53 39.19
N LYS A 181 7.91 27.26 40.17
CA LYS A 181 9.21 27.93 40.26
C LYS A 181 10.16 27.37 39.21
N PHE A 182 9.89 26.14 38.78
CA PHE A 182 10.77 25.45 37.83
C PHE A 182 9.98 24.88 36.66
N LEU A 183 10.69 24.47 35.63
CA LEU A 183 10.07 23.78 34.50
C LEU A 183 10.94 22.63 33.99
N ALA A 184 10.36 21.44 33.95
CA ALA A 184 11.08 20.26 33.47
C ALA A 184 10.56 19.84 32.12
N TYR A 185 11.49 19.49 31.23
CA TYR A 185 11.10 19.06 29.90
C TYR A 185 12.02 17.98 29.38
N ALA A 186 11.59 17.33 28.29
CA ALA A 186 12.35 16.26 27.68
C ALA A 186 12.88 16.71 26.34
N GLU A 187 14.11 16.31 26.02
CA GLU A 187 14.63 16.44 24.68
C GLU A 187 14.66 15.05 24.05
N PHE A 188 13.94 14.90 22.95
CA PHE A 188 13.93 13.64 22.23
C PHE A 188 14.62 13.87 20.92
N ASN A 189 15.69 13.10 20.69
CA ASN A 189 16.52 13.23 19.50
C ASN A 189 16.29 12.02 18.62
N ASP A 190 15.58 12.22 17.52
CA ASP A 190 15.22 11.14 16.63
C ASP A 190 16.22 10.93 15.50
N THR A 191 17.12 11.90 15.33
CA THR A 191 17.97 12.03 14.13
C THR A 191 18.40 10.73 13.45
N ASP A 192 19.00 9.81 14.18
CA ASP A 192 19.57 8.63 13.54
C ASP A 192 18.64 7.41 13.43
N ILE A 193 17.39 7.57 13.87
CA ILE A 193 16.41 6.49 13.86
C ILE A 193 15.81 6.34 12.46
N PRO A 194 15.78 5.12 11.94
CA PRO A 194 15.18 4.85 10.63
C PRO A 194 13.77 5.40 10.57
N VAL A 195 13.42 6.09 9.50
CA VAL A 195 12.03 6.46 9.27
C VAL A 195 11.25 5.27 8.74
N ILE A 196 9.97 5.20 9.06
CA ILE A 196 9.06 4.32 8.34
C ILE A 196 8.34 5.15 7.30
N ALA A 197 8.19 4.61 6.09
CA ALA A 197 7.55 5.34 5.03
C ALA A 197 6.35 4.62 4.41
N TYR A 198 5.25 5.36 4.30
CA TYR A 198 4.07 4.86 3.63
C TYR A 198 3.50 5.95 2.77
N SER A 199 2.63 5.57 1.83
CA SER A 199 1.97 6.51 0.92
C SER A 199 0.75 7.06 1.59
N TYR A 200 0.38 8.27 1.20
CA TYR A 200 -0.87 8.85 1.58
C TYR A 200 -1.47 9.40 0.31
N TYR A 201 -2.58 8.83 -0.11
CA TYR A 201 -3.06 9.08 -1.46
C TYR A 201 -3.81 10.39 -1.61
N GLY A 202 -4.49 10.81 -0.55
CA GLY A 202 -5.09 12.12 -0.48
C GLY A 202 -6.06 12.41 -1.62
N ASP A 203 -5.92 13.60 -2.18
CA ASP A 203 -6.85 14.09 -3.17
C ASP A 203 -6.11 14.90 -4.25
N GLU A 204 -4.79 14.90 -4.16
CA GLU A 204 -3.97 15.57 -5.15
C GLU A 204 -3.67 14.60 -6.30
N GLN A 205 -3.14 15.10 -7.41
CA GLN A 205 -2.83 14.21 -8.53
C GLN A 205 -1.81 13.11 -8.18
N TYR A 206 -0.81 13.44 -7.37
CA TYR A 206 0.22 12.50 -6.96
C TYR A 206 0.07 12.27 -5.49
N PRO A 207 0.15 11.03 -5.03
CA PRO A 207 0.14 10.78 -3.59
C PRO A 207 1.38 11.40 -3.00
N ARG A 208 1.36 11.69 -1.72
CA ARG A 208 2.55 12.12 -1.03
C ARG A 208 3.04 11.03 -0.08
N THR A 209 4.29 11.19 0.36
CA THR A 209 5.00 10.23 1.19
C THR A 209 5.03 10.75 2.63
N ILE A 210 4.66 9.88 3.56
CA ILE A 210 4.71 10.20 4.97
C ILE A 210 5.92 9.51 5.59
N ASN A 211 6.75 10.26 6.30
CA ASN A 211 7.84 9.63 7.05
C ASN A 211 7.69 9.84 8.55
N ILE A 212 7.94 8.80 9.33
CA ILE A 212 7.95 8.93 10.80
C ILE A 212 9.18 8.22 11.33
N PRO A 213 10.04 8.92 12.07
CA PRO A 213 11.12 8.26 12.82
C PRO A 213 10.48 7.25 13.75
N TYR A 214 10.72 5.98 13.49
CA TYR A 214 9.98 4.91 14.15
C TYR A 214 10.93 3.76 14.36
N PRO A 215 11.35 3.53 15.59
CA PRO A 215 12.32 2.45 15.87
C PRO A 215 11.63 1.11 15.97
N LYS A 216 11.85 0.23 14.99
CA LYS A 216 11.37 -1.14 15.08
C LYS A 216 12.33 -1.98 15.92
N ALA A 217 11.97 -3.24 16.19
CA ALA A 217 12.69 -4.08 17.17
C ALA A 217 14.19 -4.07 16.97
N GLY A 218 14.90 -3.70 18.02
CA GLY A 218 16.34 -3.70 18.00
C GLY A 218 16.99 -2.57 17.22
N ALA A 219 16.20 -1.66 16.67
CA ALA A 219 16.79 -0.57 15.86
C ALA A 219 17.41 0.51 16.76
N LYS A 220 17.85 1.61 16.16
CA LYS A 220 18.36 2.73 16.94
C LYS A 220 17.20 3.43 17.63
N ASN A 221 17.28 3.51 18.96
CA ASN A 221 16.30 4.20 19.80
C ASN A 221 16.52 5.72 19.82
N PRO A 222 15.54 6.50 20.30
CA PRO A 222 15.76 7.93 20.51
C PRO A 222 16.64 8.07 21.72
N VAL A 223 17.49 9.10 21.73
CA VAL A 223 18.25 9.44 22.94
C VAL A 223 17.47 10.53 23.68
N VAL A 224 17.37 10.38 24.99
CA VAL A 224 16.63 11.34 25.79
C VAL A 224 17.56 12.17 26.68
N ARG A 225 17.18 13.43 26.85
CA ARG A 225 17.81 14.32 27.80
C ARG A 225 16.68 15.02 28.53
N ILE A 226 16.74 15.06 29.86
CA ILE A 226 15.76 15.83 30.61
C ILE A 226 16.43 17.00 31.30
N PHE A 227 15.82 18.18 31.13
CA PHE A 227 16.35 19.42 31.66
C PHE A 227 15.35 20.05 32.60
N ILE A 228 15.85 20.91 33.47
CA ILE A 228 15.03 21.70 34.39
C ILE A 228 15.47 23.17 34.33
N ILE A 229 14.49 24.07 34.24
CA ILE A 229 14.75 25.50 34.10
C ILE A 229 13.96 26.34 35.11
N ASP A 230 14.66 27.28 35.76
CA ASP A 230 14.05 28.28 36.63
C ASP A 230 13.07 29.15 35.84
N THR A 231 11.82 29.16 36.28
CA THR A 231 10.76 29.88 35.58
C THR A 231 10.85 31.37 35.79
N THR A 232 11.13 31.79 37.03
CA THR A 232 11.18 33.20 37.37
C THR A 232 12.32 33.91 36.64
N TYR A 233 13.55 33.42 36.83
CA TYR A 233 14.76 34.00 36.25
C TYR A 233 15.44 32.99 35.31
N PRO A 234 14.87 32.75 34.12
CA PRO A 234 15.45 31.78 33.19
C PRO A 234 16.67 32.37 32.48
N ALA A 235 16.76 33.70 32.46
CA ALA A 235 17.91 34.41 31.93
C ALA A 235 19.14 34.08 32.77
N TYR A 236 18.95 33.89 34.08
CA TYR A 236 20.05 33.75 35.04
C TYR A 236 21.02 32.59 34.78
N VAL A 237 20.53 31.35 34.89
CA VAL A 237 21.42 30.19 34.89
C VAL A 237 21.25 29.31 33.65
N GLY A 238 20.07 29.35 33.05
CA GLY A 238 19.77 28.53 31.89
C GLY A 238 19.40 27.10 32.26
N PRO A 239 18.95 26.33 31.25
CA PRO A 239 18.44 24.96 31.46
C PRO A 239 19.51 23.99 31.96
N GLN A 240 19.14 23.15 32.92
CA GLN A 240 20.10 22.23 33.55
C GLN A 240 19.68 20.76 33.41
N GLU A 241 20.57 19.97 32.83
CA GLU A 241 20.34 18.54 32.64
C GLU A 241 20.40 17.83 33.98
N VAL A 242 19.31 17.16 34.34
CA VAL A 242 19.30 16.34 35.54
C VAL A 242 20.13 15.08 35.29
N PRO A 243 21.09 14.81 36.17
CA PRO A 243 21.96 13.63 36.08
C PRO A 243 21.25 12.32 35.74
N VAL A 244 21.94 11.50 34.96
CA VAL A 244 21.50 10.14 34.63
C VAL A 244 22.25 9.15 35.53
N PRO A 245 21.51 8.29 36.25
CA PRO A 245 22.10 7.32 37.18
C PRO A 245 23.09 6.39 36.48
N ALA A 246 24.22 6.13 37.12
CA ALA A 246 25.34 5.38 36.54
C ALA A 246 24.96 4.08 35.84
N MET A 247 24.13 3.25 36.47
CA MET A 247 23.75 1.95 35.90
C MET A 247 22.85 2.12 34.68
N ILE A 248 22.09 3.21 34.66
CA ILE A 248 21.22 3.52 33.55
C ILE A 248 22.04 3.92 32.31
N ALA A 249 22.98 4.83 32.50
CA ALA A 249 23.84 5.33 31.42
C ALA A 249 24.73 4.26 30.79
N SER A 250 24.92 3.14 31.50
CA SER A 250 25.83 2.07 31.05
C SER A 250 25.53 1.59 29.63
N SER A 251 24.24 1.44 29.30
CA SER A 251 23.84 1.19 27.92
C SER A 251 22.57 1.96 27.56
N ASP A 252 21.88 1.53 26.51
CA ASP A 252 20.66 2.17 26.04
C ASP A 252 19.58 2.30 27.12
N TYR A 253 18.87 3.43 27.12
CA TYR A 253 17.86 3.69 28.14
C TYR A 253 16.71 4.61 27.73
N TYR A 254 15.52 4.31 28.26
CA TYR A 254 14.38 5.20 28.12
C TYR A 254 14.09 5.97 29.41
N PHE A 255 13.43 7.10 29.24
CA PHE A 255 12.89 7.88 30.33
C PHE A 255 11.44 7.41 30.49
N SER A 256 11.15 6.79 31.64
CA SER A 256 9.89 6.11 31.90
C SER A 256 8.76 7.08 32.29
N TRP A 257 9.06 8.02 33.18
CA TRP A 257 8.12 9.03 33.68
C TRP A 257 8.80 9.92 34.72
N LEU A 258 8.23 11.11 34.91
CA LEU A 258 8.74 12.08 35.88
C LEU A 258 7.57 12.55 36.73
N THR A 259 7.80 12.61 38.04
CA THR A 259 6.84 13.19 38.98
C THR A 259 7.51 14.21 39.90
N TRP A 260 6.79 15.29 40.21
CA TRP A 260 7.26 16.32 41.13
C TRP A 260 6.70 16.09 42.53
N VAL A 261 7.58 15.95 43.51
CA VAL A 261 7.14 15.79 44.88
C VAL A 261 7.01 17.17 45.54
N THR A 262 8.08 17.97 45.48
CA THR A 262 8.00 19.39 45.88
C THR A 262 8.67 20.26 44.83
N ASP A 263 8.89 21.53 45.17
CA ASP A 263 9.48 22.50 44.27
C ASP A 263 11.00 22.38 44.22
N GLU A 264 11.58 21.71 45.20
CA GLU A 264 13.02 21.45 45.22
C GLU A 264 13.35 19.97 45.16
N ARG A 265 12.31 19.13 45.07
CA ARG A 265 12.46 17.69 44.97
C ARG A 265 11.72 17.17 43.74
N VAL A 266 12.36 16.28 43.00
CA VAL A 266 11.76 15.73 41.79
C VAL A 266 12.12 14.25 41.59
N CYS A 267 11.17 13.47 41.13
CA CYS A 267 11.39 12.06 40.86
C CYS A 267 11.48 11.81 39.37
N LEU A 268 12.49 11.03 38.98
CA LEU A 268 12.66 10.60 37.61
C LEU A 268 12.75 9.08 37.57
N GLN A 269 12.15 8.47 36.56
CA GLN A 269 12.18 7.04 36.41
C GLN A 269 12.82 6.65 35.11
N TRP A 270 13.77 5.72 35.17
CA TRP A 270 14.52 5.28 34.01
C TRP A 270 14.29 3.80 33.76
N LEU A 271 14.39 3.41 32.49
CA LEU A 271 14.28 2.02 32.12
C LEU A 271 15.46 1.63 31.27
N LYS A 272 16.30 0.72 31.80
CA LYS A 272 17.32 0.08 31.00
C LYS A 272 16.65 -0.52 29.75
N ARG A 273 17.27 -0.34 28.59
CA ARG A 273 16.67 -0.81 27.34
C ARG A 273 16.24 -2.26 27.41
N VAL A 274 17.10 -3.10 27.99
CA VAL A 274 16.70 -4.43 28.40
C VAL A 274 15.78 -4.17 29.60
N GLN A 275 14.48 -4.29 29.40
CA GLN A 275 13.51 -3.73 30.33
C GLN A 275 13.19 -4.56 31.57
N ASN A 276 14.16 -5.37 32.01
CA ASN A 276 14.00 -6.15 33.25
C ASN A 276 14.40 -5.37 34.49
N VAL A 277 15.00 -4.19 34.30
CA VAL A 277 15.38 -3.34 35.42
C VAL A 277 15.04 -1.87 35.16
N SER A 278 14.49 -1.23 36.19
CA SER A 278 14.18 0.19 36.15
C SER A 278 14.71 0.87 37.41
N VAL A 279 15.07 2.14 37.30
CA VAL A 279 15.66 2.88 38.40
C VAL A 279 14.89 4.16 38.75
N LEU A 280 14.24 4.14 39.91
CA LEU A 280 13.59 5.35 40.41
C LEU A 280 14.65 6.25 41.03
N SER A 281 14.75 7.48 40.54
CA SER A 281 15.74 8.44 41.04
C SER A 281 15.10 9.71 41.60
N ILE A 282 15.54 10.11 42.81
CA ILE A 282 15.08 11.37 43.40
C ILE A 282 16.19 12.42 43.44
N CYS A 283 15.84 13.64 43.04
CA CYS A 283 16.79 14.73 42.86
C CYS A 283 16.42 16.00 43.61
N ASP A 284 17.43 16.59 44.23
CA ASP A 284 17.27 17.82 44.97
C ASP A 284 17.98 18.98 44.27
N PHE A 285 17.30 20.11 44.23
CA PHE A 285 17.91 21.36 43.81
C PHE A 285 18.89 21.81 44.90
N ARG A 286 20.19 21.80 44.59
CA ARG A 286 21.17 22.38 45.50
C ARG A 286 21.28 23.88 45.23
N GLU A 287 21.17 24.66 46.31
CA GLU A 287 21.07 26.11 46.22
C GLU A 287 22.38 26.76 45.77
N ASP A 288 23.50 26.20 46.22
CA ASP A 288 24.82 26.77 45.97
C ASP A 288 25.19 26.82 44.49
N TRP A 289 25.26 25.66 43.85
CA TRP A 289 25.67 25.59 42.44
C TRP A 289 24.50 25.65 41.46
N GLN A 290 23.32 26.04 41.97
CA GLN A 290 22.10 26.29 41.18
C GLN A 290 21.69 25.20 40.18
N THR A 291 22.17 23.97 40.40
CA THR A 291 21.81 22.83 39.56
C THR A 291 21.08 21.75 40.36
N TRP A 292 20.87 20.60 39.73
CA TRP A 292 20.14 19.50 40.35
C TRP A 292 21.05 18.31 40.70
N ASP A 293 20.77 17.68 41.84
CA ASP A 293 21.62 16.62 42.35
C ASP A 293 20.80 15.41 42.75
N CYS A 294 21.20 14.25 42.28
CA CYS A 294 20.49 13.00 42.54
C CYS A 294 21.40 12.02 43.28
N PRO A 295 21.30 12.00 44.61
CA PRO A 295 22.15 11.12 45.43
C PRO A 295 21.92 9.65 45.09
N LYS A 296 23.00 8.90 44.85
CA LYS A 296 22.88 7.48 44.51
C LYS A 296 22.41 6.65 45.70
N THR A 297 22.30 7.30 46.86
CA THR A 297 21.62 6.72 48.03
C THR A 297 20.10 6.79 47.84
N GLN A 298 19.67 7.68 46.94
CA GLN A 298 18.26 7.88 46.60
C GLN A 298 17.87 7.27 45.25
N GLU A 299 18.65 6.27 44.81
CA GLU A 299 18.34 5.46 43.63
C GLU A 299 17.69 4.16 44.08
N HIS A 300 16.48 3.92 43.62
CA HIS A 300 15.70 2.76 44.07
C HIS A 300 15.44 1.79 42.93
N ILE A 301 16.20 0.69 42.91
CA ILE A 301 16.12 -0.30 41.85
C ILE A 301 14.84 -1.15 41.94
N GLU A 302 14.11 -1.20 40.84
CA GLU A 302 13.05 -2.20 40.69
C GLU A 302 13.43 -3.05 39.50
N GLU A 303 13.67 -4.34 39.75
CA GLU A 303 14.00 -5.29 38.69
C GLU A 303 13.07 -6.50 38.71
N SER A 304 13.05 -7.23 37.59
CA SER A 304 12.30 -8.48 37.50
C SER A 304 13.23 -9.61 37.12
N ARG A 305 13.17 -10.70 37.87
CA ARG A 305 14.02 -11.86 37.59
C ARG A 305 13.33 -12.82 36.62
N THR A 306 12.04 -12.58 36.38
CA THR A 306 11.21 -13.49 35.58
C THR A 306 10.64 -12.85 34.33
N GLY A 307 10.33 -11.55 34.40
CA GLY A 307 9.75 -10.85 33.26
C GLY A 307 10.25 -9.44 33.02
N TRP A 308 9.32 -8.55 32.71
CA TRP A 308 9.61 -7.13 32.46
C TRP A 308 9.31 -6.29 33.69
N ALA A 309 10.16 -5.29 33.94
CA ALA A 309 9.97 -4.37 35.06
C ALA A 309 8.67 -3.59 34.96
N GLY A 310 7.74 -3.88 35.87
CA GLY A 310 6.51 -3.13 35.98
C GLY A 310 5.30 -3.85 35.46
N GLY A 311 4.26 -3.10 35.11
CA GLY A 311 3.04 -3.62 34.53
C GLY A 311 3.08 -3.53 33.02
N PHE A 312 2.04 -2.94 32.41
CA PHE A 312 2.15 -2.55 31.01
C PHE A 312 3.23 -1.48 30.95
N PHE A 313 3.06 -0.46 31.78
CA PHE A 313 4.05 0.59 31.99
C PHE A 313 4.70 0.34 33.35
N VAL A 314 5.87 0.96 33.57
CA VAL A 314 6.42 1.07 34.91
C VAL A 314 5.41 1.90 35.70
N SER A 315 5.22 1.53 36.97
CA SER A 315 4.24 2.21 37.83
C SER A 315 4.89 3.42 38.50
N THR A 316 4.15 4.51 38.58
CA THR A 316 4.69 5.73 39.17
C THR A 316 4.58 5.75 40.70
N PRO A 317 5.41 6.57 41.36
CA PRO A 317 5.35 6.69 42.82
C PRO A 317 4.34 7.74 43.27
N VAL A 318 3.64 7.45 44.36
CA VAL A 318 2.85 8.47 45.04
C VAL A 318 3.46 8.74 46.42
N PHE A 319 3.93 9.98 46.59
CA PHE A 319 4.66 10.39 47.78
C PHE A 319 3.76 10.79 48.95
N SER A 320 4.07 10.25 50.13
CA SER A 320 3.36 10.64 51.37
C SER A 320 3.60 12.11 51.70
N TYR A 321 2.85 12.64 52.67
CA TYR A 321 2.84 14.07 52.94
C TYR A 321 4.19 14.66 53.36
N ASP A 322 5.07 13.82 53.90
CA ASP A 322 6.39 14.25 54.35
C ASP A 322 7.36 14.49 53.18
N ALA A 323 6.87 14.23 51.97
CA ALA A 323 7.59 14.46 50.71
C ALA A 323 8.98 13.78 50.60
N ILE A 324 9.15 12.66 51.30
CA ILE A 324 10.34 11.83 51.11
C ILE A 324 10.00 10.39 50.70
N SER A 325 9.23 9.71 51.57
CA SER A 325 8.83 8.33 51.35
C SER A 325 7.62 8.28 50.43
N TYR A 326 7.41 7.15 49.77
CA TYR A 326 6.34 7.01 48.79
C TYR A 326 5.68 5.62 48.81
N TYR A 327 4.48 5.55 48.21
CA TYR A 327 3.75 4.30 48.03
C TYR A 327 3.75 3.91 46.54
N LYS A 328 4.23 2.70 46.26
CA LYS A 328 4.37 2.23 44.88
C LYS A 328 3.91 0.78 44.70
N ILE A 329 3.03 0.57 43.73
CA ILE A 329 2.61 -0.77 43.35
C ILE A 329 3.72 -1.51 42.61
N PHE A 330 4.07 -2.70 43.11
CA PHE A 330 4.94 -3.61 42.37
C PHE A 330 4.83 -5.05 42.86
N SER A 331 5.57 -5.94 42.21
CA SER A 331 5.54 -7.37 42.51
C SER A 331 6.06 -7.61 43.93
N ASP A 332 5.19 -8.14 44.78
CA ASP A 332 5.58 -8.58 46.12
C ASP A 332 6.51 -9.79 46.00
N LYS A 333 6.74 -10.48 47.11
CA LYS A 333 7.61 -11.65 47.08
C LYS A 333 6.97 -12.87 46.41
N ASP A 334 5.63 -12.94 46.44
CA ASP A 334 4.90 -14.10 45.89
C ASP A 334 4.52 -13.92 44.43
N GLY A 335 4.81 -12.75 43.86
CA GLY A 335 4.53 -12.48 42.47
C GLY A 335 3.30 -11.65 42.18
N TYR A 336 2.54 -11.28 43.21
CA TYR A 336 1.35 -10.45 43.02
C TYR A 336 1.68 -9.01 43.26
N LYS A 337 1.31 -8.14 42.32
CA LYS A 337 1.61 -6.71 42.42
C LYS A 337 0.73 -6.05 43.45
N HIS A 338 1.36 -5.48 44.48
CA HIS A 338 0.67 -4.84 45.60
C HIS A 338 1.36 -3.54 46.03
N ILE A 339 0.71 -2.77 46.91
CA ILE A 339 1.27 -1.49 47.35
C ILE A 339 2.39 -1.70 48.35
N HIS A 340 3.49 -1.00 48.16
CA HIS A 340 4.55 -1.02 49.13
C HIS A 340 4.81 0.42 49.56
N TYR A 341 5.25 0.58 50.81
CA TYR A 341 5.69 1.86 51.31
C TYR A 341 7.20 1.82 51.39
N ILE A 342 7.86 2.51 50.47
CA ILE A 342 9.31 2.63 50.51
C ILE A 342 9.68 3.86 51.34
N LYS A 343 10.29 3.63 52.51
CA LYS A 343 10.65 4.70 53.42
C LYS A 343 12.06 5.24 53.13
N ASP A 344 12.99 4.34 52.80
CA ASP A 344 14.37 4.73 52.53
C ASP A 344 15.14 3.79 51.60
N THR A 345 14.84 2.49 51.67
CA THR A 345 15.45 1.52 50.74
C THR A 345 14.45 0.51 50.16
N VAL A 346 14.87 -0.14 49.07
CA VAL A 346 14.05 -1.13 48.37
C VAL A 346 13.82 -2.36 49.26
N GLU A 347 14.92 -2.88 49.82
CA GLU A 347 14.87 -4.03 50.72
C GLU A 347 14.18 -3.66 52.02
N ASN A 348 14.27 -2.38 52.39
CA ASN A 348 13.65 -1.85 53.60
C ASN A 348 12.18 -1.45 53.40
N ALA A 349 11.62 -1.78 52.23
CA ALA A 349 10.21 -1.53 51.93
C ALA A 349 9.26 -2.36 52.82
N ILE A 350 8.10 -1.79 53.12
CA ILE A 350 7.05 -2.51 53.84
C ILE A 350 5.83 -2.70 52.93
N GLN A 351 5.36 -3.95 52.83
CA GLN A 351 4.21 -4.32 52.01
C GLN A 351 2.91 -3.90 52.68
N ILE A 352 2.04 -3.26 51.91
CA ILE A 352 0.84 -2.62 52.44
C ILE A 352 -0.44 -3.38 52.09
N THR A 353 -0.55 -3.83 50.84
CA THR A 353 -1.62 -4.77 50.46
C THR A 353 -0.99 -6.13 50.17
N SER A 354 -1.77 -7.20 50.27
CA SER A 354 -1.28 -8.56 50.05
C SER A 354 -2.38 -9.53 49.64
N GLY A 355 -2.00 -10.73 49.21
CA GLY A 355 -2.95 -11.79 48.88
C GLY A 355 -2.96 -12.18 47.42
N LYS A 356 -3.96 -12.97 47.02
CA LYS A 356 -4.11 -13.47 45.65
C LYS A 356 -4.99 -12.57 44.76
N TRP A 357 -4.47 -11.38 44.46
CA TRP A 357 -5.15 -10.37 43.66
C TRP A 357 -4.18 -9.22 43.46
N GLU A 358 -4.62 -8.14 42.83
CA GLU A 358 -3.71 -7.04 42.58
C GLU A 358 -4.27 -5.67 42.94
N ALA A 359 -3.41 -4.86 43.55
CA ALA A 359 -3.65 -3.44 43.68
C ALA A 359 -3.36 -2.87 42.31
N ILE A 360 -4.39 -2.38 41.63
CA ILE A 360 -4.21 -1.91 40.26
C ILE A 360 -3.66 -0.49 40.20
N ASN A 361 -4.23 0.43 40.95
CA ASN A 361 -3.83 1.84 40.87
C ASN A 361 -3.92 2.63 42.18
N ILE A 362 -2.86 3.37 42.52
CA ILE A 362 -2.93 4.30 43.65
C ILE A 362 -3.44 5.64 43.13
N PHE A 363 -4.58 6.09 43.65
CA PHE A 363 -5.23 7.33 43.21
C PHE A 363 -4.87 8.53 44.06
N ARG A 364 -4.72 8.32 45.37
CA ARG A 364 -4.45 9.42 46.29
C ARG A 364 -3.78 9.01 47.59
N VAL A 365 -2.75 9.75 47.97
CA VAL A 365 -2.13 9.61 49.29
C VAL A 365 -2.30 10.92 50.06
N THR A 366 -3.04 10.85 51.15
CA THR A 366 -3.32 12.00 52.02
C THR A 366 -2.43 11.98 53.26
N GLN A 367 -2.74 12.85 54.22
CA GLN A 367 -2.11 12.82 55.52
C GLN A 367 -2.40 11.50 56.21
N ASP A 368 -3.63 11.01 56.04
CA ASP A 368 -4.09 9.85 56.80
C ASP A 368 -4.86 8.81 55.99
N SER A 369 -4.84 8.94 54.67
CA SER A 369 -5.65 8.07 53.82
C SER A 369 -4.94 7.66 52.54
N LEU A 370 -5.17 6.43 52.10
CA LEU A 370 -4.72 5.98 50.77
C LEU A 370 -5.87 5.35 50.00
N PHE A 371 -6.03 5.79 48.75
CA PHE A 371 -7.06 5.27 47.87
C PHE A 371 -6.45 4.46 46.74
N TYR A 372 -6.89 3.22 46.63
CA TYR A 372 -6.42 2.35 45.57
C TYR A 372 -7.53 1.51 44.96
N SER A 373 -7.33 1.14 43.69
CA SER A 373 -8.25 0.29 42.93
C SER A 373 -7.74 -1.14 43.00
N SER A 374 -8.65 -2.11 42.94
CA SER A 374 -8.23 -3.49 43.15
C SER A 374 -9.10 -4.62 42.56
N ASN A 375 -8.43 -5.77 42.48
CA ASN A 375 -8.85 -7.03 41.88
C ASN A 375 -9.53 -7.94 42.92
N GLU A 376 -9.68 -7.40 44.13
CA GLU A 376 -9.93 -8.20 45.33
C GLU A 376 -11.37 -8.72 45.54
N PHE A 377 -12.35 -7.85 45.45
CA PHE A 377 -13.74 -8.23 45.73
C PHE A 377 -14.10 -9.58 45.12
N GLU A 378 -14.42 -10.55 45.99
CA GLU A 378 -14.89 -11.88 45.58
C GLU A 378 -14.04 -12.60 44.51
N GLU A 379 -12.72 -12.40 44.57
CA GLU A 379 -11.76 -13.07 43.68
C GLU A 379 -12.08 -12.94 42.18
N TYR A 380 -12.56 -11.76 41.77
CA TYR A 380 -12.93 -11.50 40.39
C TYR A 380 -11.94 -10.54 39.73
N PRO A 381 -11.07 -11.07 38.89
CA PRO A 381 -10.00 -10.27 38.31
C PRO A 381 -10.56 -9.23 37.36
N GLY A 382 -11.78 -9.46 36.90
CA GLY A 382 -12.37 -8.67 35.83
C GLY A 382 -13.12 -7.44 36.26
N ARG A 383 -13.08 -7.12 37.55
CA ARG A 383 -13.77 -5.95 38.04
C ARG A 383 -12.89 -5.15 38.98
N ARG A 384 -13.15 -3.85 39.06
CA ARG A 384 -12.33 -2.98 39.89
C ARG A 384 -13.18 -2.17 40.86
N ASN A 385 -12.92 -2.36 42.16
CA ASN A 385 -13.55 -1.52 43.18
C ASN A 385 -12.55 -0.59 43.81
N ILE A 386 -13.04 0.42 44.53
CA ILE A 386 -12.14 1.37 45.17
C ILE A 386 -12.05 1.25 46.70
N TYR A 387 -10.82 1.17 47.15
CA TYR A 387 -10.50 0.80 48.52
C TYR A 387 -9.82 1.97 49.20
N ARG A 388 -10.18 2.17 50.47
CA ARG A 388 -9.59 3.22 51.28
C ARG A 388 -8.92 2.59 52.50
N ILE A 389 -7.62 2.81 52.63
CA ILE A 389 -6.89 2.36 53.81
C ILE A 389 -6.31 3.57 54.54
N SER A 390 -6.23 3.45 55.87
CA SER A 390 -5.64 4.49 56.71
C SER A 390 -4.12 4.48 56.61
N ILE A 391 -3.49 5.61 56.94
CA ILE A 391 -2.04 5.66 57.13
C ILE A 391 -1.65 6.57 58.30
N GLY A 392 -0.54 6.22 58.96
CA GLY A 392 0.06 7.06 59.98
C GLY A 392 -0.52 6.84 61.36
N SER A 393 -1.73 6.28 61.41
CA SER A 393 -2.37 5.91 62.68
C SER A 393 -2.21 4.42 62.84
N TYR A 394 -2.26 3.92 64.08
CA TYR A 394 -2.28 2.47 64.26
C TYR A 394 -3.65 1.92 63.84
N PRO A 395 -4.44 1.34 64.74
CA PRO A 395 -5.27 0.19 64.34
C PRO A 395 -5.70 0.33 62.86
N PRO A 396 -4.90 -0.19 61.91
CA PRO A 396 -5.14 0.08 60.50
C PRO A 396 -6.58 -0.25 60.11
N SER A 397 -7.07 0.44 59.08
CA SER A 397 -8.41 0.25 58.57
C SER A 397 -8.35 0.03 57.08
N LYS A 398 -9.22 -0.84 56.58
CA LYS A 398 -9.43 -1.04 55.15
C LYS A 398 -10.93 -0.95 54.91
N LYS A 399 -11.33 -0.05 54.03
CA LYS A 399 -12.73 0.04 53.64
C LYS A 399 -12.85 -0.04 52.12
N CYS A 400 -13.77 -0.88 51.65
CA CYS A 400 -14.15 -0.85 50.25
C CYS A 400 -15.34 0.10 50.05
N VAL A 401 -15.07 1.23 49.41
CA VAL A 401 -16.11 2.22 49.14
C VAL A 401 -17.20 1.65 48.24
N THR A 402 -16.81 0.98 47.17
CA THR A 402 -17.75 0.65 46.09
C THR A 402 -18.30 -0.78 46.05
N CYS A 403 -17.66 -1.72 46.76
CA CYS A 403 -18.06 -3.13 46.69
C CYS A 403 -19.56 -3.38 46.77
N HIS A 404 -20.24 -2.56 47.58
CA HIS A 404 -21.68 -2.68 47.79
C HIS A 404 -22.45 -1.39 47.49
N LEU A 405 -21.75 -0.39 46.94
CA LEU A 405 -22.40 0.87 46.57
C LEU A 405 -23.63 0.59 45.71
N ARG A 406 -23.40 -0.07 44.57
CA ARG A 406 -24.44 -0.78 43.81
C ARG A 406 -23.90 -2.16 43.37
N LYS A 407 -24.14 -3.17 44.21
CA LYS A 407 -23.53 -4.50 44.04
C LYS A 407 -23.72 -5.14 42.66
N GLU A 408 -24.94 -5.12 42.15
CA GLU A 408 -25.25 -5.83 40.90
C GLU A 408 -25.01 -5.01 39.63
N ARG A 409 -25.11 -3.69 39.73
CA ARG A 409 -25.02 -2.80 38.58
C ARG A 409 -23.60 -2.24 38.33
N CYS A 410 -22.81 -2.14 39.39
CA CYS A 410 -21.49 -1.52 39.34
C CYS A 410 -20.37 -2.33 39.98
N GLN A 411 -19.49 -2.86 39.15
CA GLN A 411 -18.34 -3.61 39.63
C GLN A 411 -17.04 -3.17 38.92
N TYR A 412 -17.09 -2.09 38.16
CA TYR A 412 -15.89 -1.59 37.51
C TYR A 412 -15.80 -0.08 37.67
N TYR A 413 -14.98 0.34 38.62
CA TYR A 413 -14.97 1.72 39.05
C TYR A 413 -13.64 2.40 38.77
N THR A 414 -13.69 3.71 38.55
CA THR A 414 -12.50 4.55 38.56
C THR A 414 -12.76 5.76 39.45
N ALA A 415 -11.73 6.58 39.69
CA ALA A 415 -11.91 7.74 40.58
C ALA A 415 -11.25 9.01 40.09
N SER A 416 -11.88 10.13 40.41
CA SER A 416 -11.31 11.44 40.13
C SER A 416 -11.39 12.30 41.38
N PHE A 417 -10.23 12.56 41.97
CA PHE A 417 -10.11 13.29 43.24
C PHE A 417 -9.82 14.76 43.05
N SER A 418 -10.62 15.62 43.70
CA SER A 418 -10.32 17.05 43.79
C SER A 418 -9.04 17.30 44.60
N ASP A 419 -8.59 18.54 44.62
CA ASP A 419 -7.38 18.92 45.34
C ASP A 419 -7.46 18.56 46.83
N TYR A 420 -6.34 18.08 47.36
CA TYR A 420 -6.22 17.59 48.73
C TYR A 420 -7.18 16.44 49.00
N ALA A 421 -7.70 15.82 47.94
CA ALA A 421 -8.73 14.78 48.03
C ALA A 421 -9.91 15.18 48.90
N LYS A 422 -10.32 16.44 48.76
CA LYS A 422 -11.43 16.99 49.53
C LYS A 422 -12.75 16.34 49.10
N TYR A 423 -12.89 16.09 47.80
CA TYR A 423 -14.07 15.42 47.25
C TYR A 423 -13.63 14.52 46.11
N TYR A 424 -14.27 13.37 45.94
CA TYR A 424 -13.97 12.54 44.77
C TYR A 424 -15.18 12.05 43.99
N ALA A 425 -14.98 11.87 42.69
CA ALA A 425 -16.01 11.34 41.80
C ALA A 425 -15.77 9.87 41.49
N LEU A 426 -16.84 9.10 41.51
CA LEU A 426 -16.78 7.69 41.20
C LEU A 426 -17.48 7.46 39.85
N VAL A 427 -16.75 6.84 38.92
CA VAL A 427 -17.32 6.43 37.63
C VAL A 427 -17.27 4.91 37.49
N CYS A 428 -18.45 4.32 37.35
CA CYS A 428 -18.60 2.89 37.19
C CYS A 428 -18.99 2.57 35.75
N TYR A 429 -18.39 1.53 35.18
CA TYR A 429 -18.48 1.29 33.74
C TYR A 429 -19.24 0.03 33.37
N GLY A 430 -19.72 -0.71 34.38
CA GLY A 430 -20.38 -2.00 34.18
C GLY A 430 -20.56 -2.80 35.46
N PRO A 431 -21.17 -3.99 35.38
CA PRO A 431 -21.67 -4.57 34.13
C PRO A 431 -22.92 -3.87 33.61
N GLY A 432 -23.72 -3.31 34.51
CA GLY A 432 -24.91 -2.56 34.12
C GLY A 432 -24.59 -1.21 33.51
N ILE A 433 -25.64 -0.42 33.24
CA ILE A 433 -25.49 0.91 32.65
C ILE A 433 -24.60 1.78 33.53
N PRO A 434 -23.54 2.34 32.95
CA PRO A 434 -22.65 3.23 33.71
C PRO A 434 -23.36 4.43 34.34
N ILE A 435 -22.77 4.87 35.45
CA ILE A 435 -23.30 5.92 36.30
C ILE A 435 -22.11 6.60 36.99
N SER A 436 -22.15 7.93 37.06
CA SER A 436 -21.09 8.71 37.72
C SER A 436 -21.69 9.47 38.92
N THR A 437 -20.95 9.48 40.03
CA THR A 437 -21.47 9.98 41.31
C THR A 437 -20.41 10.77 42.06
N LEU A 438 -20.87 11.70 42.91
CA LEU A 438 -19.99 12.54 43.73
C LEU A 438 -19.95 12.11 45.20
N HIS A 439 -18.76 12.17 45.79
CA HIS A 439 -18.51 11.60 47.13
C HIS A 439 -17.72 12.52 48.06
N ASP A 440 -17.90 12.32 49.37
CA ASP A 440 -17.29 13.20 50.38
C ASP A 440 -15.78 12.96 50.58
N GLY A 441 -15.38 11.76 50.96
CA GLY A 441 -13.96 11.45 50.99
C GLY A 441 -13.16 12.01 52.15
N ARG A 442 -13.88 12.41 53.19
CA ARG A 442 -13.37 12.40 54.54
C ARG A 442 -14.25 11.33 55.18
N THR A 443 -15.36 11.06 54.50
CA THR A 443 -16.47 10.25 54.98
C THR A 443 -16.92 9.24 53.91
N ASP A 444 -16.53 9.49 52.66
CA ASP A 444 -16.84 8.63 51.50
C ASP A 444 -18.31 8.65 51.06
N GLN A 445 -19.15 9.36 51.81
CA GLN A 445 -20.59 9.43 51.54
C GLN A 445 -20.91 10.00 50.16
N GLU A 446 -21.88 9.38 49.50
CA GLU A 446 -22.30 9.82 48.17
C GLU A 446 -23.22 11.02 48.30
N ILE A 447 -22.86 12.10 47.61
CA ILE A 447 -23.54 13.39 47.72
C ILE A 447 -24.61 13.56 46.65
N LYS A 448 -24.31 13.18 45.42
CA LYS A 448 -25.29 13.23 44.35
C LYS A 448 -24.82 12.44 43.13
N ILE A 449 -25.77 12.11 42.26
CA ILE A 449 -25.47 11.43 41.01
C ILE A 449 -25.20 12.47 39.93
N LEU A 450 -24.01 12.38 39.33
CA LEU A 450 -23.57 13.33 38.31
C LEU A 450 -24.01 12.93 36.89
N GLU A 451 -23.99 11.62 36.60
CA GLU A 451 -24.43 11.09 35.31
C GLU A 451 -25.07 9.72 35.45
N GLU A 452 -26.38 9.68 35.29
CA GLU A 452 -27.19 8.49 35.60
C GLU A 452 -27.40 7.61 34.38
N ASN A 453 -27.46 8.24 33.21
CA ASN A 453 -27.69 7.58 31.92
C ASN A 453 -29.10 7.04 31.70
N LYS A 454 -30.11 7.86 32.00
CA LYS A 454 -31.50 7.42 31.86
C LYS A 454 -31.97 7.35 30.40
N GLU A 455 -31.31 8.11 29.51
CA GLU A 455 -31.58 8.05 28.08
C GLU A 455 -31.28 6.63 27.57
N LEU A 456 -30.08 6.17 27.86
CA LEU A 456 -29.63 4.81 27.55
C LEU A 456 -30.46 3.74 28.28
N GLU A 457 -30.73 3.96 29.56
CA GLU A 457 -31.54 3.06 30.38
C GLU A 457 -32.90 2.77 29.76
N ASN A 458 -33.44 3.75 29.05
CA ASN A 458 -34.79 3.68 28.51
C ASN A 458 -34.80 3.21 27.07
N ALA A 459 -33.87 3.73 26.28
CA ALA A 459 -33.71 3.34 24.89
C ALA A 459 -33.46 1.83 24.76
N LEU A 460 -32.80 1.25 25.75
CA LEU A 460 -32.53 -0.19 25.77
C LEU A 460 -33.74 -1.05 26.17
N LYS A 461 -34.90 -0.41 26.36
CA LYS A 461 -36.10 -1.14 26.78
C LYS A 461 -36.75 -1.93 25.64
N ASN A 462 -36.72 -1.37 24.42
CA ASN A 462 -37.18 -2.08 23.22
C ASN A 462 -36.27 -3.25 22.88
N ILE A 463 -35.08 -3.26 23.46
CA ILE A 463 -33.97 -4.09 23.01
C ILE A 463 -33.73 -5.33 23.88
N GLN A 464 -33.78 -6.49 23.23
CA GLN A 464 -33.38 -7.76 23.83
C GLN A 464 -31.86 -7.92 23.66
N LEU A 465 -31.13 -7.52 24.69
CA LEU A 465 -29.68 -7.70 24.73
C LEU A 465 -29.34 -9.17 25.00
N PRO A 466 -28.10 -9.57 24.70
CA PRO A 466 -27.65 -10.93 24.98
C PRO A 466 -27.19 -11.13 26.43
N LYS A 467 -27.33 -12.35 26.95
CA LYS A 467 -26.89 -12.66 28.31
C LYS A 467 -25.36 -12.77 28.36
N GLU A 468 -24.75 -11.93 29.17
CA GLU A 468 -23.30 -11.94 29.37
C GLU A 468 -23.03 -12.73 30.64
N GLU A 469 -21.84 -13.32 30.72
CA GLU A 469 -21.45 -14.20 31.82
C GLU A 469 -19.94 -14.24 31.89
N ILE A 470 -19.36 -13.86 33.02
CA ILE A 470 -17.92 -14.07 33.16
C ILE A 470 -17.63 -15.22 34.14
N LYS A 471 -17.31 -16.38 33.58
CA LYS A 471 -16.94 -17.54 34.38
C LYS A 471 -15.47 -17.86 34.15
N LYS A 472 -14.98 -18.91 34.81
CA LYS A 472 -13.61 -19.36 34.55
C LYS A 472 -13.44 -20.89 34.38
N LEU A 473 -12.43 -21.27 33.60
CA LEU A 473 -12.06 -22.67 33.40
C LEU A 473 -10.74 -22.99 34.08
N GLU A 474 -10.61 -24.20 34.58
CA GLU A 474 -9.37 -24.65 35.17
C GLU A 474 -8.83 -25.81 34.34
N VAL A 475 -7.65 -25.63 33.75
CA VAL A 475 -7.03 -26.67 32.92
C VAL A 475 -5.51 -26.76 33.09
N ASP A 476 -5.05 -27.93 33.53
CA ASP A 476 -3.62 -28.24 33.62
C ASP A 476 -2.83 -27.17 34.36
N GLU A 477 -3.15 -27.00 35.64
CA GLU A 477 -2.51 -26.01 36.53
C GLU A 477 -2.75 -24.53 36.18
N ILE A 478 -3.35 -24.25 35.03
CA ILE A 478 -3.55 -22.87 34.62
C ILE A 478 -5.03 -22.54 34.38
N THR A 479 -5.51 -21.46 34.99
CA THR A 479 -6.92 -21.10 34.86
C THR A 479 -7.10 -19.97 33.85
N LEU A 480 -8.25 -19.98 33.17
CA LEU A 480 -8.56 -19.03 32.11
C LEU A 480 -9.93 -18.41 32.32
N TRP A 481 -9.93 -17.10 32.57
CA TRP A 481 -11.17 -16.36 32.74
C TRP A 481 -11.77 -16.07 31.37
N TYR A 482 -13.10 -16.09 31.29
CA TYR A 482 -13.78 -15.78 30.03
C TYR A 482 -15.10 -15.05 30.21
N LYS A 483 -15.51 -14.38 29.15
CA LYS A 483 -16.82 -13.76 29.07
C LYS A 483 -17.54 -14.39 27.89
N MET A 484 -18.67 -15.03 28.16
CA MET A 484 -19.49 -15.59 27.10
C MET A 484 -20.77 -14.79 26.92
N ILE A 485 -20.95 -14.28 25.70
CA ILE A 485 -22.14 -13.54 25.32
C ILE A 485 -23.10 -14.50 24.61
N LEU A 486 -24.30 -14.68 25.16
CA LEU A 486 -25.25 -15.66 24.62
C LEU A 486 -26.52 -15.02 24.01
N PRO A 487 -26.89 -15.49 22.81
CA PRO A 487 -28.13 -15.08 22.14
C PRO A 487 -29.40 -15.14 23.00
N PRO A 488 -30.30 -14.16 22.82
CA PRO A 488 -31.61 -14.19 23.47
C PRO A 488 -32.30 -15.50 23.13
N GLN A 489 -33.10 -16.00 24.05
CA GLN A 489 -33.74 -17.32 23.89
C GLN A 489 -32.70 -18.41 23.60
N PHE A 490 -31.55 -18.30 24.27
CA PHE A 490 -30.48 -19.30 24.21
C PHE A 490 -30.99 -20.65 24.70
N ASP A 491 -31.03 -21.62 23.79
CA ASP A 491 -31.39 -22.98 24.15
C ASP A 491 -30.14 -23.76 24.48
N ARG A 492 -30.04 -24.15 25.75
CA ARG A 492 -28.96 -24.96 26.28
C ARG A 492 -28.77 -26.29 25.51
N SER A 493 -29.86 -26.84 24.98
CA SER A 493 -29.82 -28.10 24.25
C SER A 493 -29.37 -27.98 22.79
N LYS A 494 -29.67 -26.84 22.18
CA LYS A 494 -29.33 -26.60 20.77
C LYS A 494 -27.84 -26.32 20.57
N LYS A 495 -27.43 -26.21 19.30
CA LYS A 495 -26.03 -26.00 18.96
C LYS A 495 -25.81 -24.67 18.22
N TYR A 496 -24.78 -23.95 18.62
CA TYR A 496 -24.55 -22.59 18.17
C TYR A 496 -23.16 -22.43 17.59
N PRO A 497 -23.06 -21.68 16.49
CA PRO A 497 -21.75 -21.28 15.98
C PRO A 497 -21.02 -20.41 17.00
N LEU A 498 -19.70 -20.49 17.02
CA LEU A 498 -18.94 -19.78 18.04
C LEU A 498 -17.91 -18.84 17.42
N LEU A 499 -18.01 -17.56 17.79
CA LEU A 499 -17.02 -16.54 17.44
C LEU A 499 -16.25 -16.16 18.69
N ILE A 500 -14.94 -16.12 18.57
CA ILE A 500 -14.07 -15.73 19.65
C ILE A 500 -13.52 -14.34 19.32
N GLN A 501 -13.71 -13.39 20.23
CA GLN A 501 -12.99 -12.12 20.16
C GLN A 501 -11.71 -12.26 20.97
N VAL A 502 -10.59 -11.99 20.33
CA VAL A 502 -9.32 -12.18 20.97
C VAL A 502 -8.47 -10.93 20.88
N TYR A 503 -7.77 -10.63 21.97
CA TYR A 503 -6.71 -9.63 21.92
C TYR A 503 -5.44 -10.36 22.35
N GLY A 504 -5.23 -10.51 23.65
CA GLY A 504 -4.19 -11.38 24.16
C GLY A 504 -2.87 -10.72 24.45
N GLY A 505 -2.74 -9.46 24.02
CA GLY A 505 -1.54 -8.69 24.27
C GLY A 505 -1.09 -8.78 25.72
N PRO A 506 0.21 -9.00 25.93
CA PRO A 506 0.77 -8.98 27.28
C PRO A 506 0.39 -7.72 28.04
N CYS A 507 -0.03 -7.92 29.29
CA CYS A 507 -0.46 -6.86 30.23
C CYS A 507 -1.93 -6.45 30.06
N SER A 508 -2.64 -7.10 29.14
CA SER A 508 -4.00 -6.71 28.80
C SER A 508 -5.02 -7.51 29.61
N GLN A 509 -6.28 -7.11 29.48
CA GLN A 509 -7.39 -7.86 30.09
C GLN A 509 -8.65 -7.67 29.27
N SER A 510 -9.12 -8.76 28.69
CA SER A 510 -10.22 -8.68 27.76
C SER A 510 -11.55 -9.00 28.43
N VAL A 511 -11.52 -9.89 29.42
CA VAL A 511 -12.71 -10.23 30.18
C VAL A 511 -12.94 -9.22 31.29
N ARG A 512 -13.93 -8.35 31.10
CA ARG A 512 -14.22 -7.33 32.12
C ARG A 512 -15.70 -7.11 32.32
N SER A 513 -16.08 -6.85 33.58
CA SER A 513 -17.44 -6.47 33.92
C SER A 513 -17.67 -5.01 33.57
N VAL A 514 -17.70 -4.76 32.27
CA VAL A 514 -17.84 -3.43 31.69
C VAL A 514 -18.97 -3.46 30.68
N PHE A 515 -19.95 -2.57 30.87
CA PHE A 515 -21.05 -2.38 29.95
C PHE A 515 -20.55 -1.88 28.62
N ALA A 516 -20.92 -2.56 27.56
CA ALA A 516 -20.49 -2.20 26.21
C ALA A 516 -21.46 -2.76 25.19
N VAL A 517 -22.27 -1.91 24.58
CA VAL A 517 -23.06 -2.36 23.45
C VAL A 517 -22.21 -2.24 22.18
N ASN A 518 -21.76 -3.39 21.70
CA ASN A 518 -20.80 -3.41 20.60
C ASN A 518 -21.06 -4.53 19.61
N TRP A 519 -20.25 -4.56 18.55
CA TRP A 519 -20.46 -5.52 17.46
C TRP A 519 -20.97 -6.90 17.95
N ILE A 520 -20.18 -7.59 18.78
CA ILE A 520 -20.54 -8.95 19.22
C ILE A 520 -21.89 -9.04 19.91
N SER A 521 -22.28 -7.98 20.61
CA SER A 521 -23.63 -7.92 21.16
C SER A 521 -24.62 -8.11 20.03
N TYR A 522 -24.45 -7.34 18.95
CA TYR A 522 -25.31 -7.44 17.77
C TYR A 522 -25.31 -8.86 17.23
N LEU A 523 -24.13 -9.46 17.13
CA LEU A 523 -24.03 -10.79 16.53
C LEU A 523 -24.68 -11.88 17.38
N ALA A 524 -24.75 -11.65 18.68
CA ALA A 524 -25.47 -12.58 19.56
C ALA A 524 -26.95 -12.26 19.51
N SER A 525 -27.26 -10.96 19.51
CA SER A 525 -28.65 -10.49 19.54
C SER A 525 -29.43 -10.91 18.29
N LYS A 526 -28.86 -10.62 17.12
CA LYS A 526 -29.55 -10.91 15.86
C LYS A 526 -29.04 -12.19 15.18
N GLU A 527 -27.72 -12.36 15.11
CA GLU A 527 -27.16 -13.42 14.27
C GLU A 527 -27.16 -14.82 14.86
N GLY A 528 -27.41 -14.94 16.16
CA GLY A 528 -27.48 -16.25 16.79
C GLY A 528 -26.12 -16.87 17.03
N MET A 529 -25.10 -16.02 17.15
CA MET A 529 -23.73 -16.47 17.42
C MET A 529 -23.44 -16.44 18.92
N VAL A 530 -22.98 -17.57 19.48
CA VAL A 530 -22.39 -17.55 20.82
C VAL A 530 -20.99 -16.97 20.68
N ILE A 531 -20.70 -15.97 21.50
CA ILE A 531 -19.41 -15.29 21.49
C ILE A 531 -18.64 -15.56 22.77
N ALA A 532 -17.32 -15.67 22.67
CA ALA A 532 -16.48 -15.81 23.85
C ALA A 532 -15.20 -14.99 23.76
N LEU A 533 -14.80 -14.42 24.89
CA LEU A 533 -13.56 -13.67 25.03
C LEU A 533 -12.82 -14.36 26.16
N VAL A 534 -11.53 -14.62 25.97
CA VAL A 534 -10.78 -15.40 26.95
C VAL A 534 -9.48 -14.72 27.31
N ASP A 535 -9.24 -14.57 28.61
CA ASP A 535 -7.95 -14.10 29.11
C ASP A 535 -7.12 -15.28 29.56
N GLY A 536 -5.97 -15.47 28.94
CA GLY A 536 -5.05 -16.52 29.31
C GLY A 536 -3.70 -15.97 29.70
N ARG A 537 -2.65 -16.71 29.37
CA ARG A 537 -1.32 -16.30 29.76
C ARG A 537 -0.93 -15.02 29.04
N GLY A 538 -0.17 -14.18 29.73
CA GLY A 538 0.26 -12.90 29.20
C GLY A 538 -0.69 -11.81 29.64
N THR A 539 -1.78 -12.24 30.26
CA THR A 539 -2.85 -11.37 30.71
C THR A 539 -2.51 -10.86 32.11
N ALA A 540 -2.73 -9.57 32.34
CA ALA A 540 -2.39 -8.96 33.63
C ALA A 540 -3.41 -9.19 34.75
N PHE A 541 -3.03 -8.77 35.97
CA PHE A 541 -3.92 -8.64 37.14
C PHE A 541 -4.22 -9.94 37.88
N GLN A 542 -3.44 -10.98 37.61
CA GLN A 542 -3.50 -12.21 38.39
C GLN A 542 -2.11 -12.70 38.78
N GLY A 543 -1.19 -11.75 38.98
CA GLY A 543 0.16 -12.07 39.40
C GLY A 543 1.13 -12.39 38.28
N ASP A 544 2.33 -12.82 38.64
CA ASP A 544 3.44 -12.92 37.70
C ASP A 544 3.59 -14.27 37.02
N LYS A 545 3.07 -15.35 37.60
CA LYS A 545 3.13 -16.64 36.91
C LYS A 545 2.27 -16.63 35.64
N LEU A 546 1.16 -15.89 35.70
CA LEU A 546 0.29 -15.66 34.55
C LEU A 546 0.89 -14.61 33.63
N LEU A 547 1.19 -13.43 34.17
CA LEU A 547 1.58 -12.30 33.35
C LEU A 547 2.88 -12.54 32.60
N TYR A 548 3.89 -12.99 33.32
CA TYR A 548 5.22 -13.13 32.74
C TYR A 548 5.44 -14.42 31.97
N ALA A 549 4.41 -15.27 31.87
CA ALA A 549 4.56 -16.59 31.24
C ALA A 549 4.81 -16.49 29.73
N VAL A 550 4.50 -15.34 29.17
CA VAL A 550 4.67 -15.08 27.75
C VAL A 550 6.03 -14.46 27.42
N TYR A 551 6.77 -14.07 28.47
CA TYR A 551 8.07 -13.42 28.33
C TYR A 551 8.96 -14.22 27.39
N ARG A 552 9.37 -13.58 26.30
CA ARG A 552 10.24 -14.17 25.28
C ARG A 552 9.66 -15.33 24.46
N LYS A 553 8.38 -15.64 24.67
CA LYS A 553 7.67 -16.67 23.91
C LYS A 553 6.32 -16.11 23.43
N LEU A 554 6.38 -14.96 22.76
CA LEU A 554 5.19 -14.25 22.31
C LEU A 554 4.45 -15.02 21.22
N GLY A 555 3.13 -15.10 21.38
CA GLY A 555 2.30 -15.80 20.40
C GLY A 555 2.15 -17.28 20.66
N VAL A 556 2.95 -17.83 21.56
CA VAL A 556 2.90 -19.27 21.81
C VAL A 556 1.73 -19.61 22.73
N TYR A 557 1.83 -19.14 23.97
CA TYR A 557 0.86 -19.53 25.00
C TYR A 557 -0.54 -18.95 24.83
N GLU A 558 -0.64 -17.74 24.27
CA GLU A 558 -1.96 -17.11 24.06
C GLU A 558 -2.77 -17.87 23.03
N VAL A 559 -2.10 -18.31 21.97
CA VAL A 559 -2.75 -19.12 20.96
C VAL A 559 -3.25 -20.41 21.60
N GLU A 560 -2.34 -21.07 22.29
CA GLU A 560 -2.63 -22.31 23.00
C GLU A 560 -3.86 -22.23 23.95
N ASP A 561 -4.06 -21.07 24.57
CA ASP A 561 -5.10 -20.87 25.57
C ASP A 561 -6.49 -20.54 25.00
N GLN A 562 -6.54 -19.95 23.81
CA GLN A 562 -7.81 -19.85 23.08
C GLN A 562 -8.23 -21.23 22.59
N ILE A 563 -7.26 -22.06 22.23
CA ILE A 563 -7.53 -23.42 21.79
C ILE A 563 -8.11 -24.25 22.96
N THR A 564 -7.41 -24.29 24.09
CA THR A 564 -7.91 -25.00 25.25
C THR A 564 -9.32 -24.56 25.58
N ALA A 565 -9.58 -23.26 25.49
CA ALA A 565 -10.88 -22.73 25.85
C ALA A 565 -11.94 -23.21 24.86
N VAL A 566 -11.77 -22.84 23.59
CA VAL A 566 -12.63 -23.30 22.52
C VAL A 566 -12.99 -24.78 22.74
N ARG A 567 -11.96 -25.61 22.98
CA ARG A 567 -12.12 -27.05 23.22
C ARG A 567 -13.06 -27.37 24.37
N LYS A 568 -12.87 -26.66 25.49
CA LYS A 568 -13.76 -26.80 26.65
C LYS A 568 -15.17 -26.34 26.32
N PHE A 569 -15.28 -25.18 25.66
CA PHE A 569 -16.56 -24.67 25.18
C PHE A 569 -17.28 -25.71 24.31
N ILE A 570 -16.53 -26.44 23.48
CA ILE A 570 -17.10 -27.45 22.61
C ILE A 570 -17.71 -28.59 23.44
N GLU A 571 -17.01 -29.02 24.49
CA GLU A 571 -17.49 -30.11 25.32
C GLU A 571 -18.52 -29.66 26.35
N MET A 572 -18.87 -28.37 26.31
CA MET A 572 -20.02 -27.90 27.06
C MET A 572 -21.30 -28.34 26.35
N GLY A 573 -21.18 -28.65 25.05
CA GLY A 573 -22.23 -29.35 24.32
C GLY A 573 -23.21 -28.54 23.50
N PHE A 574 -23.11 -27.21 23.55
CA PHE A 574 -24.04 -26.35 22.81
C PHE A 574 -23.35 -25.55 21.69
N ILE A 575 -22.14 -25.97 21.34
CA ILE A 575 -21.33 -25.33 20.31
C ILE A 575 -21.17 -26.29 19.14
N ASP A 576 -21.49 -25.82 17.94
CA ASP A 576 -21.32 -26.62 16.76
C ASP A 576 -19.88 -26.44 16.26
N GLU A 577 -19.09 -27.51 16.40
CA GLU A 577 -17.64 -27.44 16.14
C GLU A 577 -17.28 -27.15 14.69
N LYS A 578 -18.23 -27.42 13.79
CA LYS A 578 -18.06 -27.12 12.36
C LYS A 578 -18.12 -25.62 12.09
N ARG A 579 -18.76 -24.87 12.98
CA ARG A 579 -18.90 -23.43 12.81
C ARG A 579 -18.22 -22.63 13.94
N ILE A 580 -16.90 -22.48 13.86
CA ILE A 580 -16.18 -21.67 14.83
C ILE A 580 -15.26 -20.64 14.15
N ALA A 581 -15.39 -19.39 14.57
CA ALA A 581 -14.47 -18.37 14.07
C ALA A 581 -13.75 -17.65 15.20
N ILE A 582 -12.67 -16.98 14.85
CA ILE A 582 -11.95 -16.17 15.80
C ILE A 582 -11.55 -14.94 15.03
N TRP A 583 -11.59 -13.79 15.70
CA TRP A 583 -11.29 -12.53 15.04
C TRP A 583 -10.55 -11.64 16.02
N GLY A 584 -9.71 -10.76 15.50
CA GLY A 584 -8.99 -9.84 16.36
C GLY A 584 -8.48 -8.59 15.69
N TRP A 585 -8.06 -7.64 16.53
CA TRP A 585 -7.49 -6.36 16.13
C TRP A 585 -6.14 -6.18 16.82
N SER A 586 -5.20 -5.54 16.13
CA SER A 586 -3.84 -5.28 16.63
C SER A 586 -3.11 -6.55 17.10
N TYR A 587 -2.85 -6.68 18.40
CA TYR A 587 -2.38 -7.96 18.91
C TYR A 587 -3.41 -9.06 18.63
N GLY A 588 -4.69 -8.69 18.62
CA GLY A 588 -5.75 -9.66 18.48
C GLY A 588 -5.76 -10.28 17.11
N GLY A 589 -5.31 -9.51 16.13
CA GLY A 589 -5.22 -9.99 14.78
C GLY A 589 -4.02 -10.87 14.59
N TYR A 590 -2.94 -10.59 15.30
CA TYR A 590 -1.79 -11.48 15.37
C TYR A 590 -2.22 -12.86 15.85
N VAL A 591 -2.83 -12.95 17.04
CA VAL A 591 -3.15 -14.28 17.58
C VAL A 591 -4.31 -14.96 16.87
N SER A 592 -5.22 -14.19 16.28
CA SER A 592 -6.30 -14.82 15.53
C SER A 592 -5.72 -15.58 14.32
N SER A 593 -4.84 -14.90 13.58
CA SER A 593 -4.08 -15.51 12.49
C SER A 593 -3.39 -16.80 12.97
N LEU A 594 -2.59 -16.68 14.02
CA LEU A 594 -1.85 -17.82 14.57
C LEU A 594 -2.77 -18.95 15.02
N ALA A 595 -3.90 -18.58 15.63
CA ALA A 595 -4.86 -19.58 16.10
C ALA A 595 -5.52 -20.24 14.91
N LEU A 596 -5.79 -19.47 13.87
CA LEU A 596 -6.39 -20.00 12.65
C LEU A 596 -5.44 -20.93 11.92
N ALA A 597 -4.16 -20.58 11.94
CA ALA A 597 -3.12 -21.39 11.30
C ALA A 597 -2.51 -22.38 12.28
N SER A 598 -3.22 -22.62 13.37
CA SER A 598 -2.80 -23.55 14.40
C SER A 598 -2.76 -25.00 13.91
N GLY A 599 -3.44 -25.27 12.80
CA GLY A 599 -3.46 -26.60 12.23
C GLY A 599 -4.19 -27.58 13.13
N THR A 600 -5.11 -27.03 13.94
CA THR A 600 -5.91 -27.81 14.89
C THR A 600 -7.32 -28.06 14.38
N GLY A 601 -7.61 -27.60 13.17
CA GLY A 601 -8.93 -27.73 12.55
C GLY A 601 -10.07 -27.51 13.52
N LEU A 602 -10.05 -26.36 14.19
CA LEU A 602 -11.12 -26.00 15.11
C LEU A 602 -11.84 -24.81 14.52
N PHE A 603 -11.07 -23.80 14.11
CA PHE A 603 -11.63 -22.62 13.48
C PHE A 603 -11.86 -22.85 11.98
N LYS A 604 -13.08 -22.62 11.52
CA LYS A 604 -13.40 -22.71 10.10
C LYS A 604 -12.84 -21.49 9.36
N CYS A 605 -12.96 -20.33 10.01
CA CYS A 605 -12.46 -19.06 9.46
C CYS A 605 -12.00 -18.13 10.57
N GLY A 606 -11.39 -17.02 10.16
CA GLY A 606 -10.86 -16.06 11.10
C GLY A 606 -10.57 -14.73 10.43
N ILE A 607 -10.65 -13.67 11.22
CA ILE A 607 -10.41 -12.34 10.70
C ILE A 607 -9.27 -11.73 11.46
N ALA A 608 -8.33 -11.11 10.76
CA ALA A 608 -7.26 -10.38 11.42
C ALA A 608 -7.24 -8.96 10.94
N VAL A 609 -7.66 -8.05 11.82
CA VAL A 609 -7.65 -6.63 11.50
C VAL A 609 -6.36 -6.00 12.01
N ALA A 610 -5.66 -5.32 11.10
CA ALA A 610 -4.40 -4.63 11.38
C ALA A 610 -3.45 -5.44 12.25
N PRO A 611 -3.29 -6.73 11.95
CA PRO A 611 -2.48 -7.60 12.79
C PRO A 611 -1.00 -7.23 12.74
N VAL A 612 -0.30 -7.43 13.85
CA VAL A 612 1.14 -7.54 13.79
C VAL A 612 1.41 -8.89 13.15
N SER A 613 2.39 -8.95 12.25
CA SER A 613 2.76 -10.19 11.57
C SER A 613 4.12 -10.74 12.02
N SER A 614 4.99 -9.85 12.48
CA SER A 614 6.30 -10.24 12.96
C SER A 614 6.83 -9.14 13.86
N TRP A 615 7.39 -9.53 15.00
CA TRP A 615 7.83 -8.58 16.00
C TRP A 615 9.02 -7.77 15.53
N GLU A 616 9.57 -8.16 14.40
CA GLU A 616 10.59 -7.37 13.71
C GLU A 616 10.04 -6.01 13.25
N TYR A 617 8.77 -5.98 12.87
CA TYR A 617 8.16 -4.78 12.28
C TYR A 617 7.59 -3.81 13.31
N TYR A 618 7.38 -4.27 14.53
CA TYR A 618 6.76 -3.44 15.57
C TYR A 618 7.75 -2.59 16.38
N ALA A 619 7.21 -1.55 17.04
CA ALA A 619 8.01 -0.59 17.80
C ALA A 619 8.86 -1.24 18.88
N SER A 620 10.09 -0.75 19.01
CA SER A 620 11.10 -1.27 19.94
C SER A 620 10.62 -1.31 21.38
N VAL A 621 10.12 -0.17 21.84
CA VAL A 621 9.67 -0.04 23.21
C VAL A 621 8.76 -1.20 23.59
N TYR A 622 7.63 -1.32 22.91
CA TYR A 622 6.67 -2.39 23.20
C TYR A 622 7.34 -3.75 23.00
N THR A 623 7.98 -3.91 21.86
CA THR A 623 8.42 -5.24 21.44
C THR A 623 9.46 -5.84 22.39
N GLU A 624 10.54 -5.12 22.62
CA GLU A 624 11.66 -5.64 23.41
C GLU A 624 11.23 -5.92 24.86
N ARG A 625 10.34 -5.07 25.37
CA ARG A 625 9.71 -5.25 26.68
C ARG A 625 9.30 -6.70 26.88
N PHE A 626 8.62 -7.28 25.91
CA PHE A 626 8.10 -8.63 26.07
C PHE A 626 8.92 -9.66 25.33
N MET A 627 9.78 -9.20 24.42
CA MET A 627 10.49 -10.11 23.51
C MET A 627 12.02 -10.21 23.70
N GLY A 628 12.61 -9.22 24.37
CA GLY A 628 14.06 -9.06 24.39
C GLY A 628 14.53 -8.48 23.07
N LEU A 629 15.76 -8.80 22.68
CA LEU A 629 16.34 -8.26 21.44
C LEU A 629 16.36 -9.32 20.32
N PRO A 630 16.29 -8.87 19.05
CA PRO A 630 16.38 -9.79 17.91
C PRO A 630 17.82 -10.00 17.42
N THR A 631 18.72 -10.42 18.31
CA THR A 631 20.14 -10.57 17.98
C THR A 631 20.66 -12.00 18.22
N LYS A 632 21.87 -12.24 17.74
CA LYS A 632 22.63 -13.47 18.01
C LYS A 632 22.52 -13.91 19.49
N ASP A 633 22.83 -12.98 20.38
CA ASP A 633 22.88 -13.27 21.81
C ASP A 633 21.50 -13.53 22.44
N ASP A 634 20.54 -12.65 22.12
CA ASP A 634 19.25 -12.66 22.82
C ASP A 634 18.22 -13.62 22.24
N ASN A 635 17.18 -13.07 21.63
CA ASN A 635 16.02 -13.85 21.26
C ASN A 635 15.78 -14.04 19.75
N LEU A 636 16.63 -13.45 18.91
CA LEU A 636 16.49 -13.57 17.46
C LEU A 636 15.73 -14.83 17.01
N GLU A 637 16.17 -16.00 17.47
CA GLU A 637 15.57 -17.27 17.08
C GLU A 637 14.04 -17.24 17.18
N HIS A 638 13.53 -16.62 18.23
CA HIS A 638 12.09 -16.61 18.45
C HIS A 638 11.36 -15.44 17.81
N TYR A 639 12.05 -14.34 17.57
CA TYR A 639 11.54 -13.32 16.66
C TYR A 639 11.31 -14.06 15.35
N LYS A 640 12.32 -14.84 14.94
CA LYS A 640 12.29 -15.65 13.72
C LYS A 640 11.12 -16.66 13.67
N ASN A 641 10.95 -17.43 14.75
CA ASN A 641 9.99 -18.53 14.78
C ASN A 641 8.53 -18.08 14.91
N SER A 642 8.31 -16.90 15.48
CA SER A 642 6.98 -16.45 15.88
C SER A 642 6.20 -15.54 14.94
N THR A 643 6.58 -15.46 13.65
CA THR A 643 5.83 -14.65 12.68
C THR A 643 4.58 -15.41 12.21
N VAL A 644 3.68 -14.72 11.51
CA VAL A 644 2.55 -15.42 10.88
C VAL A 644 2.91 -16.00 9.51
N MET A 645 3.77 -15.30 8.77
CA MET A 645 4.31 -15.75 7.49
C MET A 645 4.78 -17.21 7.56
N ALA A 646 5.49 -17.54 8.64
CA ALA A 646 6.02 -18.87 8.87
C ALA A 646 4.92 -19.92 8.90
N ARG A 647 3.69 -19.47 9.12
CA ARG A 647 2.56 -20.37 9.26
C ARG A 647 1.64 -20.34 8.05
N ALA A 648 2.13 -19.79 6.93
CA ALA A 648 1.36 -19.65 5.70
C ALA A 648 0.70 -20.95 5.25
N GLU A 649 1.49 -22.02 5.16
CA GLU A 649 0.99 -23.32 4.72
C GLU A 649 -0.31 -23.73 5.44
N TYR A 650 -0.35 -23.50 6.74
CA TYR A 650 -1.44 -24.02 7.58
C TYR A 650 -2.78 -23.33 7.36
N PHE A 651 -2.74 -22.25 6.55
CA PHE A 651 -3.93 -21.52 6.17
C PHE A 651 -4.70 -22.19 5.04
N ARG A 652 -4.09 -23.21 4.43
CA ARG A 652 -4.62 -23.79 3.18
C ARG A 652 -6.14 -23.99 3.19
N ASN A 653 -6.65 -24.58 4.27
CA ASN A 653 -8.05 -24.96 4.33
C ASN A 653 -8.83 -24.27 5.44
N VAL A 654 -8.56 -22.98 5.61
CA VAL A 654 -9.34 -22.12 6.50
C VAL A 654 -9.72 -20.92 5.68
N ASP A 655 -10.73 -20.15 6.12
CA ASP A 655 -11.06 -18.88 5.47
C ASP A 655 -10.45 -17.72 6.23
N TYR A 656 -9.43 -17.12 5.65
CA TYR A 656 -8.77 -15.99 6.25
C TYR A 656 -9.30 -14.68 5.65
N LEU A 657 -9.53 -13.69 6.50
CA LEU A 657 -9.87 -12.36 6.04
C LEU A 657 -8.87 -11.41 6.68
N LEU A 658 -8.12 -10.70 5.84
CA LEU A 658 -7.00 -9.87 6.27
C LEU A 658 -7.32 -8.43 5.97
N ILE A 659 -7.39 -7.62 7.01
CA ILE A 659 -7.79 -6.23 6.85
C ILE A 659 -6.72 -5.29 7.42
N HIS A 660 -6.41 -4.21 6.70
CA HIS A 660 -5.43 -3.28 7.17
C HIS A 660 -5.57 -1.92 6.49
N GLY A 661 -5.40 -0.85 7.25
CA GLY A 661 -5.49 0.49 6.71
C GLY A 661 -4.13 0.96 6.22
N THR A 662 -4.10 1.54 5.03
CA THR A 662 -2.79 1.84 4.41
C THR A 662 -2.04 3.04 5.01
N ALA A 663 -2.62 3.71 5.99
CA ALA A 663 -1.96 4.83 6.65
C ALA A 663 -1.78 4.56 8.14
N ASP A 664 -1.86 3.28 8.50
CA ASP A 664 -1.62 2.80 9.87
C ASP A 664 -0.20 3.09 10.31
N ASP A 665 -0.01 4.14 11.10
CA ASP A 665 1.32 4.53 11.53
C ASP A 665 1.79 3.71 12.75
N ASN A 666 0.86 3.03 13.40
CA ASN A 666 1.21 2.26 14.59
C ASN A 666 1.65 0.84 14.25
N VAL A 667 0.75 0.07 13.65
CA VAL A 667 1.10 -1.24 13.11
C VAL A 667 1.10 -1.09 11.61
N HIS A 668 2.27 -1.10 11.01
CA HIS A 668 2.38 -0.71 9.64
C HIS A 668 1.77 -1.76 8.74
N PHE A 669 1.12 -1.28 7.69
CA PHE A 669 0.54 -2.09 6.62
C PHE A 669 1.53 -3.15 6.13
N GLN A 670 2.81 -2.82 6.17
CA GLN A 670 3.87 -3.76 5.85
C GLN A 670 3.62 -5.10 6.54
N ASN A 671 3.02 -5.06 7.73
CA ASN A 671 2.70 -6.26 8.48
C ASN A 671 1.75 -7.13 7.69
N SER A 672 0.67 -6.54 7.18
CA SER A 672 -0.34 -7.31 6.45
C SER A 672 0.11 -7.59 5.03
N ALA A 673 0.95 -6.71 4.50
CA ALA A 673 1.50 -6.87 3.17
C ALA A 673 2.37 -8.09 3.13
N GLN A 674 3.06 -8.37 4.24
CA GLN A 674 3.95 -9.53 4.31
C GLN A 674 3.20 -10.83 4.56
N ILE A 675 2.07 -10.76 5.27
CA ILE A 675 1.23 -11.95 5.42
C ILE A 675 0.67 -12.30 4.03
N ALA A 676 0.13 -11.29 3.33
CA ALA A 676 -0.43 -11.50 2.02
C ALA A 676 0.62 -12.11 1.10
N LYS A 677 1.80 -11.46 1.06
CA LYS A 677 2.91 -11.95 0.26
C LYS A 677 3.23 -13.39 0.58
N ALA A 678 3.22 -13.75 1.86
CA ALA A 678 3.49 -15.14 2.24
C ALA A 678 2.41 -16.07 1.73
N LEU A 679 1.15 -15.74 1.96
CA LEU A 679 0.06 -16.63 1.55
C LEU A 679 0.07 -16.92 0.05
N VAL A 680 0.40 -15.90 -0.74
CA VAL A 680 0.51 -16.05 -2.19
C VAL A 680 1.64 -17.04 -2.48
N ASN A 681 2.80 -16.80 -1.88
CA ASN A 681 3.96 -17.65 -2.07
C ASN A 681 3.73 -19.11 -1.69
N ALA A 682 2.76 -19.37 -0.82
CA ALA A 682 2.36 -20.71 -0.42
C ALA A 682 1.18 -21.26 -1.23
N GLN A 683 0.65 -20.43 -2.13
CA GLN A 683 -0.49 -20.79 -2.98
C GLN A 683 -1.78 -21.03 -2.20
N VAL A 684 -2.10 -20.10 -1.30
CA VAL A 684 -3.23 -20.24 -0.39
C VAL A 684 -4.21 -19.10 -0.69
N ASP A 685 -5.45 -19.42 -1.03
CA ASP A 685 -6.47 -18.39 -1.24
C ASP A 685 -6.87 -17.78 0.09
N PHE A 686 -7.17 -16.50 0.07
CA PHE A 686 -7.68 -15.79 1.23
C PHE A 686 -8.42 -14.55 0.76
N GLN A 687 -9.09 -13.87 1.68
CA GLN A 687 -9.82 -12.65 1.38
C GLN A 687 -9.06 -11.51 2.03
N ALA A 688 -9.04 -10.37 1.36
CA ALA A 688 -8.33 -9.23 1.88
C ALA A 688 -9.15 -7.96 1.72
N MET A 689 -8.75 -6.92 2.44
CA MET A 689 -9.35 -5.61 2.30
C MET A 689 -8.38 -4.56 2.85
N TRP A 690 -8.14 -3.51 2.07
CA TRP A 690 -7.35 -2.41 2.56
C TRP A 690 -8.27 -1.21 2.71
N TYR A 691 -7.93 -0.32 3.65
CA TYR A 691 -8.64 0.94 3.76
C TYR A 691 -7.69 2.09 3.46
N SER A 692 -7.92 2.74 2.33
CA SER A 692 -7.07 3.81 1.84
C SER A 692 -7.02 4.93 2.85
N ASP A 693 -5.81 5.43 3.14
CA ASP A 693 -5.61 6.57 4.04
C ASP A 693 -6.21 6.45 5.45
N GLN A 694 -6.38 5.22 5.91
CA GLN A 694 -6.92 4.95 7.22
C GLN A 694 -5.82 4.46 8.12
N ASN A 695 -5.90 4.81 9.40
CA ASN A 695 -4.86 4.42 10.34
C ASN A 695 -5.26 3.23 11.18
N HIS A 696 -4.63 3.09 12.34
CA HIS A 696 -4.84 1.91 13.15
C HIS A 696 -6.26 1.79 13.69
N GLY A 697 -6.93 2.94 13.83
CA GLY A 697 -8.28 2.99 14.38
C GLY A 697 -9.37 2.62 13.40
N LEU A 698 -9.14 2.88 12.12
CA LEU A 698 -10.14 2.67 11.07
C LEU A 698 -11.42 3.48 11.35
N SER A 699 -11.21 4.68 11.89
CA SER A 699 -12.29 5.60 12.24
C SER A 699 -13.10 6.12 11.05
N GLY A 700 -14.22 6.77 11.32
CA GLY A 700 -15.06 7.34 10.28
C GLY A 700 -15.86 6.31 9.49
N LEU A 701 -16.24 6.69 8.28
CA LEU A 701 -17.02 5.81 7.42
C LEU A 701 -16.31 4.45 7.18
N SER A 702 -15.01 4.43 7.40
CA SER A 702 -14.24 3.19 7.38
C SER A 702 -14.73 2.14 8.37
N THR A 703 -15.20 2.58 9.53
CA THR A 703 -15.69 1.68 10.58
C THR A 703 -16.92 0.91 10.12
N ASN A 704 -17.93 1.67 9.69
CA ASN A 704 -19.10 1.13 9.01
C ASN A 704 -18.71 0.02 8.04
N HIS A 705 -17.88 0.37 7.06
CA HIS A 705 -17.42 -0.57 6.06
C HIS A 705 -16.78 -1.81 6.65
N LEU A 706 -15.84 -1.61 7.58
CA LEU A 706 -15.11 -2.71 8.17
C LEU A 706 -16.06 -3.67 8.88
N TYR A 707 -16.96 -3.12 9.68
CA TYR A 707 -17.85 -3.92 10.47
C TYR A 707 -18.93 -4.58 9.59
N THR A 708 -19.29 -3.90 8.51
CA THR A 708 -20.20 -4.48 7.51
C THR A 708 -19.49 -5.61 6.76
N HIS A 709 -18.28 -5.34 6.30
CA HIS A 709 -17.56 -6.34 5.54
C HIS A 709 -17.28 -7.59 6.34
N MET A 710 -17.00 -7.43 7.64
CA MET A 710 -16.66 -8.57 8.49
C MET A 710 -17.86 -9.44 8.80
N THR A 711 -19.02 -8.82 8.98
CA THR A 711 -20.19 -9.60 9.33
C THR A 711 -20.76 -10.30 8.10
N HIS A 712 -20.48 -9.76 6.92
CA HIS A 712 -20.78 -10.49 5.69
C HIS A 712 -19.94 -11.77 5.70
N PHE A 713 -18.67 -11.62 6.05
CA PHE A 713 -17.73 -12.73 6.12
C PHE A 713 -18.19 -13.83 7.12
N LEU A 714 -18.41 -13.45 8.38
CA LEU A 714 -18.85 -14.42 9.39
C LEU A 714 -20.16 -15.06 9.00
N LYS A 715 -21.12 -14.24 8.56
CA LYS A 715 -22.43 -14.74 8.12
C LYS A 715 -22.28 -15.83 7.08
N GLN A 716 -21.50 -15.54 6.03
CA GLN A 716 -21.16 -16.53 5.02
C GLN A 716 -20.38 -17.72 5.59
N CYS A 717 -19.48 -17.43 6.53
CA CYS A 717 -18.67 -18.48 7.15
C CYS A 717 -19.55 -19.39 8.00
N PHE A 718 -20.65 -18.83 8.51
CA PHE A 718 -21.58 -19.56 9.36
C PHE A 718 -22.86 -19.94 8.63
N SER A 719 -22.98 -19.52 7.37
CA SER A 719 -24.08 -19.87 6.46
C SER A 719 -25.06 -20.93 6.99
N MET B 1 -11.69 -36.23 -24.16
CA MET B 1 -11.97 -37.15 -23.00
C MET B 1 -12.01 -36.45 -21.62
N ARG B 2 -11.43 -35.24 -21.53
CA ARG B 2 -11.44 -34.43 -20.30
C ARG B 2 -11.33 -32.91 -20.51
N ALA B 3 -12.04 -32.16 -19.66
CA ALA B 3 -12.08 -30.71 -19.76
C ALA B 3 -10.80 -30.03 -19.24
N LEU B 4 -10.48 -28.87 -19.80
CA LEU B 4 -9.40 -28.04 -19.27
C LEU B 4 -9.59 -27.81 -17.77
N THR B 5 -8.49 -27.87 -17.02
CA THR B 5 -8.53 -27.61 -15.59
C THR B 5 -7.63 -26.40 -15.31
N LEU B 6 -7.93 -25.62 -14.28
CA LEU B 6 -7.22 -24.36 -14.03
C LEU B 6 -5.72 -24.57 -13.93
N LYS B 7 -5.32 -25.73 -13.40
CA LYS B 7 -3.89 -26.06 -13.29
C LYS B 7 -3.22 -26.31 -14.66
N ASP B 8 -3.98 -26.83 -15.61
CA ASP B 8 -3.54 -26.86 -17.01
C ASP B 8 -3.16 -25.45 -17.48
N ILE B 9 -3.98 -24.47 -17.11
CA ILE B 9 -3.74 -23.12 -17.59
C ILE B 9 -2.59 -22.42 -16.86
N LEU B 10 -2.46 -22.64 -15.55
CA LEU B 10 -1.43 -21.94 -14.77
C LEU B 10 -0.06 -22.62 -14.81
N ASN B 11 -0.03 -23.90 -15.23
CA ASN B 11 1.23 -24.58 -15.49
C ASN B 11 1.74 -24.41 -16.92
N GLY B 12 0.95 -23.76 -17.78
CA GLY B 12 1.27 -23.66 -19.20
C GLY B 12 1.35 -25.02 -19.89
N THR B 13 0.66 -26.04 -19.33
CA THR B 13 0.57 -27.37 -19.94
C THR B 13 0.37 -27.31 -21.45
N PHE B 14 -0.47 -26.39 -21.91
CA PHE B 14 -0.74 -26.23 -23.33
C PHE B 14 -0.24 -24.93 -23.95
N SER B 15 0.97 -24.52 -23.60
CA SER B 15 1.53 -23.37 -24.30
C SER B 15 2.10 -23.86 -25.64
N TYR B 16 2.25 -22.95 -26.59
CA TYR B 16 2.80 -23.30 -27.88
C TYR B 16 4.19 -22.71 -28.07
N LYS B 17 4.97 -23.28 -28.98
CA LYS B 17 6.32 -22.80 -29.24
C LYS B 17 6.36 -22.11 -30.58
N THR B 18 7.11 -21.01 -30.61
CA THR B 18 7.21 -20.13 -31.75
C THR B 18 8.64 -20.34 -32.26
N PHE B 19 9.00 -19.83 -33.44
CA PHE B 19 10.40 -19.88 -33.88
C PHE B 19 10.86 -18.69 -34.72
N PHE B 20 11.57 -17.76 -34.10
CA PHE B 20 12.04 -16.60 -34.82
C PHE B 20 13.56 -16.72 -35.01
N PRO B 21 13.96 -17.06 -36.23
CA PRO B 21 15.38 -17.19 -36.57
C PRO B 21 16.16 -15.93 -36.19
N ASN B 22 17.18 -16.12 -35.37
CA ASN B 22 18.07 -15.07 -34.97
C ASN B 22 19.10 -14.89 -36.09
N TRP B 23 18.64 -14.35 -37.20
CA TRP B 23 19.48 -14.09 -38.35
C TRP B 23 20.86 -13.53 -38.01
N ILE B 24 21.87 -13.97 -38.74
CA ILE B 24 23.17 -13.33 -38.68
C ILE B 24 23.72 -12.93 -40.06
N SER B 25 22.98 -13.29 -41.10
CA SER B 25 23.33 -12.96 -42.48
C SER B 25 22.10 -13.11 -43.36
N GLY B 26 22.28 -13.14 -44.67
CA GLY B 26 21.18 -13.36 -45.58
C GLY B 26 20.67 -14.79 -45.52
N GLN B 27 21.54 -15.72 -45.12
CA GLN B 27 21.26 -17.14 -45.21
C GLN B 27 21.56 -17.97 -43.96
N GLU B 28 22.01 -17.32 -42.88
CA GLU B 28 22.36 -18.03 -41.64
C GLU B 28 21.66 -17.49 -40.41
N TYR B 29 21.31 -18.40 -39.49
CA TYR B 29 20.69 -18.00 -38.23
C TYR B 29 21.22 -18.81 -37.05
N LEU B 30 21.11 -18.24 -35.85
CA LEU B 30 21.67 -18.82 -34.62
C LEU B 30 20.62 -19.35 -33.62
N HIS B 31 20.06 -20.53 -33.84
CA HIS B 31 19.12 -21.08 -32.84
C HIS B 31 19.87 -21.65 -31.64
N GLN B 32 19.11 -22.00 -30.60
CA GLN B 32 19.67 -22.71 -29.45
C GLN B 32 19.02 -24.07 -29.27
N SER B 33 19.76 -25.11 -29.65
CA SER B 33 19.33 -26.50 -29.54
C SER B 33 18.73 -26.90 -28.19
N ALA B 34 17.99 -28.00 -28.19
CA ALA B 34 17.50 -28.65 -26.97
C ALA B 34 18.68 -28.98 -26.05
N ASP B 35 19.85 -29.20 -26.65
CA ASP B 35 21.10 -29.43 -25.93
C ASP B 35 21.69 -28.18 -25.26
N ASN B 36 21.08 -27.02 -25.52
CA ASN B 36 21.55 -25.71 -25.06
C ASN B 36 22.89 -25.30 -25.68
N ASN B 37 23.10 -25.68 -26.93
CA ASN B 37 24.41 -25.51 -27.54
C ASN B 37 24.68 -24.27 -28.42
N ILE B 38 23.65 -23.50 -28.77
CA ILE B 38 23.83 -22.37 -29.70
C ILE B 38 24.44 -22.85 -31.03
N VAL B 39 23.55 -23.15 -31.98
CA VAL B 39 23.95 -23.66 -33.29
C VAL B 39 23.72 -22.64 -34.42
N LEU B 40 24.72 -22.49 -35.29
CA LEU B 40 24.57 -21.67 -36.51
C LEU B 40 24.15 -22.57 -37.67
N TYR B 41 22.94 -22.35 -38.16
CA TYR B 41 22.40 -23.08 -39.30
C TYR B 41 22.42 -22.22 -40.56
N ASN B 42 23.18 -22.66 -41.55
CA ASN B 42 23.22 -22.10 -42.88
C ASN B 42 22.10 -22.73 -43.72
N ILE B 43 21.20 -21.91 -44.27
CA ILE B 43 20.00 -22.39 -44.95
C ILE B 43 20.31 -22.99 -46.31
N GLU B 44 21.27 -22.38 -47.01
CA GLU B 44 21.67 -22.79 -48.35
C GLU B 44 22.36 -24.15 -48.35
N THR B 45 23.39 -24.31 -47.52
CA THR B 45 24.15 -25.55 -47.47
C THR B 45 23.36 -26.62 -46.73
N GLY B 46 22.62 -26.19 -45.72
CA GLY B 46 21.96 -27.13 -44.82
C GLY B 46 22.85 -27.53 -43.66
N GLN B 47 24.13 -27.20 -43.72
CA GLN B 47 25.04 -27.59 -42.65
C GLN B 47 24.80 -26.82 -41.35
N SER B 48 24.88 -27.54 -40.23
CA SER B 48 24.75 -26.93 -38.92
C SER B 48 26.08 -26.99 -38.19
N TYR B 49 26.56 -25.84 -37.75
CA TYR B 49 27.77 -25.80 -36.92
C TYR B 49 27.47 -25.15 -35.57
N THR B 50 28.01 -25.68 -34.49
CA THR B 50 27.77 -25.07 -33.19
C THR B 50 28.87 -24.08 -32.81
N ILE B 51 28.49 -22.81 -32.66
CA ILE B 51 29.46 -21.74 -32.37
C ILE B 51 29.81 -21.61 -30.91
N LEU B 52 28.84 -21.84 -30.04
CA LEU B 52 28.96 -21.45 -28.63
C LEU B 52 28.39 -22.48 -27.66
N SER B 53 29.23 -23.43 -27.24
CA SER B 53 28.85 -24.58 -26.42
C SER B 53 28.07 -24.26 -25.15
N ASN B 54 27.15 -25.15 -24.78
CA ASN B 54 26.45 -25.11 -23.50
C ASN B 54 27.37 -24.85 -22.29
N ARG B 55 28.52 -25.55 -22.24
CA ARG B 55 29.57 -25.41 -21.22
C ARG B 55 30.09 -23.98 -21.03
N THR B 56 30.56 -23.37 -22.12
CA THR B 56 31.05 -21.99 -22.15
C THR B 56 29.98 -21.04 -21.66
N MET B 57 28.75 -21.32 -22.06
CA MET B 57 27.58 -20.57 -21.64
C MET B 57 27.41 -20.72 -20.13
N LYS B 58 27.51 -21.96 -19.66
CA LYS B 58 27.29 -22.29 -18.26
C LYS B 58 28.37 -21.72 -17.36
N SER B 59 29.59 -21.61 -17.88
CA SER B 59 30.72 -21.12 -17.09
C SER B 59 30.52 -19.69 -16.56
N VAL B 60 29.62 -18.95 -17.19
CA VAL B 60 29.19 -17.65 -16.68
C VAL B 60 27.67 -17.62 -16.47
N ASN B 61 27.08 -18.80 -16.29
CA ASN B 61 25.63 -19.00 -16.54
C ASN B 61 24.95 -17.82 -17.20
N ALA B 62 25.25 -17.66 -18.49
CA ALA B 62 24.64 -16.65 -19.36
C ALA B 62 23.24 -17.11 -19.76
N SER B 63 22.26 -16.23 -19.70
CA SER B 63 20.90 -16.58 -20.14
C SER B 63 20.71 -16.23 -21.60
N ASN B 64 21.74 -15.60 -22.18
CA ASN B 64 21.68 -15.08 -23.53
C ASN B 64 23.04 -14.63 -24.07
N TYR B 65 23.07 -14.25 -25.34
CA TYR B 65 24.30 -14.09 -26.12
C TYR B 65 24.05 -13.15 -27.30
N GLY B 66 25.11 -12.72 -27.96
CA GLY B 66 25.02 -11.83 -29.11
C GLY B 66 26.30 -11.87 -29.97
N LEU B 67 26.17 -12.43 -31.17
CA LEU B 67 27.27 -12.53 -32.13
C LEU B 67 27.61 -11.14 -32.64
N SER B 68 28.89 -10.79 -32.72
CA SER B 68 29.21 -9.54 -33.41
C SER B 68 29.02 -9.76 -34.91
N PRO B 69 28.66 -8.72 -35.66
CA PRO B 69 28.42 -8.91 -37.10
C PRO B 69 29.61 -9.52 -37.83
N ASP B 70 30.83 -9.30 -37.34
CA ASP B 70 32.01 -9.86 -37.98
C ASP B 70 32.34 -11.26 -37.45
N ARG B 71 31.45 -11.80 -36.61
CA ARG B 71 31.59 -13.16 -36.07
C ARG B 71 32.86 -13.40 -35.24
N GLN B 72 33.68 -12.37 -35.11
CA GLN B 72 34.91 -12.47 -34.32
C GLN B 72 34.64 -12.70 -32.84
N PHE B 73 33.61 -12.04 -32.32
CA PHE B 73 33.29 -12.11 -30.89
C PHE B 73 31.83 -12.44 -30.66
N VAL B 74 31.53 -13.03 -29.51
CA VAL B 74 30.15 -13.14 -29.07
C VAL B 74 30.00 -12.79 -27.59
N TYR B 75 29.16 -11.81 -27.27
CA TYR B 75 28.94 -11.46 -25.87
C TYR B 75 27.95 -12.42 -25.24
N LEU B 76 28.28 -12.82 -24.01
CA LEU B 76 27.42 -13.64 -23.19
C LEU B 76 26.88 -12.67 -22.15
N GLU B 77 25.56 -12.70 -21.99
CA GLU B 77 24.83 -11.78 -21.11
C GLU B 77 24.32 -12.61 -19.94
N SER B 78 24.63 -12.19 -18.71
CA SER B 78 24.09 -12.85 -17.53
C SER B 78 23.75 -11.89 -16.41
N ASP B 79 23.47 -12.44 -15.24
CA ASP B 79 23.03 -11.69 -14.06
C ASP B 79 21.86 -10.79 -14.46
N TYR B 80 21.00 -11.31 -15.33
CA TYR B 80 19.86 -10.55 -15.83
C TYR B 80 19.00 -10.06 -14.68
N SER B 81 18.74 -8.77 -14.66
CA SER B 81 17.98 -8.17 -13.57
C SER B 81 16.96 -7.19 -14.13
N LYS B 82 15.66 -7.51 -13.98
CA LYS B 82 14.58 -6.78 -14.66
C LYS B 82 14.20 -5.43 -14.03
N LEU B 83 13.75 -4.51 -14.87
CA LEU B 83 13.20 -3.26 -14.39
C LEU B 83 11.77 -3.11 -14.90
N TRP B 84 11.59 -2.30 -15.93
CA TRP B 84 10.25 -2.06 -16.47
C TRP B 84 9.86 -3.10 -17.55
N ARG B 85 8.92 -2.78 -18.42
CA ARG B 85 8.52 -3.72 -19.48
C ARG B 85 9.71 -4.24 -20.30
N TYR B 86 10.56 -3.32 -20.75
CA TYR B 86 11.67 -3.64 -21.64
C TYR B 86 13.04 -3.57 -21.01
N SER B 87 13.22 -2.66 -20.04
CA SER B 87 14.54 -2.39 -19.50
C SER B 87 14.99 -3.47 -18.53
N TYR B 88 16.32 -3.60 -18.41
CA TYR B 88 16.95 -4.54 -17.51
C TYR B 88 18.43 -4.33 -17.55
N THR B 89 19.10 -4.61 -16.45
CA THR B 89 20.53 -4.57 -16.42
C THR B 89 21.06 -5.99 -16.52
N ALA B 90 22.33 -6.11 -16.83
CA ALA B 90 22.97 -7.40 -17.00
C ALA B 90 24.48 -7.23 -16.96
N THR B 91 25.19 -8.31 -16.69
CA THR B 91 26.63 -8.31 -16.77
C THR B 91 26.97 -8.92 -18.13
N TYR B 92 28.10 -8.52 -18.71
CA TYR B 92 28.43 -8.95 -20.07
C TYR B 92 29.85 -9.48 -20.19
N TYR B 93 29.97 -10.78 -20.45
CA TYR B 93 31.26 -11.38 -20.70
C TYR B 93 31.40 -11.54 -22.18
N ILE B 94 32.35 -10.83 -22.76
CA ILE B 94 32.58 -11.01 -24.18
C ILE B 94 33.69 -12.04 -24.44
N TYR B 95 33.49 -12.82 -25.49
CA TYR B 95 34.25 -14.05 -25.74
C TYR B 95 34.84 -14.01 -27.13
N ASP B 96 36.14 -14.32 -27.22
CA ASP B 96 36.87 -14.34 -28.49
C ASP B 96 36.69 -15.71 -29.15
N LEU B 97 35.93 -15.74 -30.24
CA LEU B 97 35.64 -17.01 -30.91
C LEU B 97 36.87 -17.72 -31.50
N SER B 98 37.78 -16.94 -32.09
CA SER B 98 39.00 -17.42 -32.72
C SER B 98 39.96 -18.07 -31.74
N ASN B 99 40.19 -17.41 -30.61
CA ASN B 99 41.05 -17.97 -29.56
C ASN B 99 40.27 -18.84 -28.57
N GLY B 100 38.98 -19.01 -28.80
CA GLY B 100 38.13 -19.77 -27.91
C GLY B 100 38.27 -19.40 -26.44
N GLU B 101 38.56 -18.13 -26.17
CA GLU B 101 38.71 -17.65 -24.78
C GLU B 101 37.97 -16.33 -24.51
N PHE B 102 37.79 -16.00 -23.24
CA PHE B 102 37.16 -14.76 -22.85
C PHE B 102 38.15 -13.60 -22.97
N VAL B 103 37.64 -12.39 -23.22
CA VAL B 103 38.48 -11.22 -23.47
C VAL B 103 38.88 -10.54 -22.16
N ARG B 104 40.17 -10.30 -21.98
CA ARG B 104 40.71 -9.95 -20.67
C ARG B 104 40.98 -8.47 -20.40
N GLY B 105 41.52 -7.74 -21.38
CA GLY B 105 41.67 -6.30 -21.24
C GLY B 105 40.42 -5.62 -20.68
N ASN B 106 40.64 -4.56 -19.89
CA ASN B 106 39.56 -3.73 -19.33
C ASN B 106 38.15 -4.33 -19.33
N GLU B 107 37.85 -5.15 -18.34
CA GLU B 107 36.51 -5.72 -18.19
C GLU B 107 35.47 -4.61 -18.25
N LEU B 108 34.30 -4.93 -18.83
CA LEU B 108 33.16 -4.03 -18.84
C LEU B 108 32.67 -3.91 -17.40
N PRO B 109 32.11 -2.76 -17.04
CA PRO B 109 31.55 -2.56 -15.69
C PRO B 109 30.29 -3.39 -15.47
N ARG B 110 29.87 -3.56 -14.22
CA ARG B 110 28.68 -4.34 -13.87
C ARG B 110 27.54 -3.36 -13.52
N PRO B 111 26.32 -3.85 -13.30
CA PRO B 111 25.15 -3.40 -14.03
C PRO B 111 25.41 -2.51 -15.26
N ILE B 112 25.33 -3.14 -16.43
CA ILE B 112 25.23 -2.43 -17.69
C ILE B 112 23.75 -2.41 -18.09
N GLN B 113 23.28 -1.27 -18.57
CA GLN B 113 21.85 -1.05 -18.81
C GLN B 113 21.45 -1.32 -20.25
N TYR B 114 22.39 -1.11 -21.17
CA TYR B 114 22.25 -1.47 -22.57
C TYR B 114 23.62 -1.69 -23.17
N LEU B 115 23.71 -2.60 -24.13
CA LEU B 115 24.94 -2.84 -24.85
C LEU B 115 24.52 -3.49 -26.14
N CYS B 116 25.20 -3.12 -27.22
CA CYS B 116 24.91 -3.69 -28.51
C CYS B 116 26.17 -3.56 -29.34
N TRP B 117 26.29 -4.42 -30.34
CA TRP B 117 27.36 -4.32 -31.31
C TRP B 117 27.06 -3.19 -32.29
N SER B 118 28.07 -2.70 -33.01
CA SER B 118 27.81 -1.86 -34.18
C SER B 118 27.15 -2.80 -35.22
N PRO B 119 26.58 -2.27 -36.30
CA PRO B 119 25.91 -3.12 -37.31
C PRO B 119 26.92 -3.87 -38.18
N VAL B 120 28.17 -3.40 -38.22
CA VAL B 120 29.26 -4.07 -38.92
C VAL B 120 30.50 -4.02 -38.03
N GLY B 121 31.45 -4.91 -38.27
CA GLY B 121 32.61 -5.03 -37.41
C GLY B 121 32.24 -5.53 -36.02
N SER B 122 33.01 -5.11 -35.03
CA SER B 122 32.83 -5.55 -33.65
C SER B 122 33.12 -4.39 -32.67
N LYS B 123 32.51 -3.24 -32.91
CA LYS B 123 32.52 -2.15 -31.95
C LYS B 123 31.37 -2.32 -30.95
N LEU B 124 31.60 -1.89 -29.73
CA LEU B 124 30.59 -1.89 -28.69
C LEU B 124 30.14 -0.48 -28.36
N ALA B 125 28.83 -0.32 -28.15
CA ALA B 125 28.32 0.82 -27.42
C ALA B 125 27.55 0.27 -26.24
N TYR B 126 27.76 0.87 -25.08
CA TYR B 126 27.03 0.46 -23.90
C TYR B 126 26.63 1.63 -23.02
N VAL B 127 25.68 1.37 -22.14
CA VAL B 127 25.19 2.35 -21.21
C VAL B 127 25.39 1.85 -19.77
N TYR B 128 26.14 2.63 -19.01
CA TYR B 128 26.49 2.29 -17.64
C TYR B 128 26.21 3.54 -16.82
N GLN B 129 25.46 3.35 -15.75
CA GLN B 129 25.05 4.40 -14.84
C GLN B 129 24.55 5.64 -15.60
N ASN B 130 23.65 5.38 -16.53
CA ASN B 130 23.00 6.43 -17.31
C ASN B 130 23.93 7.21 -18.29
N ASN B 131 25.13 6.70 -18.54
CA ASN B 131 26.00 7.27 -19.57
C ASN B 131 26.38 6.28 -20.66
N ILE B 132 26.59 6.82 -21.86
CA ILE B 132 26.97 6.02 -23.01
C ILE B 132 28.48 5.88 -23.07
N TYR B 133 28.91 4.65 -23.34
CA TYR B 133 30.32 4.35 -23.53
C TYR B 133 30.57 3.68 -24.86
N LEU B 134 31.77 3.88 -25.37
CA LEU B 134 32.15 3.33 -26.66
C LEU B 134 33.47 2.53 -26.58
N LYS B 135 33.50 1.39 -27.26
CA LYS B 135 34.69 0.58 -27.38
C LYS B 135 34.95 0.30 -28.85
N GLN B 136 36.16 0.64 -29.31
CA GLN B 136 36.57 0.37 -30.69
C GLN B 136 36.73 -1.14 -30.88
N ARG B 137 37.16 -1.81 -29.83
CA ARG B 137 37.45 -3.24 -29.87
C ARG B 137 37.17 -3.87 -28.50
N PRO B 138 36.61 -5.07 -28.51
CA PRO B 138 36.21 -5.76 -27.28
C PRO B 138 37.07 -5.58 -26.05
N GLY B 139 38.39 -5.64 -26.16
CA GLY B 139 39.22 -5.56 -24.98
C GLY B 139 39.83 -4.21 -24.66
N ASP B 140 39.40 -3.16 -25.37
CA ASP B 140 39.99 -1.82 -25.20
C ASP B 140 39.44 -1.10 -23.96
N PRO B 141 40.17 -0.09 -23.45
CA PRO B 141 39.59 0.82 -22.45
C PRO B 141 38.46 1.67 -23.05
N PRO B 142 37.32 1.78 -22.37
CA PRO B 142 36.13 2.44 -22.92
C PRO B 142 36.34 3.93 -23.11
N PHE B 143 35.68 4.49 -24.12
CA PHE B 143 35.68 5.93 -24.32
C PHE B 143 34.33 6.49 -23.87
N GLN B 144 34.37 7.41 -22.91
CA GLN B 144 33.15 7.97 -22.37
C GLN B 144 32.59 9.01 -23.32
N ILE B 145 31.33 8.84 -23.71
CA ILE B 145 30.67 9.75 -24.64
C ILE B 145 29.84 10.82 -23.94
N THR B 146 29.07 10.41 -22.95
CA THR B 146 28.30 11.35 -22.13
C THR B 146 28.75 11.28 -20.67
N PHE B 147 28.63 12.40 -19.96
CA PHE B 147 29.11 12.51 -18.60
C PHE B 147 28.05 12.93 -17.60
N ASN B 148 26.93 13.46 -18.09
CA ASN B 148 25.90 14.04 -17.24
C ASN B 148 24.81 13.07 -16.83
N GLY B 149 24.99 11.79 -17.13
CA GLY B 149 24.06 10.80 -16.63
C GLY B 149 23.95 10.91 -15.11
N ARG B 150 22.74 10.71 -14.61
CA ARG B 150 22.49 10.71 -13.18
C ARG B 150 21.22 9.88 -12.88
N GLU B 151 21.32 8.93 -11.94
CA GLU B 151 20.18 8.09 -11.56
C GLU B 151 18.87 8.87 -11.59
N ASN B 152 17.94 8.37 -12.39
CA ASN B 152 16.72 9.11 -12.74
C ASN B 152 16.71 10.61 -12.48
N LYS B 153 17.50 11.30 -13.29
CA LYS B 153 17.37 12.71 -13.49
C LYS B 153 17.66 12.86 -14.97
N ILE B 154 18.79 12.30 -15.40
CA ILE B 154 19.25 12.48 -16.76
C ILE B 154 19.68 11.13 -17.28
N PHE B 155 19.14 10.76 -18.45
CA PHE B 155 19.40 9.46 -19.10
C PHE B 155 20.02 9.67 -20.46
N ASN B 156 21.20 9.09 -20.71
CA ASN B 156 21.74 9.02 -22.07
C ASN B 156 21.68 7.62 -22.72
N GLY B 157 21.11 7.56 -23.91
CA GLY B 157 21.03 6.33 -24.67
C GLY B 157 20.18 5.19 -24.11
N ILE B 158 19.37 5.50 -23.09
CA ILE B 158 18.28 4.62 -22.68
C ILE B 158 17.15 5.56 -22.37
N PRO B 159 15.91 5.14 -22.51
CA PRO B 159 14.79 6.02 -22.23
C PRO B 159 14.67 6.22 -20.73
N ASP B 160 13.79 7.12 -20.31
CA ASP B 160 13.34 7.18 -18.93
C ASP B 160 12.03 6.38 -18.89
N TRP B 161 11.28 6.46 -17.80
CA TRP B 161 10.09 5.63 -17.69
C TRP B 161 9.06 5.86 -18.80
N VAL B 162 8.62 7.10 -18.94
CA VAL B 162 7.54 7.41 -19.85
C VAL B 162 7.89 7.07 -21.31
N TYR B 163 9.13 7.29 -21.68
CA TYR B 163 9.54 7.05 -23.06
C TYR B 163 9.73 5.58 -23.36
N GLU B 164 10.16 4.81 -22.35
CA GLU B 164 10.24 3.35 -22.50
C GLU B 164 8.86 2.78 -22.77
N GLU B 165 7.95 2.96 -21.81
CA GLU B 165 6.65 2.29 -21.86
C GLU B 165 5.69 2.93 -22.87
N GLU B 166 5.83 4.22 -23.16
CA GLU B 166 4.78 4.94 -23.91
C GLU B 166 5.12 5.46 -25.31
N MET B 167 6.42 5.63 -25.59
CA MET B 167 6.86 6.18 -26.85
C MET B 167 7.73 5.17 -27.62
N LEU B 168 8.82 4.73 -26.99
CA LEU B 168 9.79 3.90 -27.70
C LEU B 168 9.43 2.40 -27.68
N ALA B 169 8.86 1.91 -26.57
CA ALA B 169 8.59 0.47 -26.41
C ALA B 169 9.88 -0.36 -26.57
N THR B 170 10.96 0.19 -26.05
CA THR B 170 12.31 -0.22 -26.38
C THR B 170 13.12 0.06 -25.13
N LYS B 171 14.17 -0.70 -24.87
CA LYS B 171 14.96 -0.49 -23.64
C LYS B 171 16.16 0.38 -23.90
N TYR B 172 16.27 0.87 -25.11
CA TYR B 172 17.47 1.55 -25.56
C TYR B 172 17.03 2.77 -26.29
N ALA B 173 17.91 3.76 -26.38
CA ALA B 173 17.63 4.92 -27.16
C ALA B 173 18.95 5.42 -27.71
N LEU B 174 19.65 4.53 -28.39
CA LEU B 174 20.82 4.88 -29.21
C LEU B 174 20.80 3.98 -30.44
N TRP B 175 21.22 4.55 -31.56
CA TRP B 175 21.15 3.82 -32.82
C TRP B 175 22.40 4.06 -33.60
N TRP B 176 23.16 3.00 -33.92
CA TRP B 176 24.32 3.08 -34.80
C TRP B 176 23.87 3.37 -36.21
N SER B 177 24.67 4.18 -36.92
CA SER B 177 24.49 4.40 -38.34
C SER B 177 24.81 3.09 -39.04
N PRO B 178 24.31 2.90 -40.27
CA PRO B 178 24.40 1.61 -40.98
C PRO B 178 25.76 0.89 -40.97
N ASN B 179 26.86 1.63 -41.09
CA ASN B 179 28.19 1.04 -41.07
C ASN B 179 29.00 1.43 -39.84
N GLY B 180 28.33 1.94 -38.82
CA GLY B 180 29.00 2.32 -37.60
C GLY B 180 29.71 3.67 -37.62
N LYS B 181 29.61 4.45 -38.69
CA LYS B 181 30.31 5.74 -38.72
C LYS B 181 29.90 6.66 -37.56
N PHE B 182 28.59 6.70 -37.27
CA PHE B 182 28.03 7.55 -36.22
C PHE B 182 27.20 6.77 -35.21
N LEU B 183 27.08 7.29 -33.99
CA LEU B 183 26.06 6.81 -33.07
C LEU B 183 25.15 7.97 -32.75
N ALA B 184 23.85 7.73 -32.85
CA ALA B 184 22.87 8.71 -32.49
C ALA B 184 22.28 8.23 -31.18
N TYR B 185 21.95 9.18 -30.30
CA TYR B 185 21.49 8.81 -28.96
C TYR B 185 20.59 9.89 -28.44
N ALA B 186 19.71 9.53 -27.53
CA ALA B 186 18.79 10.49 -26.91
C ALA B 186 19.31 10.88 -25.54
N GLU B 187 19.16 12.15 -25.18
CA GLU B 187 19.37 12.52 -23.79
C GLU B 187 18.03 12.95 -23.21
N PHE B 188 17.56 12.23 -22.19
CA PHE B 188 16.34 12.58 -21.46
C PHE B 188 16.59 13.29 -20.11
N ASN B 189 15.99 14.46 -19.95
CA ASN B 189 15.97 15.18 -18.68
C ASN B 189 14.64 14.98 -17.87
N ASP B 190 14.74 14.31 -16.73
CA ASP B 190 13.59 14.10 -15.84
C ASP B 190 13.68 14.95 -14.56
N THR B 191 14.62 15.91 -14.54
CA THR B 191 15.00 16.64 -13.33
C THR B 191 13.84 17.32 -12.61
N ASP B 192 12.95 17.99 -13.34
CA ASP B 192 11.89 18.68 -12.59
C ASP B 192 10.52 18.10 -12.85
N ILE B 193 10.46 16.93 -13.45
CA ILE B 193 9.18 16.24 -13.47
C ILE B 193 8.84 15.64 -12.08
N PRO B 194 7.56 15.68 -11.69
CA PRO B 194 7.14 15.07 -10.43
C PRO B 194 7.39 13.57 -10.42
N VAL B 195 7.33 13.01 -9.22
CA VAL B 195 7.79 11.66 -8.97
C VAL B 195 6.62 10.86 -8.44
N ILE B 196 6.48 9.62 -8.91
CA ILE B 196 5.59 8.68 -8.26
C ILE B 196 6.37 7.92 -7.21
N ALA B 197 5.88 8.01 -5.99
CA ALA B 197 6.49 7.39 -4.82
C ALA B 197 5.58 6.30 -4.28
N TYR B 198 6.12 5.12 -4.04
CA TYR B 198 5.32 4.04 -3.45
C TYR B 198 6.24 3.15 -2.67
N SER B 199 5.63 2.28 -1.87
CA SER B 199 6.39 1.41 -1.00
C SER B 199 6.67 0.06 -1.64
N TYR B 200 7.86 -0.46 -1.36
CA TYR B 200 8.26 -1.81 -1.68
C TYR B 200 8.66 -2.42 -0.36
N TYR B 201 7.94 -3.47 0.05
CA TYR B 201 8.14 -4.03 1.39
C TYR B 201 9.34 -4.97 1.46
N GLY B 202 9.73 -5.50 0.32
CA GLY B 202 10.89 -6.35 0.19
C GLY B 202 11.00 -7.42 1.26
N ASP B 203 12.21 -7.57 1.76
CA ASP B 203 12.54 -8.64 2.68
C ASP B 203 13.24 -8.15 3.92
N GLU B 204 13.52 -6.85 3.96
CA GLU B 204 14.17 -6.28 5.12
C GLU B 204 13.18 -5.88 6.22
N GLN B 205 13.68 -5.27 7.27
CA GLN B 205 12.86 -4.92 8.42
C GLN B 205 12.08 -3.63 8.13
N TYR B 206 12.60 -2.80 7.24
CA TYR B 206 11.96 -1.53 6.87
C TYR B 206 11.59 -1.53 5.40
N PRO B 207 10.38 -1.09 5.07
CA PRO B 207 10.00 -0.91 3.67
C PRO B 207 10.85 0.22 3.09
N ARG B 208 11.03 0.26 1.76
CA ARG B 208 11.62 1.45 1.16
C ARG B 208 10.68 2.11 0.19
N THR B 209 10.97 3.39 -0.05
CA THR B 209 10.26 4.18 -1.01
C THR B 209 10.93 3.90 -2.31
N ILE B 210 10.12 3.73 -3.35
CA ILE B 210 10.55 3.77 -4.74
C ILE B 210 10.06 5.08 -5.34
N ASN B 211 10.95 5.78 -6.03
CA ASN B 211 10.64 7.01 -6.72
C ASN B 211 10.94 6.87 -8.22
N ILE B 212 9.92 7.05 -9.06
CA ILE B 212 10.13 7.18 -10.50
C ILE B 212 9.62 8.53 -11.01
N PRO B 213 10.46 9.29 -11.73
CA PRO B 213 9.96 10.49 -12.41
C PRO B 213 8.92 10.02 -13.40
N TYR B 214 7.72 10.56 -13.30
CA TYR B 214 6.58 9.98 -14.00
C TYR B 214 5.57 11.06 -14.25
N PRO B 215 5.51 11.57 -15.48
CA PRO B 215 4.69 12.74 -15.75
C PRO B 215 3.25 12.27 -15.91
N LYS B 216 2.43 12.57 -14.91
CA LYS B 216 1.00 12.32 -14.96
C LYS B 216 0.31 13.33 -15.88
N ALA B 217 -0.91 13.05 -16.30
CA ALA B 217 -1.64 13.97 -17.17
C ALA B 217 -1.44 15.43 -16.80
N GLY B 218 -0.87 16.20 -17.72
CA GLY B 218 -0.75 17.63 -17.54
C GLY B 218 0.52 18.01 -16.81
N ALA B 219 1.19 17.04 -16.20
CA ALA B 219 2.38 17.33 -15.39
C ALA B 219 3.54 17.73 -16.30
N LYS B 220 4.66 18.19 -15.75
CA LYS B 220 5.75 18.57 -16.66
C LYS B 220 6.41 17.32 -17.24
N ASN B 221 6.77 17.39 -18.52
CA ASN B 221 7.27 16.24 -19.27
C ASN B 221 8.81 16.21 -19.33
N PRO B 222 9.39 15.05 -19.63
CA PRO B 222 10.84 14.98 -19.81
C PRO B 222 11.17 15.84 -21.01
N VAL B 223 12.38 16.39 -21.05
CA VAL B 223 12.85 17.01 -22.28
C VAL B 223 13.91 16.13 -22.95
N VAL B 224 13.89 16.12 -24.27
CA VAL B 224 14.81 15.34 -25.05
C VAL B 224 15.71 16.21 -25.88
N ARG B 225 16.93 15.71 -26.01
CA ARG B 225 17.89 16.21 -26.97
C ARG B 225 18.38 14.98 -27.67
N ILE B 226 18.43 15.05 -28.99
CA ILE B 226 19.03 14.00 -29.79
C ILE B 226 20.39 14.48 -30.28
N PHE B 227 21.39 13.62 -30.10
CA PHE B 227 22.75 13.91 -30.53
C PHE B 227 23.25 12.81 -31.47
N ILE B 228 24.24 13.16 -32.29
CA ILE B 228 24.99 12.19 -33.04
C ILE B 228 26.46 12.53 -32.91
N ILE B 229 27.28 11.56 -32.48
CA ILE B 229 28.77 11.67 -32.48
C ILE B 229 29.36 10.82 -33.56
N ASP B 230 30.46 11.32 -34.11
CA ASP B 230 31.34 10.51 -34.91
C ASP B 230 31.96 9.46 -34.01
N THR B 231 32.01 8.24 -34.50
CA THR B 231 32.31 7.10 -33.68
C THR B 231 33.79 6.79 -33.75
N THR B 232 34.49 7.58 -34.56
CA THR B 232 35.91 7.40 -34.79
C THR B 232 36.63 8.69 -34.38
N TYR B 233 35.91 9.79 -34.34
CA TYR B 233 36.45 11.06 -33.90
C TYR B 233 35.60 11.66 -32.76
N PRO B 234 35.17 10.84 -31.78
CA PRO B 234 34.27 11.32 -30.74
C PRO B 234 34.84 12.49 -29.93
N ALA B 235 36.12 12.50 -29.63
CA ALA B 235 36.66 13.63 -28.88
C ALA B 235 36.99 14.79 -29.79
N TYR B 236 37.49 14.50 -30.99
CA TYR B 236 37.92 15.51 -31.95
C TYR B 236 36.76 16.41 -32.32
N VAL B 237 35.65 15.81 -32.70
CA VAL B 237 34.50 16.56 -33.24
C VAL B 237 33.44 16.80 -32.15
N GLY B 238 33.22 15.80 -31.30
CA GLY B 238 32.31 15.93 -30.17
C GLY B 238 30.90 15.76 -30.65
N PRO B 239 29.97 15.59 -29.72
CA PRO B 239 28.60 15.21 -30.07
C PRO B 239 27.86 16.36 -30.70
N GLN B 240 27.14 16.11 -31.79
CA GLN B 240 26.41 17.18 -32.46
C GLN B 240 24.93 16.98 -32.30
N GLU B 241 24.25 18.00 -31.79
CA GLU B 241 22.81 17.98 -31.59
C GLU B 241 22.09 18.07 -32.92
N VAL B 242 21.12 17.19 -33.12
CA VAL B 242 20.28 17.23 -34.29
C VAL B 242 19.28 18.38 -34.16
N PRO B 243 19.22 19.26 -35.15
CA PRO B 243 18.37 20.44 -35.03
C PRO B 243 16.89 20.06 -35.04
N VAL B 244 16.09 20.73 -34.21
CA VAL B 244 14.67 20.39 -34.11
C VAL B 244 13.85 21.37 -34.96
N PRO B 245 12.92 20.84 -35.73
CA PRO B 245 12.06 21.69 -36.57
C PRO B 245 11.37 22.77 -35.74
N ALA B 246 11.44 24.03 -36.22
CA ALA B 246 10.79 25.18 -35.59
C ALA B 246 9.36 24.92 -35.09
N MET B 247 8.56 24.27 -35.93
CA MET B 247 7.16 24.00 -35.59
C MET B 247 7.06 22.87 -34.55
N ILE B 248 8.20 22.28 -34.21
CA ILE B 248 8.25 21.33 -33.11
C ILE B 248 8.81 22.02 -31.87
N ALA B 249 9.78 22.92 -32.07
CA ALA B 249 10.43 23.57 -30.93
C ALA B 249 9.51 24.57 -30.26
N SER B 250 8.44 24.99 -30.95
CA SER B 250 7.59 26.10 -30.46
C SER B 250 6.68 25.79 -29.24
N SER B 251 6.75 24.57 -28.74
CA SER B 251 6.02 24.15 -27.55
C SER B 251 6.62 22.85 -27.03
N ASP B 252 6.09 22.33 -25.92
CA ASP B 252 6.45 20.99 -25.48
C ASP B 252 6.39 20.04 -26.66
N TYR B 253 7.28 19.05 -26.67
CA TYR B 253 7.26 18.07 -27.72
C TYR B 253 7.92 16.76 -27.34
N TYR B 254 7.92 15.84 -28.29
CA TYR B 254 8.51 14.52 -28.08
C TYR B 254 9.35 14.11 -29.26
N PHE B 255 10.39 13.33 -28.98
CA PHE B 255 11.01 12.54 -30.01
C PHE B 255 10.26 11.19 -30.07
N SER B 256 9.89 10.74 -31.27
CA SER B 256 9.07 9.54 -31.37
C SER B 256 9.82 8.31 -31.88
N TRP B 257 10.78 8.52 -32.78
CA TRP B 257 11.67 7.45 -33.23
C TRP B 257 12.74 8.04 -34.12
N LEU B 258 13.82 7.29 -34.33
CA LEU B 258 14.89 7.67 -35.24
C LEU B 258 15.13 6.53 -36.22
N THR B 259 15.37 6.87 -37.48
CA THR B 259 15.64 5.84 -38.49
C THR B 259 16.78 6.30 -39.37
N TRP B 260 17.85 5.52 -39.40
CA TRP B 260 18.97 5.81 -40.29
C TRP B 260 18.64 5.44 -41.72
N VAL B 261 19.28 6.15 -42.64
CA VAL B 261 19.03 5.92 -44.03
C VAL B 261 20.32 5.36 -44.56
N THR B 262 21.26 6.24 -44.92
CA THR B 262 22.65 5.87 -45.15
C THR B 262 23.44 6.30 -43.93
N ASP B 263 24.77 6.19 -44.00
CA ASP B 263 25.62 6.70 -42.94
C ASP B 263 25.60 8.22 -42.88
N GLU B 264 25.10 8.88 -43.93
CA GLU B 264 25.20 10.34 -44.00
C GLU B 264 23.82 10.96 -43.98
N ARG B 265 22.85 10.20 -43.50
CA ARG B 265 21.45 10.57 -43.61
C ARG B 265 20.60 9.84 -42.60
N VAL B 266 19.90 10.63 -41.79
CA VAL B 266 19.15 10.14 -40.66
C VAL B 266 17.75 10.74 -40.70
N CYS B 267 16.78 9.92 -40.30
CA CYS B 267 15.40 10.35 -40.27
C CYS B 267 14.90 10.45 -38.83
N LEU B 268 14.34 11.62 -38.51
CA LEU B 268 13.92 11.91 -37.15
C LEU B 268 12.46 12.18 -37.16
N GLN B 269 11.79 11.55 -36.22
CA GLN B 269 10.38 11.80 -36.05
C GLN B 269 10.10 12.48 -34.72
N TRP B 270 9.43 13.62 -34.81
CA TRP B 270 8.97 14.34 -33.66
C TRP B 270 7.44 14.33 -33.55
N LEU B 271 6.93 14.60 -32.35
CA LEU B 271 5.51 14.61 -32.13
C LEU B 271 5.18 15.76 -31.16
N LYS B 272 4.36 16.70 -31.61
CA LYS B 272 4.02 17.86 -30.80
C LYS B 272 3.30 17.37 -29.57
N ARG B 273 3.57 17.99 -28.43
CA ARG B 273 2.92 17.56 -27.18
C ARG B 273 1.40 17.38 -27.28
N VAL B 274 0.72 18.26 -28.02
CA VAL B 274 -0.64 18.02 -28.48
C VAL B 274 -0.48 17.06 -29.67
N GLN B 275 -0.84 15.80 -29.49
CA GLN B 275 -0.30 14.79 -30.40
C GLN B 275 -1.11 14.56 -31.68
N ASN B 276 -1.60 15.63 -32.29
CA ASN B 276 -2.37 15.44 -33.52
C ASN B 276 -1.52 15.78 -34.73
N VAL B 277 -0.28 16.20 -34.46
CA VAL B 277 0.68 16.54 -35.49
C VAL B 277 1.98 15.76 -35.32
N SER B 278 2.39 15.06 -36.36
CA SER B 278 3.70 14.41 -36.37
C SER B 278 4.58 15.07 -37.41
N VAL B 279 5.89 15.15 -37.13
CA VAL B 279 6.81 15.64 -38.16
C VAL B 279 7.89 14.61 -38.43
N LEU B 280 8.13 14.39 -39.72
CA LEU B 280 9.22 13.52 -40.16
C LEU B 280 10.31 14.40 -40.75
N SER B 281 11.54 14.15 -40.33
CA SER B 281 12.62 15.09 -40.62
C SER B 281 13.80 14.31 -41.16
N ILE B 282 14.24 14.66 -42.36
CA ILE B 282 15.37 13.95 -42.92
C ILE B 282 16.56 14.88 -42.93
N CYS B 283 17.62 14.47 -42.24
CA CYS B 283 18.82 15.28 -42.06
C CYS B 283 20.01 14.67 -42.78
N ASP B 284 20.83 15.53 -43.38
CA ASP B 284 22.07 15.10 -44.04
C ASP B 284 23.31 15.63 -43.35
N PHE B 285 24.43 14.96 -43.55
CA PHE B 285 25.67 15.33 -42.90
C PHE B 285 26.39 16.34 -43.78
N ARG B 286 26.84 17.43 -43.17
CA ARG B 286 27.70 18.43 -43.81
C ARG B 286 29.13 18.00 -43.50
N GLU B 287 30.04 18.13 -44.45
CA GLU B 287 31.44 17.79 -44.15
C GLU B 287 32.20 19.00 -43.64
N ASP B 288 31.82 20.18 -44.11
CA ASP B 288 32.51 21.42 -43.78
C ASP B 288 32.45 21.75 -42.30
N TRP B 289 31.31 21.45 -41.67
CA TRP B 289 31.13 21.65 -40.23
C TRP B 289 31.03 20.33 -39.45
N GLN B 290 30.98 19.19 -40.16
CA GLN B 290 30.92 17.88 -39.52
C GLN B 290 29.72 17.81 -38.60
N THR B 291 28.58 18.23 -39.13
CA THR B 291 27.37 18.45 -38.35
C THR B 291 26.16 18.03 -39.18
N TRP B 292 24.95 18.12 -38.62
CA TRP B 292 23.72 17.73 -39.34
C TRP B 292 22.85 18.91 -39.78
N ASP B 293 22.41 18.84 -41.03
CA ASP B 293 21.60 19.88 -41.63
C ASP B 293 20.25 19.31 -41.99
N CYS B 294 19.18 19.90 -41.44
CA CYS B 294 17.82 19.42 -41.68
C CYS B 294 16.99 20.47 -42.41
N PRO B 295 16.89 20.37 -43.73
CA PRO B 295 16.26 21.43 -44.51
C PRO B 295 14.73 21.30 -44.50
N LYS B 296 14.06 22.46 -44.46
CA LYS B 296 12.60 22.56 -44.46
C LYS B 296 12.02 21.61 -45.48
N THR B 297 12.50 21.73 -46.72
CA THR B 297 12.12 20.83 -47.81
C THR B 297 12.09 19.31 -47.46
N GLN B 298 12.73 18.93 -46.36
CA GLN B 298 12.80 17.52 -45.95
C GLN B 298 12.07 17.29 -44.63
N GLU B 299 11.24 18.24 -44.26
CA GLU B 299 10.33 18.14 -43.13
C GLU B 299 8.96 17.69 -43.66
N HIS B 300 8.43 16.58 -43.17
CA HIS B 300 7.17 16.04 -43.66
C HIS B 300 6.12 16.04 -42.56
N ILE B 301 5.01 16.72 -42.79
CA ILE B 301 3.95 16.81 -41.80
C ILE B 301 2.93 15.69 -41.92
N GLU B 302 2.50 15.20 -40.78
CA GLU B 302 1.40 14.25 -40.73
C GLU B 302 0.49 14.67 -39.61
N GLU B 303 -0.70 15.09 -40.00
CA GLU B 303 -1.68 15.72 -39.15
C GLU B 303 -2.85 14.78 -38.96
N SER B 304 -3.56 14.94 -37.84
CA SER B 304 -4.89 14.35 -37.71
C SER B 304 -5.89 15.44 -37.41
N ARG B 305 -6.82 15.66 -38.34
CA ARG B 305 -7.88 16.65 -38.20
C ARG B 305 -8.82 16.34 -37.05
N THR B 306 -9.15 15.06 -36.89
CA THR B 306 -10.20 14.64 -35.96
C THR B 306 -9.73 13.65 -34.90
N GLY B 307 -8.43 13.49 -34.72
CA GLY B 307 -7.90 12.52 -33.76
C GLY B 307 -6.44 12.76 -33.42
N TRP B 308 -5.70 11.67 -33.31
CA TRP B 308 -4.27 11.75 -32.99
C TRP B 308 -3.45 11.21 -34.14
N ALA B 309 -2.29 11.84 -34.36
CA ALA B 309 -1.40 11.40 -35.41
C ALA B 309 -0.90 10.01 -35.06
N GLY B 310 -1.09 9.07 -35.98
CA GLY B 310 -0.63 7.70 -35.80
C GLY B 310 -1.74 6.71 -35.51
N GLY B 311 -1.33 5.53 -35.06
CA GLY B 311 -2.25 4.53 -34.54
C GLY B 311 -2.05 4.62 -33.04
N PHE B 312 -1.32 3.67 -32.50
CA PHE B 312 -1.00 3.74 -31.12
C PHE B 312 0.23 4.56 -30.97
N PHE B 313 1.16 4.33 -31.89
CA PHE B 313 2.36 5.12 -32.06
C PHE B 313 2.28 5.67 -33.48
N VAL B 314 3.14 6.66 -33.75
CA VAL B 314 3.31 7.16 -35.09
C VAL B 314 3.89 6.00 -35.86
N SER B 315 3.52 5.90 -37.12
CA SER B 315 4.20 5.06 -38.11
C SER B 315 5.66 5.51 -38.32
N THR B 316 6.54 4.55 -38.58
CA THR B 316 7.92 4.87 -38.94
C THR B 316 8.12 4.57 -40.40
N PRO B 317 8.92 5.39 -41.09
CA PRO B 317 9.22 5.19 -42.51
C PRO B 317 10.07 3.95 -42.72
N VAL B 318 9.83 3.21 -43.80
CA VAL B 318 10.84 2.25 -44.21
C VAL B 318 11.26 2.67 -45.61
N PHE B 319 12.57 2.82 -45.79
CA PHE B 319 13.16 3.53 -46.94
C PHE B 319 13.44 2.59 -48.09
N SER B 320 13.51 3.12 -49.29
CA SER B 320 13.82 2.31 -50.45
C SER B 320 15.31 1.98 -50.51
N TYR B 321 15.67 0.98 -51.29
CA TYR B 321 17.04 0.64 -51.64
C TYR B 321 17.83 1.88 -52.07
N ASP B 322 17.16 2.79 -52.77
CA ASP B 322 17.80 4.00 -53.25
C ASP B 322 18.17 4.97 -52.15
N ALA B 323 17.54 4.81 -51.00
CA ALA B 323 17.84 5.61 -49.80
C ALA B 323 17.43 7.08 -49.92
N ILE B 324 16.44 7.36 -50.76
CA ILE B 324 15.81 8.69 -50.78
C ILE B 324 14.32 8.61 -50.54
N SER B 325 13.68 7.71 -51.27
CA SER B 325 12.24 7.53 -51.10
C SER B 325 11.99 6.66 -49.88
N TYR B 326 10.78 6.73 -49.34
CA TYR B 326 10.38 5.85 -48.27
C TYR B 326 8.90 5.51 -48.36
N TYR B 327 8.52 4.46 -47.66
CA TYR B 327 7.13 4.03 -47.55
C TYR B 327 6.69 4.18 -46.13
N LYS B 328 5.44 4.57 -45.93
CA LYS B 328 4.90 4.78 -44.60
C LYS B 328 3.42 4.47 -44.66
N ILE B 329 2.90 3.78 -43.65
CA ILE B 329 1.46 3.56 -43.51
C ILE B 329 0.82 4.72 -42.77
N PHE B 330 -0.13 5.40 -43.39
CA PHE B 330 -0.99 6.31 -42.62
C PHE B 330 -2.39 6.44 -43.21
N SER B 331 -3.32 6.99 -42.43
CA SER B 331 -4.68 7.31 -42.90
C SER B 331 -4.74 7.96 -44.27
N ASP B 332 -5.53 7.38 -45.17
CA ASP B 332 -5.81 8.03 -46.45
C ASP B 332 -7.07 8.90 -46.33
N LYS B 333 -7.44 9.57 -47.43
CA LYS B 333 -8.59 10.49 -47.44
C LYS B 333 -9.89 9.89 -46.88
N ASP B 334 -10.05 8.57 -47.01
CA ASP B 334 -11.24 7.86 -46.52
C ASP B 334 -11.12 7.47 -45.05
N GLY B 335 -9.99 7.81 -44.43
CA GLY B 335 -9.78 7.46 -43.04
C GLY B 335 -9.26 6.06 -42.80
N TYR B 336 -8.87 5.37 -43.87
CA TYR B 336 -8.25 4.07 -43.75
C TYR B 336 -6.73 4.18 -43.84
N LYS B 337 -6.04 3.40 -43.03
CA LYS B 337 -4.58 3.53 -42.96
C LYS B 337 -3.89 2.57 -43.95
N HIS B 338 -3.16 3.16 -44.90
CA HIS B 338 -2.59 2.43 -46.01
C HIS B 338 -1.17 2.90 -46.31
N ILE B 339 -0.47 2.13 -47.15
CA ILE B 339 0.90 2.42 -47.48
C ILE B 339 0.95 3.49 -48.54
N HIS B 340 1.81 4.49 -48.33
CA HIS B 340 2.06 5.54 -49.30
C HIS B 340 3.51 5.49 -49.63
N TYR B 341 3.86 6.01 -50.81
CA TYR B 341 5.21 5.97 -51.31
C TYR B 341 5.63 7.41 -51.55
N ILE B 342 6.69 7.82 -50.87
CA ILE B 342 7.05 9.21 -50.74
C ILE B 342 8.44 9.45 -51.32
N LYS B 343 8.52 10.30 -52.35
CA LYS B 343 9.78 10.73 -52.93
C LYS B 343 10.15 12.10 -52.38
N ASP B 344 9.81 13.21 -53.06
CA ASP B 344 10.10 14.51 -52.43
C ASP B 344 9.15 14.87 -51.29
N THR B 345 8.12 15.67 -51.56
CA THR B 345 7.19 16.12 -50.53
C THR B 345 6.07 15.13 -50.28
N VAL B 346 5.51 15.19 -49.06
CA VAL B 346 4.48 14.27 -48.59
C VAL B 346 3.12 14.59 -49.20
N GLU B 347 2.93 15.85 -49.61
CA GLU B 347 1.73 16.26 -50.31
C GLU B 347 1.64 15.51 -51.64
N ASN B 348 2.78 14.97 -52.09
CA ASN B 348 2.88 14.29 -53.38
C ASN B 348 2.90 12.78 -53.27
N ALA B 349 2.82 12.26 -52.04
CA ALA B 349 2.84 10.81 -51.81
C ALA B 349 1.89 10.14 -52.77
N ILE B 350 2.25 8.94 -53.21
CA ILE B 350 1.31 8.13 -53.98
C ILE B 350 0.81 6.99 -53.11
N GLN B 351 -0.50 6.86 -52.98
CA GLN B 351 -1.06 5.77 -52.19
C GLN B 351 -0.95 4.47 -52.98
N ILE B 352 -0.36 3.44 -52.40
CA ILE B 352 -0.17 2.21 -53.15
C ILE B 352 -0.90 1.01 -52.53
N THR B 353 -1.68 1.28 -51.51
CA THR B 353 -2.63 0.31 -50.97
C THR B 353 -3.94 1.04 -50.70
N SER B 354 -5.09 0.38 -50.82
CA SER B 354 -6.38 0.99 -50.49
C SER B 354 -7.52 -0.01 -50.40
N GLY B 355 -8.62 0.41 -49.75
CA GLY B 355 -9.73 -0.48 -49.45
C GLY B 355 -10.20 -0.36 -48.01
N LYS B 356 -11.37 -0.91 -47.73
CA LYS B 356 -11.93 -0.81 -46.39
C LYS B 356 -11.34 -1.95 -45.59
N TRP B 357 -10.11 -1.69 -45.17
CA TRP B 357 -9.22 -2.60 -44.46
C TRP B 357 -7.92 -1.79 -44.35
N GLU B 358 -6.96 -2.27 -43.55
CA GLU B 358 -5.80 -1.47 -43.26
C GLU B 358 -4.49 -2.20 -43.40
N ALA B 359 -3.49 -1.48 -43.90
CA ALA B 359 -2.12 -1.94 -43.89
C ALA B 359 -1.66 -1.74 -42.47
N ILE B 360 -1.22 -2.84 -41.86
CA ILE B 360 -0.95 -2.82 -40.43
C ILE B 360 0.51 -2.65 -40.05
N ASN B 361 1.41 -3.24 -40.82
CA ASN B 361 2.84 -3.11 -40.59
C ASN B 361 3.61 -3.39 -41.86
N ILE B 362 4.56 -2.52 -42.19
CA ILE B 362 5.49 -2.76 -43.30
C ILE B 362 6.72 -3.52 -42.82
N PHE B 363 6.88 -4.78 -43.25
CA PHE B 363 8.00 -5.59 -42.77
C PHE B 363 9.31 -5.32 -43.46
N ARG B 364 9.30 -5.26 -44.80
CA ARG B 364 10.53 -5.09 -45.56
C ARG B 364 10.30 -4.42 -46.89
N VAL B 365 11.29 -3.64 -47.33
CA VAL B 365 11.30 -3.01 -48.64
C VAL B 365 12.61 -3.37 -49.32
N THR B 366 12.52 -4.08 -50.44
CA THR B 366 13.70 -4.55 -51.20
C THR B 366 13.90 -3.74 -52.49
N GLN B 367 14.50 -4.34 -53.53
CA GLN B 367 14.61 -3.66 -54.82
C GLN B 367 13.25 -3.67 -55.53
N ASP B 368 12.53 -4.78 -55.42
CA ASP B 368 11.32 -4.99 -56.21
C ASP B 368 10.05 -5.22 -55.41
N SER B 369 10.19 -5.66 -54.16
CA SER B 369 9.02 -6.01 -53.39
C SER B 369 8.89 -5.25 -52.09
N LEU B 370 7.65 -5.15 -51.60
CA LEU B 370 7.37 -4.60 -50.29
C LEU B 370 6.48 -5.61 -49.55
N PHE B 371 6.95 -6.09 -48.41
CA PHE B 371 6.21 -7.06 -47.61
C PHE B 371 5.50 -6.32 -46.49
N TYR B 372 4.21 -6.61 -46.32
CA TYR B 372 3.40 -5.92 -45.31
C TYR B 372 2.31 -6.84 -44.79
N SER B 373 1.83 -6.56 -43.58
CA SER B 373 0.72 -7.32 -43.03
C SER B 373 -0.55 -6.50 -43.20
N SER B 374 -1.69 -7.19 -43.25
CA SER B 374 -2.97 -6.53 -43.43
C SER B 374 -4.14 -7.42 -43.04
N ASN B 375 -5.30 -6.79 -42.87
CA ASN B 375 -6.53 -7.51 -42.57
C ASN B 375 -7.53 -7.64 -43.76
N GLU B 376 -7.06 -7.27 -44.96
CA GLU B 376 -7.85 -7.40 -46.20
C GLU B 376 -8.60 -8.74 -46.39
N PHE B 377 -7.90 -9.85 -46.27
CA PHE B 377 -8.42 -11.15 -46.70
C PHE B 377 -9.78 -11.55 -46.13
N GLU B 378 -10.77 -11.66 -47.02
CA GLU B 378 -12.15 -12.02 -46.67
C GLU B 378 -12.73 -11.02 -45.69
N GLU B 379 -12.01 -9.92 -45.53
CA GLU B 379 -12.38 -8.75 -44.73
C GLU B 379 -12.70 -8.88 -43.24
N TYR B 380 -12.09 -9.88 -42.60
CA TYR B 380 -12.02 -9.99 -41.13
C TYR B 380 -10.94 -9.06 -40.64
N PRO B 381 -11.30 -8.04 -39.83
CA PRO B 381 -10.32 -7.06 -39.34
C PRO B 381 -9.32 -7.58 -38.31
N GLY B 382 -9.56 -8.76 -37.72
CA GLY B 382 -8.68 -9.29 -36.69
C GLY B 382 -7.74 -10.40 -37.15
N ARG B 383 -7.52 -10.48 -38.47
CA ARG B 383 -6.59 -11.44 -39.07
C ARG B 383 -5.34 -10.72 -39.52
N ARG B 384 -4.25 -11.47 -39.58
CA ARG B 384 -3.07 -10.94 -40.17
C ARG B 384 -2.60 -11.92 -41.21
N ASN B 385 -2.59 -11.45 -42.44
CA ASN B 385 -1.93 -12.12 -43.54
C ASN B 385 -0.83 -11.21 -44.03
N ILE B 386 0.22 -11.79 -44.59
CA ILE B 386 1.28 -10.93 -45.09
C ILE B 386 1.30 -10.97 -46.59
N TYR B 387 1.54 -9.82 -47.20
CA TYR B 387 1.39 -9.61 -48.64
C TYR B 387 2.66 -9.04 -49.21
N ARG B 388 2.92 -9.27 -50.49
CA ARG B 388 3.94 -8.47 -51.17
C ARG B 388 3.41 -7.70 -52.34
N ILE B 389 3.98 -6.52 -52.56
CA ILE B 389 3.57 -5.73 -53.70
C ILE B 389 4.77 -5.25 -54.50
N SER B 390 4.64 -5.20 -55.82
CA SER B 390 5.72 -4.70 -56.66
C SER B 390 5.85 -3.19 -56.46
N ILE B 391 7.08 -2.70 -56.45
CA ILE B 391 7.35 -1.28 -56.15
C ILE B 391 8.11 -0.55 -57.25
N GLY B 392 8.31 -1.21 -58.39
CA GLY B 392 9.14 -0.67 -59.44
C GLY B 392 8.38 0.24 -60.37
N SER B 393 7.07 0.04 -60.41
CA SER B 393 6.19 0.67 -61.38
C SER B 393 4.73 0.70 -60.90
N TYR B 394 3.99 1.75 -61.25
CA TYR B 394 2.57 1.86 -60.81
C TYR B 394 1.67 0.78 -61.46
N PRO B 395 0.41 0.69 -61.09
CA PRO B 395 -0.16 -0.35 -60.24
C PRO B 395 0.81 -1.40 -59.68
N PRO B 396 1.02 -1.40 -58.37
CA PRO B 396 1.67 -2.52 -57.69
C PRO B 396 0.92 -3.83 -57.90
N SER B 397 1.67 -4.88 -58.22
CA SER B 397 1.11 -6.22 -58.26
C SER B 397 0.98 -6.68 -56.83
N LYS B 398 0.00 -7.54 -56.57
CA LYS B 398 -0.28 -7.95 -55.20
C LYS B 398 -0.31 -9.47 -55.06
N LYS B 399 0.39 -9.99 -54.06
CA LYS B 399 0.36 -11.41 -53.79
C LYS B 399 0.17 -11.55 -52.29
N CYS B 400 -0.89 -12.22 -51.89
CA CYS B 400 -1.02 -12.61 -50.51
C CYS B 400 -0.26 -13.91 -50.37
N VAL B 401 0.86 -13.87 -49.67
CA VAL B 401 1.61 -15.11 -49.47
C VAL B 401 0.90 -16.08 -48.50
N THR B 402 0.18 -15.55 -47.52
CA THR B 402 -0.36 -16.39 -46.44
C THR B 402 -1.78 -16.90 -46.61
N CYS B 403 -2.64 -16.10 -47.23
CA CYS B 403 -4.07 -16.40 -47.35
C CYS B 403 -4.45 -17.89 -47.41
N HIS B 404 -3.88 -18.61 -48.38
CA HIS B 404 -4.25 -19.99 -48.60
C HIS B 404 -3.12 -20.97 -48.23
N LEU B 405 -2.05 -20.46 -47.61
CA LEU B 405 -0.90 -21.28 -47.23
C LEU B 405 -1.33 -22.44 -46.34
N ARG B 406 -2.00 -22.10 -45.24
CA ARG B 406 -2.78 -23.06 -44.47
C ARG B 406 -4.03 -22.29 -44.08
N LYS B 407 -5.01 -22.29 -44.98
CA LYS B 407 -6.19 -21.44 -44.85
C LYS B 407 -6.88 -21.61 -43.49
N GLU B 408 -7.20 -22.85 -43.13
CA GLU B 408 -7.98 -23.14 -41.92
C GLU B 408 -7.21 -23.03 -40.60
N ARG B 409 -5.95 -23.48 -40.58
CA ARG B 409 -5.07 -23.37 -39.42
C ARG B 409 -4.58 -21.95 -39.13
N CYS B 410 -4.33 -21.19 -40.19
CA CYS B 410 -3.50 -19.99 -40.04
C CYS B 410 -4.09 -18.76 -40.71
N GLN B 411 -4.54 -17.82 -39.89
CA GLN B 411 -5.05 -16.57 -40.43
C GLN B 411 -4.53 -15.39 -39.62
N TYR B 412 -3.46 -15.65 -38.87
CA TYR B 412 -2.81 -14.62 -38.08
C TYR B 412 -1.30 -14.79 -38.16
N TYR B 413 -0.65 -13.94 -38.94
CA TYR B 413 0.75 -14.16 -39.27
C TYR B 413 1.64 -12.99 -38.92
N THR B 414 2.82 -13.26 -38.39
CA THR B 414 3.87 -12.26 -38.44
C THR B 414 5.03 -12.78 -39.30
N ALA B 415 5.93 -11.90 -39.70
CA ALA B 415 7.04 -12.29 -40.57
C ALA B 415 8.36 -11.80 -40.01
N SER B 416 9.43 -12.53 -40.31
CA SER B 416 10.77 -12.10 -39.90
C SER B 416 11.75 -12.32 -41.03
N PHE B 417 12.43 -11.27 -41.47
CA PHE B 417 13.28 -11.37 -42.65
C PHE B 417 14.77 -11.46 -42.37
N SER B 418 15.48 -12.23 -43.18
CA SER B 418 16.93 -12.25 -43.11
C SER B 418 17.46 -11.05 -43.86
N ASP B 419 18.77 -10.87 -43.84
CA ASP B 419 19.40 -9.75 -44.51
C ASP B 419 19.10 -9.75 -46.01
N TYR B 420 18.98 -8.56 -46.59
CA TYR B 420 18.61 -8.40 -47.99
C TYR B 420 17.30 -9.12 -48.34
N ALA B 421 16.61 -9.62 -47.33
CA ALA B 421 15.38 -10.40 -47.48
C ALA B 421 15.59 -11.61 -48.37
N LYS B 422 16.72 -12.30 -48.18
CA LYS B 422 17.02 -13.50 -48.96
C LYS B 422 16.06 -14.63 -48.57
N TYR B 423 15.66 -14.64 -47.30
CA TYR B 423 14.69 -15.59 -46.79
C TYR B 423 13.87 -14.90 -45.72
N TYR B 424 12.73 -15.47 -45.35
CA TYR B 424 11.98 -14.97 -44.21
C TYR B 424 11.24 -16.08 -43.53
N ALA B 425 11.01 -15.92 -42.24
CA ALA B 425 10.20 -16.87 -41.47
C ALA B 425 8.79 -16.33 -41.38
N LEU B 426 7.82 -17.23 -41.43
CA LEU B 426 6.44 -16.88 -41.21
C LEU B 426 6.05 -17.52 -39.90
N VAL B 427 5.45 -16.74 -39.02
CA VAL B 427 4.93 -17.27 -37.78
C VAL B 427 3.42 -17.05 -37.75
N CYS B 428 2.70 -18.16 -37.73
CA CYS B 428 1.26 -18.13 -37.69
C CYS B 428 0.88 -18.37 -36.25
N TYR B 429 -0.01 -17.54 -35.72
CA TYR B 429 -0.39 -17.58 -34.33
C TYR B 429 -1.72 -18.27 -34.08
N GLY B 430 -2.49 -18.51 -35.15
CA GLY B 430 -3.84 -19.05 -35.03
C GLY B 430 -4.63 -18.88 -36.31
N PRO B 431 -5.92 -19.26 -36.32
CA PRO B 431 -6.65 -19.79 -35.16
C PRO B 431 -6.19 -21.16 -34.67
N GLY B 432 -5.63 -21.98 -35.53
CA GLY B 432 -5.17 -23.30 -35.14
C GLY B 432 -3.85 -23.26 -34.38
N ILE B 433 -3.39 -24.44 -33.95
CA ILE B 433 -2.10 -24.58 -33.29
C ILE B 433 -1.05 -23.86 -34.13
N PRO B 434 -0.33 -22.91 -33.52
CA PRO B 434 0.61 -22.06 -34.26
C PRO B 434 1.72 -22.84 -34.94
N ILE B 435 2.27 -22.26 -36.00
CA ILE B 435 3.35 -22.90 -36.78
C ILE B 435 4.34 -21.86 -37.32
N SER B 436 5.62 -22.19 -37.23
CA SER B 436 6.67 -21.35 -37.79
C SER B 436 7.32 -22.07 -38.96
N THR B 437 7.45 -21.38 -40.10
CA THR B 437 7.95 -21.99 -41.31
C THR B 437 8.92 -21.06 -42.00
N LEU B 438 9.87 -21.64 -42.74
CA LEU B 438 10.90 -20.88 -43.45
C LEU B 438 10.60 -20.71 -44.93
N HIS B 439 10.74 -19.48 -45.43
CA HIS B 439 10.37 -19.18 -46.81
C HIS B 439 11.46 -18.49 -47.60
N ASP B 440 11.52 -18.85 -48.89
CA ASP B 440 12.46 -18.29 -49.86
C ASP B 440 12.08 -16.85 -50.20
N GLY B 441 13.05 -15.94 -50.16
CA GLY B 441 12.78 -14.53 -50.38
C GLY B 441 12.24 -14.16 -51.76
N ARG B 442 12.76 -14.79 -52.80
CA ARG B 442 12.39 -14.48 -54.18
C ARG B 442 11.06 -15.09 -54.57
N THR B 443 10.80 -16.29 -54.07
CA THR B 443 9.76 -17.13 -54.64
C THR B 443 8.58 -17.33 -53.70
N ASP B 444 8.79 -17.09 -52.41
CA ASP B 444 7.79 -17.26 -51.35
C ASP B 444 7.48 -18.72 -50.98
N GLN B 445 8.16 -19.68 -51.60
CA GLN B 445 7.89 -21.10 -51.35
C GLN B 445 8.51 -21.53 -50.01
N GLU B 446 7.79 -22.37 -49.26
CA GLU B 446 8.33 -22.80 -47.97
C GLU B 446 9.34 -23.90 -48.12
N ILE B 447 10.46 -23.74 -47.43
CA ILE B 447 11.59 -24.63 -47.60
C ILE B 447 11.86 -25.43 -46.35
N LYS B 448 11.21 -25.05 -45.25
CA LYS B 448 11.33 -25.75 -43.97
C LYS B 448 10.20 -25.41 -43.00
N ILE B 449 9.65 -26.44 -42.36
CA ILE B 449 8.84 -26.28 -41.16
C ILE B 449 9.85 -25.98 -40.06
N LEU B 450 9.66 -24.89 -39.32
CA LEU B 450 10.60 -24.54 -38.26
C LEU B 450 10.10 -25.07 -36.91
N GLU B 451 8.87 -24.71 -36.56
CA GLU B 451 8.20 -25.22 -35.38
C GLU B 451 6.74 -25.53 -35.70
N GLU B 452 6.36 -26.77 -35.45
CA GLU B 452 5.07 -27.30 -35.87
C GLU B 452 4.18 -27.54 -34.66
N ASN B 453 4.77 -27.50 -33.47
CA ASN B 453 4.12 -27.90 -32.22
C ASN B 453 3.47 -29.30 -32.24
N LYS B 454 4.29 -30.33 -32.42
CA LYS B 454 3.82 -31.70 -32.45
C LYS B 454 3.35 -32.15 -31.06
N GLU B 455 4.12 -31.77 -30.04
CA GLU B 455 3.82 -32.13 -28.64
C GLU B 455 2.44 -31.63 -28.25
N LEU B 456 2.23 -30.33 -28.42
CA LEU B 456 0.94 -29.70 -28.16
C LEU B 456 -0.16 -30.36 -28.96
N GLU B 457 -0.03 -30.32 -30.29
CA GLU B 457 -0.94 -31.04 -31.18
C GLU B 457 -1.42 -32.33 -30.51
N ASN B 458 -0.47 -33.13 -30.03
CA ASN B 458 -0.75 -34.46 -29.47
C ASN B 458 -1.25 -34.46 -28.03
N ALA B 459 -0.83 -33.46 -27.26
CA ALA B 459 -1.26 -33.33 -25.87
C ALA B 459 -2.70 -32.85 -25.79
N LEU B 460 -3.10 -32.02 -26.75
CA LEU B 460 -4.44 -31.46 -26.85
C LEU B 460 -5.46 -32.50 -27.31
N LYS B 461 -4.96 -33.63 -27.79
CA LYS B 461 -5.80 -34.65 -28.41
C LYS B 461 -6.70 -35.41 -27.44
N ASN B 462 -6.42 -35.33 -26.13
CA ASN B 462 -7.31 -35.89 -25.11
C ASN B 462 -8.20 -34.83 -24.45
N ILE B 463 -8.11 -33.59 -24.94
CA ILE B 463 -8.71 -32.44 -24.27
C ILE B 463 -9.82 -31.74 -25.09
N GLN B 464 -11.04 -31.75 -24.54
CA GLN B 464 -12.22 -31.22 -25.24
C GLN B 464 -12.31 -29.70 -25.14
N LEU B 465 -11.59 -29.03 -26.03
CA LEU B 465 -11.46 -27.57 -26.08
C LEU B 465 -12.81 -26.88 -26.35
N PRO B 466 -12.99 -25.66 -25.84
CA PRO B 466 -14.20 -24.88 -26.15
C PRO B 466 -14.21 -24.46 -27.61
N LYS B 467 -15.40 -24.25 -28.17
CA LYS B 467 -15.53 -23.75 -29.53
C LYS B 467 -15.46 -22.21 -29.58
N GLU B 468 -14.44 -21.68 -30.25
CA GLU B 468 -14.37 -20.25 -30.53
C GLU B 468 -15.09 -19.92 -31.82
N GLU B 469 -15.81 -18.82 -31.84
CA GLU B 469 -16.28 -18.26 -33.10
C GLU B 469 -16.15 -16.74 -33.12
N ILE B 470 -15.69 -16.22 -34.24
CA ILE B 470 -15.56 -14.78 -34.44
C ILE B 470 -16.65 -14.28 -35.40
N LYS B 471 -17.42 -13.30 -34.94
CA LYS B 471 -18.53 -12.76 -35.72
C LYS B 471 -18.71 -11.26 -35.50
N LYS B 472 -19.77 -10.72 -36.10
CA LYS B 472 -20.01 -9.28 -36.11
C LYS B 472 -21.47 -8.95 -35.83
N LEU B 473 -21.70 -7.75 -35.29
CA LEU B 473 -23.03 -7.23 -35.02
C LEU B 473 -23.07 -5.81 -35.55
N GLU B 474 -24.11 -5.48 -36.30
CA GLU B 474 -24.32 -4.09 -36.70
C GLU B 474 -25.43 -3.58 -35.81
N VAL B 475 -25.20 -2.46 -35.15
CA VAL B 475 -26.21 -1.93 -34.25
C VAL B 475 -26.78 -0.59 -34.69
N ASP B 476 -25.96 0.43 -34.81
CA ASP B 476 -26.46 1.68 -35.34
C ASP B 476 -25.79 1.94 -36.67
N GLU B 477 -24.79 2.80 -36.67
CA GLU B 477 -23.93 2.95 -37.81
C GLU B 477 -22.62 2.27 -37.44
N ILE B 478 -22.68 1.51 -36.36
CA ILE B 478 -21.48 0.98 -35.72
C ILE B 478 -21.50 -0.53 -35.76
N THR B 479 -20.43 -1.12 -36.29
CA THR B 479 -20.38 -2.58 -36.28
C THR B 479 -19.43 -3.11 -35.20
N LEU B 480 -19.87 -4.18 -34.53
CA LEU B 480 -19.15 -4.72 -33.38
C LEU B 480 -18.69 -6.13 -33.66
N TRP B 481 -17.37 -6.32 -33.72
CA TRP B 481 -16.78 -7.65 -33.88
C TRP B 481 -16.62 -8.35 -32.55
N TYR B 482 -16.99 -9.64 -32.52
CA TYR B 482 -16.93 -10.38 -31.27
C TYR B 482 -16.40 -11.81 -31.39
N LYS B 483 -15.53 -12.19 -30.46
CA LYS B 483 -15.17 -13.58 -30.29
C LYS B 483 -16.11 -14.12 -29.23
N MET B 484 -16.70 -15.29 -29.50
CA MET B 484 -17.49 -15.98 -28.50
C MET B 484 -16.91 -17.37 -28.27
N ILE B 485 -16.55 -17.63 -27.02
CA ILE B 485 -16.06 -18.95 -26.60
C ILE B 485 -17.20 -19.70 -25.94
N LEU B 486 -17.38 -20.96 -26.34
CA LEU B 486 -18.56 -21.75 -25.97
C LEU B 486 -18.21 -23.14 -25.45
N PRO B 487 -18.92 -23.61 -24.43
CA PRO B 487 -18.65 -24.93 -23.85
C PRO B 487 -18.95 -26.10 -24.82
N PRO B 488 -18.14 -27.16 -24.77
CA PRO B 488 -18.42 -28.35 -25.59
C PRO B 488 -19.85 -28.84 -25.34
N GLN B 489 -20.55 -29.20 -26.40
CA GLN B 489 -21.99 -29.51 -26.33
C GLN B 489 -22.81 -28.31 -25.88
N PHE B 490 -22.47 -27.15 -26.42
CA PHE B 490 -23.21 -25.91 -26.18
C PHE B 490 -24.62 -26.05 -26.74
N ASP B 491 -25.51 -26.62 -25.94
CA ASP B 491 -26.90 -26.78 -26.31
C ASP B 491 -27.58 -25.42 -26.30
N ARG B 492 -27.73 -24.83 -27.49
CA ARG B 492 -28.28 -23.48 -27.68
C ARG B 492 -29.67 -23.24 -27.04
N SER B 493 -30.46 -24.30 -26.88
CA SER B 493 -31.78 -24.19 -26.24
C SER B 493 -31.71 -24.00 -24.72
N LYS B 494 -30.50 -23.95 -24.18
CA LYS B 494 -30.27 -23.76 -22.74
C LYS B 494 -29.64 -22.39 -22.48
N LYS B 495 -29.81 -21.85 -21.27
CA LYS B 495 -29.26 -20.54 -20.93
C LYS B 495 -28.00 -20.65 -20.07
N TYR B 496 -26.88 -20.28 -20.67
CA TYR B 496 -25.58 -20.29 -19.99
C TYR B 496 -25.28 -18.92 -19.38
N PRO B 497 -24.54 -18.91 -18.27
CA PRO B 497 -24.01 -17.66 -17.74
C PRO B 497 -23.02 -17.06 -18.74
N LEU B 498 -22.95 -15.74 -18.84
CA LEU B 498 -21.99 -15.09 -19.73
C LEU B 498 -20.93 -14.31 -18.98
N LEU B 499 -19.69 -14.43 -19.43
CA LEU B 499 -18.62 -13.54 -18.99
C LEU B 499 -18.12 -12.69 -20.16
N ILE B 500 -18.03 -11.39 -19.90
CA ILE B 500 -17.44 -10.51 -20.87
C ILE B 500 -16.04 -10.25 -20.40
N GLN B 501 -15.07 -10.49 -21.29
CA GLN B 501 -13.70 -10.07 -21.06
C GLN B 501 -13.47 -8.79 -21.85
N VAL B 502 -13.14 -7.72 -21.15
CA VAL B 502 -12.99 -6.45 -21.82
C VAL B 502 -11.58 -5.89 -21.66
N TYR B 503 -11.17 -5.10 -22.63
CA TYR B 503 -10.00 -4.28 -22.52
C TYR B 503 -10.41 -2.91 -23.05
N GLY B 504 -10.63 -2.82 -24.36
CA GLY B 504 -11.17 -1.63 -24.98
C GLY B 504 -10.25 -0.42 -25.11
N GLY B 505 -8.96 -0.59 -24.88
CA GLY B 505 -8.04 0.55 -24.96
C GLY B 505 -7.95 1.19 -26.34
N PRO B 506 -7.86 2.51 -26.42
CA PRO B 506 -7.63 3.19 -27.70
C PRO B 506 -6.50 2.53 -28.52
N CYS B 507 -6.80 2.13 -29.76
CA CYS B 507 -5.84 1.48 -30.65
C CYS B 507 -5.68 -0.04 -30.40
N SER B 508 -6.44 -0.58 -29.47
CA SER B 508 -6.34 -2.00 -29.18
C SER B 508 -7.18 -2.73 -30.20
N GLN B 509 -7.03 -4.05 -30.21
CA GLN B 509 -8.00 -4.94 -30.86
C GLN B 509 -7.92 -6.23 -30.06
N SER B 510 -9.06 -6.68 -29.54
CA SER B 510 -9.04 -7.80 -28.63
C SER B 510 -9.68 -8.99 -29.29
N VAL B 511 -10.34 -8.75 -30.43
CA VAL B 511 -10.91 -9.84 -31.21
C VAL B 511 -9.94 -10.20 -32.34
N ARG B 512 -9.22 -11.31 -32.15
CA ARG B 512 -8.19 -11.71 -33.09
C ARG B 512 -8.24 -13.19 -33.38
N SER B 513 -7.89 -13.54 -34.61
CA SER B 513 -7.81 -14.95 -34.98
C SER B 513 -6.53 -15.56 -34.39
N VAL B 514 -6.35 -15.38 -33.09
CA VAL B 514 -5.19 -15.92 -32.39
C VAL B 514 -5.54 -17.21 -31.65
N PHE B 515 -4.56 -18.10 -31.51
CA PHE B 515 -4.73 -19.33 -30.72
C PHE B 515 -4.18 -19.14 -29.33
N ALA B 516 -4.98 -19.45 -28.32
CA ALA B 516 -4.50 -19.47 -26.94
C ALA B 516 -5.43 -20.31 -26.11
N VAL B 517 -4.90 -21.41 -25.57
CA VAL B 517 -5.60 -22.17 -24.56
C VAL B 517 -5.28 -21.41 -23.29
N ASN B 518 -6.26 -20.67 -22.77
CA ASN B 518 -6.01 -19.87 -21.57
C ASN B 518 -7.12 -19.87 -20.52
N TRP B 519 -7.09 -18.89 -19.62
CA TRP B 519 -8.04 -18.88 -18.52
C TRP B 519 -9.48 -18.89 -19.02
N ILE B 520 -9.83 -17.92 -19.88
CA ILE B 520 -11.19 -17.81 -20.39
C ILE B 520 -11.51 -18.93 -21.36
N SER B 521 -10.49 -19.60 -21.88
CA SER B 521 -10.74 -20.90 -22.52
C SER B 521 -11.26 -21.92 -21.50
N TYR B 522 -10.59 -21.99 -20.34
CA TYR B 522 -10.89 -23.01 -19.31
C TYR B 522 -12.27 -22.86 -18.67
N LEU B 523 -12.68 -21.62 -18.46
CA LEU B 523 -14.01 -21.31 -17.92
C LEU B 523 -15.16 -21.86 -18.78
N ALA B 524 -14.95 -21.92 -20.10
CA ALA B 524 -15.92 -22.55 -21.00
C ALA B 524 -15.78 -24.06 -20.99
N SER B 525 -14.54 -24.54 -20.91
CA SER B 525 -14.32 -25.98 -21.02
C SER B 525 -14.93 -26.74 -19.87
N LYS B 526 -14.61 -26.33 -18.65
CA LYS B 526 -15.02 -27.03 -17.43
C LYS B 526 -16.18 -26.36 -16.70
N GLU B 527 -16.20 -25.02 -16.68
CA GLU B 527 -17.11 -24.28 -15.78
C GLU B 527 -18.47 -23.93 -16.37
N GLY B 528 -18.66 -24.22 -17.65
CA GLY B 528 -19.96 -24.06 -18.28
C GLY B 528 -20.37 -22.63 -18.56
N MET B 529 -19.41 -21.70 -18.48
CA MET B 529 -19.70 -20.32 -18.84
C MET B 529 -19.46 -20.10 -20.34
N VAL B 530 -20.29 -19.24 -20.92
CA VAL B 530 -20.04 -18.70 -22.25
C VAL B 530 -19.16 -17.45 -22.08
N ILE B 531 -18.09 -17.33 -22.87
CA ILE B 531 -17.24 -16.13 -22.77
C ILE B 531 -17.33 -15.29 -24.04
N ALA B 532 -17.38 -13.98 -23.90
CA ALA B 532 -17.35 -13.13 -25.09
C ALA B 532 -16.35 -11.98 -24.96
N LEU B 533 -15.85 -11.49 -26.10
CA LEU B 533 -14.92 -10.38 -26.16
C LEU B 533 -15.38 -9.54 -27.33
N VAL B 534 -15.46 -8.23 -27.15
CA VAL B 534 -16.08 -7.32 -28.11
C VAL B 534 -15.20 -6.12 -28.49
N ASP B 535 -14.97 -5.93 -29.78
CA ASP B 535 -14.27 -4.74 -30.26
C ASP B 535 -15.31 -3.75 -30.77
N GLY B 536 -15.23 -2.52 -30.29
CA GLY B 536 -16.10 -1.46 -30.75
C GLY B 536 -15.28 -0.18 -30.91
N ARG B 537 -15.86 0.94 -30.55
CA ARG B 537 -15.26 2.24 -30.84
C ARG B 537 -13.98 2.48 -30.07
N GLY B 538 -12.98 2.98 -30.78
CA GLY B 538 -11.69 3.19 -30.20
C GLY B 538 -10.76 2.01 -30.49
N THR B 539 -11.36 0.88 -30.87
CA THR B 539 -10.62 -0.29 -31.32
C THR B 539 -10.04 -0.02 -32.71
N ALA B 540 -8.88 -0.59 -33.02
CA ALA B 540 -8.20 -0.17 -34.25
C ALA B 540 -8.38 -1.12 -35.44
N PHE B 541 -7.73 -0.74 -36.56
CA PHE B 541 -7.66 -1.53 -37.80
C PHE B 541 -8.95 -1.60 -38.62
N GLN B 542 -9.93 -0.76 -38.29
CA GLN B 542 -11.16 -0.65 -39.07
C GLN B 542 -11.38 0.78 -39.56
N GLY B 543 -10.32 1.58 -39.55
CA GLY B 543 -10.42 2.93 -40.09
C GLY B 543 -10.60 3.98 -39.02
N ASP B 544 -10.53 5.24 -39.41
CA ASP B 544 -10.46 6.32 -38.43
C ASP B 544 -11.76 6.67 -37.71
N LYS B 545 -12.88 6.69 -38.43
CA LYS B 545 -14.18 6.87 -37.79
C LYS B 545 -14.29 6.00 -36.54
N LEU B 546 -14.07 4.70 -36.68
CA LEU B 546 -14.15 3.81 -35.53
C LEU B 546 -13.02 4.02 -34.50
N LEU B 547 -11.81 4.34 -34.97
CA LEU B 547 -10.65 4.49 -34.10
C LEU B 547 -10.83 5.70 -33.23
N TYR B 548 -10.87 6.87 -33.88
CA TYR B 548 -10.91 8.17 -33.22
C TYR B 548 -12.27 8.52 -32.62
N ALA B 549 -13.21 7.58 -32.64
CA ALA B 549 -14.56 7.82 -32.11
C ALA B 549 -14.54 8.26 -30.65
N VAL B 550 -13.58 7.74 -29.89
CA VAL B 550 -13.46 7.96 -28.45
C VAL B 550 -12.55 9.14 -28.04
N TYR B 551 -12.00 9.84 -29.04
CA TYR B 551 -11.10 10.98 -28.79
C TYR B 551 -11.70 11.95 -27.79
N ARG B 552 -10.99 12.20 -26.69
CA ARG B 552 -11.41 13.18 -25.68
C ARG B 552 -12.66 12.81 -24.92
N LYS B 553 -13.14 11.59 -25.12
CA LYS B 553 -14.42 11.19 -24.57
C LYS B 553 -14.24 9.79 -24.00
N LEU B 554 -13.07 9.55 -23.46
CA LEU B 554 -12.70 8.24 -22.93
C LEU B 554 -13.70 7.67 -21.90
N GLY B 555 -13.81 6.34 -21.88
CA GLY B 555 -14.71 5.64 -20.97
C GLY B 555 -16.19 5.99 -21.10
N VAL B 556 -16.64 6.18 -22.35
CA VAL B 556 -18.04 6.43 -22.67
C VAL B 556 -18.53 5.40 -23.69
N TYR B 557 -17.93 5.39 -24.88
CA TYR B 557 -18.41 4.48 -25.92
C TYR B 557 -17.98 3.05 -25.64
N GLU B 558 -16.79 2.91 -25.05
CA GLU B 558 -16.28 1.61 -24.65
C GLU B 558 -17.31 0.91 -23.77
N VAL B 559 -17.85 1.66 -22.83
CA VAL B 559 -18.86 1.15 -21.94
C VAL B 559 -20.12 0.83 -22.75
N GLU B 560 -20.54 1.80 -23.56
CA GLU B 560 -21.73 1.73 -24.40
C GLU B 560 -21.73 0.47 -25.25
N ASP B 561 -20.63 0.28 -25.99
CA ASP B 561 -20.51 -0.79 -26.96
C ASP B 561 -20.47 -2.17 -26.30
N GLN B 562 -19.96 -2.27 -25.07
CA GLN B 562 -19.94 -3.56 -24.41
C GLN B 562 -21.36 -3.95 -24.02
N ILE B 563 -22.08 -3.02 -23.40
CA ILE B 563 -23.50 -3.16 -23.04
C ILE B 563 -24.36 -3.57 -24.23
N THR B 564 -24.14 -2.88 -25.36
CA THR B 564 -24.84 -3.18 -26.62
C THR B 564 -24.67 -4.65 -26.98
N ALA B 565 -23.41 -5.05 -27.11
CA ALA B 565 -23.08 -6.44 -27.40
C ALA B 565 -23.78 -7.40 -26.43
N VAL B 566 -23.72 -7.10 -25.13
CA VAL B 566 -24.30 -7.95 -24.11
C VAL B 566 -25.80 -8.07 -24.31
N ARG B 567 -26.44 -6.92 -24.56
CA ARG B 567 -27.86 -6.85 -24.85
C ARG B 567 -28.18 -7.79 -26.00
N LYS B 568 -27.44 -7.61 -27.09
CA LYS B 568 -27.61 -8.41 -28.29
C LYS B 568 -27.34 -9.89 -28.05
N PHE B 569 -26.44 -10.21 -27.13
CA PHE B 569 -26.22 -11.61 -26.74
C PHE B 569 -27.40 -12.20 -25.96
N ILE B 570 -27.91 -11.48 -24.96
CA ILE B 570 -29.03 -11.98 -24.16
C ILE B 570 -30.24 -12.21 -25.07
N GLU B 571 -30.30 -11.41 -26.15
CA GLU B 571 -31.37 -11.47 -27.15
C GLU B 571 -31.23 -12.63 -28.12
N MET B 572 -30.00 -13.13 -28.28
CA MET B 572 -29.74 -14.36 -29.01
C MET B 572 -30.48 -15.56 -28.40
N GLY B 573 -30.84 -15.47 -27.13
CA GLY B 573 -31.69 -16.47 -26.50
C GLY B 573 -31.03 -17.47 -25.55
N PHE B 574 -29.72 -17.69 -25.67
CA PHE B 574 -29.06 -18.76 -24.90
C PHE B 574 -28.31 -18.28 -23.67
N ILE B 575 -28.47 -17.00 -23.32
CA ILE B 575 -27.74 -16.40 -22.20
C ILE B 575 -28.60 -16.14 -20.97
N ASP B 576 -28.20 -16.72 -19.84
CA ASP B 576 -28.90 -16.49 -18.58
C ASP B 576 -28.81 -15.01 -18.18
N GLU B 577 -29.88 -14.24 -18.45
CA GLU B 577 -29.91 -12.78 -18.19
C GLU B 577 -29.58 -12.46 -16.72
N LYS B 578 -29.60 -13.49 -15.87
CA LYS B 578 -29.34 -13.36 -14.43
C LYS B 578 -27.90 -13.75 -14.05
N ARG B 579 -27.12 -14.26 -15.00
CA ARG B 579 -25.75 -14.64 -14.72
C ARG B 579 -24.68 -14.02 -15.67
N ILE B 580 -24.65 -12.70 -15.75
CA ILE B 580 -23.64 -12.05 -16.60
C ILE B 580 -22.62 -11.38 -15.72
N ALA B 581 -21.37 -11.74 -15.91
CA ALA B 581 -20.25 -11.03 -15.27
C ALA B 581 -19.46 -10.27 -16.30
N ILE B 582 -18.52 -9.46 -15.83
CA ILE B 582 -17.53 -8.79 -16.71
C ILE B 582 -16.19 -8.64 -15.98
N TRP B 583 -15.08 -8.91 -16.66
CA TRP B 583 -13.75 -8.85 -16.04
C TRP B 583 -12.75 -8.19 -16.97
N GLY B 584 -11.88 -7.38 -16.41
CA GLY B 584 -10.97 -6.60 -17.25
C GLY B 584 -9.74 -6.15 -16.51
N TRP B 585 -8.62 -6.12 -17.22
CA TRP B 585 -7.31 -5.72 -16.69
C TRP B 585 -6.91 -4.40 -17.31
N SER B 586 -6.24 -3.56 -16.52
CA SER B 586 -5.69 -2.26 -16.95
C SER B 586 -6.76 -1.33 -17.56
N TYR B 587 -6.73 -1.10 -18.86
CA TYR B 587 -7.85 -0.38 -19.45
C TYR B 587 -9.10 -1.22 -19.29
N GLY B 588 -8.93 -2.52 -19.31
CA GLY B 588 -10.00 -3.46 -19.10
C GLY B 588 -10.64 -3.18 -17.77
N GLY B 589 -9.80 -2.83 -16.78
CA GLY B 589 -10.29 -2.59 -15.43
C GLY B 589 -11.12 -1.33 -15.36
N TYR B 590 -10.66 -0.30 -16.06
CA TYR B 590 -11.42 0.93 -16.20
C TYR B 590 -12.85 0.59 -16.70
N VAL B 591 -12.96 -0.03 -17.87
CA VAL B 591 -14.23 -0.34 -18.49
C VAL B 591 -15.02 -1.44 -17.75
N SER B 592 -14.32 -2.43 -17.20
CA SER B 592 -15.01 -3.40 -16.40
C SER B 592 -15.82 -2.64 -15.34
N SER B 593 -15.14 -1.66 -14.72
CA SER B 593 -15.72 -0.87 -13.63
C SER B 593 -16.81 0.08 -14.08
N LEU B 594 -16.53 0.90 -15.10
CA LEU B 594 -17.54 1.81 -15.65
C LEU B 594 -18.77 1.06 -16.19
N ALA B 595 -18.55 -0.11 -16.79
CA ALA B 595 -19.66 -0.97 -17.24
C ALA B 595 -20.45 -1.43 -16.06
N LEU B 596 -19.78 -2.01 -15.08
CA LEU B 596 -20.51 -2.65 -13.97
C LEU B 596 -21.26 -1.61 -13.14
N ALA B 597 -20.78 -0.37 -13.19
CA ALA B 597 -21.37 0.76 -12.46
C ALA B 597 -22.21 1.68 -13.38
N SER B 598 -22.85 1.08 -14.36
CA SER B 598 -23.57 1.86 -15.38
C SER B 598 -25.07 1.92 -15.13
N GLY B 599 -25.52 1.34 -14.01
CA GLY B 599 -26.92 1.34 -13.64
C GLY B 599 -27.74 0.70 -14.75
N THR B 600 -27.24 -0.44 -15.21
CA THR B 600 -27.73 -1.08 -16.42
C THR B 600 -28.55 -2.31 -16.10
N GLY B 601 -28.38 -2.81 -14.88
CA GLY B 601 -29.00 -4.05 -14.45
C GLY B 601 -28.37 -5.30 -15.02
N LEU B 602 -27.72 -5.17 -16.18
CA LEU B 602 -27.21 -6.32 -16.92
C LEU B 602 -26.18 -7.11 -16.13
N PHE B 603 -25.17 -6.42 -15.62
CA PHE B 603 -24.09 -7.11 -14.93
C PHE B 603 -24.40 -7.37 -13.46
N LYS B 604 -24.22 -8.62 -13.05
CA LYS B 604 -24.45 -9.01 -11.67
C LYS B 604 -23.15 -8.91 -10.89
N CYS B 605 -22.02 -9.15 -11.55
CA CYS B 605 -20.72 -8.81 -10.97
C CYS B 605 -19.73 -8.40 -12.01
N GLY B 606 -18.58 -7.94 -11.54
CA GLY B 606 -17.47 -7.55 -12.41
C GLY B 606 -16.16 -7.50 -11.64
N ILE B 607 -15.04 -7.72 -12.34
CA ILE B 607 -13.76 -7.75 -11.66
C ILE B 607 -12.85 -6.70 -12.30
N ALA B 608 -12.09 -5.95 -11.49
CA ALA B 608 -11.17 -4.96 -12.08
C ALA B 608 -9.74 -5.13 -11.57
N VAL B 609 -8.87 -5.56 -12.47
CA VAL B 609 -7.49 -5.79 -12.15
C VAL B 609 -6.62 -4.61 -12.59
N ALA B 610 -6.04 -3.95 -11.61
CA ALA B 610 -5.10 -2.85 -11.86
C ALA B 610 -5.72 -1.78 -12.79
N PRO B 611 -6.95 -1.36 -12.53
CA PRO B 611 -7.62 -0.38 -13.42
C PRO B 611 -7.01 0.99 -13.32
N VAL B 612 -6.97 1.72 -14.42
CA VAL B 612 -7.00 3.17 -14.34
C VAL B 612 -8.35 3.54 -13.72
N SER B 613 -8.37 4.55 -12.85
CA SER B 613 -9.64 5.04 -12.30
C SER B 613 -9.88 6.51 -12.58
N SER B 614 -8.88 7.20 -13.09
CA SER B 614 -9.08 8.58 -13.51
C SER B 614 -7.87 9.01 -14.31
N TRP B 615 -8.13 9.72 -15.40
CA TRP B 615 -7.07 10.01 -16.35
C TRP B 615 -6.09 11.01 -15.77
N GLU B 616 -6.46 11.61 -14.64
CA GLU B 616 -5.57 12.47 -13.89
C GLU B 616 -4.33 11.68 -13.43
N TYR B 617 -4.55 10.41 -13.08
CA TYR B 617 -3.53 9.52 -12.52
C TYR B 617 -2.63 8.78 -13.53
N TYR B 618 -3.02 8.73 -14.81
CA TYR B 618 -2.20 8.00 -15.79
C TYR B 618 -1.19 8.90 -16.50
N ALA B 619 -0.25 8.27 -17.20
CA ALA B 619 0.88 8.96 -17.81
C ALA B 619 0.46 9.97 -18.91
N SER B 620 1.15 11.09 -19.01
CA SER B 620 0.79 12.14 -19.95
C SER B 620 0.73 11.61 -21.38
N VAL B 621 1.88 11.16 -21.88
CA VAL B 621 2.03 10.66 -23.25
C VAL B 621 0.85 9.78 -23.69
N TYR B 622 0.47 8.81 -22.86
CA TYR B 622 -0.69 7.98 -23.18
C TYR B 622 -1.98 8.79 -23.11
N THR B 623 -2.30 9.29 -21.92
CA THR B 623 -3.54 10.01 -21.65
C THR B 623 -3.80 11.17 -22.62
N GLU B 624 -2.85 12.10 -22.71
CA GLU B 624 -3.02 13.29 -23.52
C GLU B 624 -3.22 12.91 -25.00
N ARG B 625 -2.57 11.85 -25.44
CA ARG B 625 -2.76 11.38 -26.82
C ARG B 625 -4.25 11.16 -27.15
N PHE B 626 -5.02 10.67 -26.17
CA PHE B 626 -6.45 10.42 -26.40
C PHE B 626 -7.39 11.42 -25.70
N MET B 627 -6.94 12.01 -24.59
CA MET B 627 -7.83 12.82 -23.77
C MET B 627 -7.60 14.28 -23.99
N GLY B 628 -6.52 14.63 -24.66
CA GLY B 628 -6.04 16.00 -24.68
C GLY B 628 -5.60 16.41 -23.27
N LEU B 629 -5.60 17.71 -23.00
CA LEU B 629 -5.06 18.26 -21.76
C LEU B 629 -6.12 18.44 -20.67
N PRO B 630 -5.77 18.16 -19.41
CA PRO B 630 -6.69 18.42 -18.29
C PRO B 630 -6.65 19.89 -17.84
N THR B 631 -6.79 20.80 -18.79
CA THR B 631 -6.87 22.21 -18.44
C THR B 631 -8.33 22.66 -18.56
N LYS B 632 -8.64 23.82 -18.00
CA LYS B 632 -10.01 24.32 -18.01
C LYS B 632 -10.48 24.73 -19.41
N ASP B 633 -9.56 25.30 -20.21
CA ASP B 633 -9.90 25.60 -21.61
C ASP B 633 -9.41 24.55 -22.61
N ASP B 634 -9.25 23.32 -22.15
CA ASP B 634 -9.19 22.17 -23.03
C ASP B 634 -10.18 21.09 -22.61
N ASN B 635 -9.74 20.10 -21.84
CA ASN B 635 -10.59 18.94 -21.58
C ASN B 635 -10.76 18.50 -20.13
N LEU B 636 -10.45 19.38 -19.19
CA LEU B 636 -10.55 19.06 -17.77
C LEU B 636 -11.94 18.55 -17.38
N GLU B 637 -12.98 19.09 -18.01
CA GLU B 637 -14.32 18.71 -17.62
C GLU B 637 -14.56 17.19 -17.79
N HIS B 638 -14.06 16.60 -18.88
CA HIS B 638 -14.22 15.16 -19.06
C HIS B 638 -13.21 14.36 -18.27
N TYR B 639 -12.06 14.96 -17.98
CA TYR B 639 -11.12 14.36 -17.04
C TYR B 639 -11.82 14.10 -15.71
N LYS B 640 -12.67 15.05 -15.30
CA LYS B 640 -13.39 14.99 -14.03
C LYS B 640 -14.62 14.11 -14.15
N ASN B 641 -15.21 14.07 -15.34
CA ASN B 641 -16.46 13.34 -15.55
C ASN B 641 -16.28 11.82 -15.66
N SER B 642 -15.06 11.39 -16.00
CA SER B 642 -14.83 10.03 -16.47
C SER B 642 -14.14 9.08 -15.49
N THR B 643 -14.16 9.40 -14.20
CA THR B 643 -13.49 8.56 -13.21
C THR B 643 -14.40 7.41 -12.85
N VAL B 644 -13.87 6.31 -12.28
CA VAL B 644 -14.79 5.31 -11.77
C VAL B 644 -15.29 5.74 -10.41
N MET B 645 -14.57 6.67 -9.77
CA MET B 645 -14.95 7.16 -8.45
C MET B 645 -16.32 7.79 -8.49
N ALA B 646 -16.63 8.52 -9.56
CA ALA B 646 -17.95 9.17 -9.70
C ALA B 646 -19.09 8.15 -9.77
N ARG B 647 -18.76 6.92 -10.17
CA ARG B 647 -19.76 5.87 -10.25
C ARG B 647 -19.90 5.18 -8.91
N ALA B 648 -19.09 5.64 -7.95
CA ALA B 648 -19.17 5.17 -6.57
C ALA B 648 -20.55 4.57 -6.21
N GLU B 649 -21.60 5.38 -6.27
CA GLU B 649 -22.93 4.96 -5.81
C GLU B 649 -23.49 3.72 -6.52
N TYR B 650 -23.18 3.58 -7.80
CA TYR B 650 -23.78 2.53 -8.61
C TYR B 650 -23.18 1.13 -8.39
N PHE B 651 -22.38 0.97 -7.34
CA PHE B 651 -21.84 -0.35 -7.03
C PHE B 651 -22.73 -1.04 -6.00
N ARG B 652 -23.60 -0.25 -5.36
CA ARG B 652 -24.39 -0.70 -4.25
C ARG B 652 -25.09 -2.03 -4.51
N ASN B 653 -25.41 -2.32 -5.77
CA ASN B 653 -26.23 -3.51 -6.04
C ASN B 653 -25.60 -4.57 -6.95
N VAL B 654 -24.28 -4.54 -7.02
CA VAL B 654 -23.51 -5.51 -7.78
C VAL B 654 -22.30 -6.00 -6.96
N ASP B 655 -21.83 -7.21 -7.26
CA ASP B 655 -20.58 -7.67 -6.69
C ASP B 655 -19.43 -7.10 -7.46
N TYR B 656 -18.59 -6.39 -6.75
CA TYR B 656 -17.37 -5.87 -7.30
C TYR B 656 -16.24 -6.61 -6.61
N LEU B 657 -15.29 -7.12 -7.39
CA LEU B 657 -14.03 -7.57 -6.84
C LEU B 657 -12.90 -6.74 -7.43
N LEU B 658 -12.20 -5.96 -6.60
CA LEU B 658 -11.19 -5.01 -7.09
C LEU B 658 -9.79 -5.39 -6.65
N ILE B 659 -8.93 -5.59 -7.65
CA ILE B 659 -7.60 -6.15 -7.46
C ILE B 659 -6.51 -5.24 -7.97
N HIS B 660 -5.37 -5.21 -7.29
CA HIS B 660 -4.24 -4.38 -7.74
C HIS B 660 -2.94 -4.81 -7.06
N GLY B 661 -1.83 -4.55 -7.74
CA GLY B 661 -0.51 -4.82 -7.20
C GLY B 661 0.02 -3.55 -6.58
N THR B 662 0.57 -3.66 -5.38
CA THR B 662 0.99 -2.51 -4.59
C THR B 662 2.23 -1.86 -5.15
N ALA B 663 2.87 -2.50 -6.12
CA ALA B 663 4.09 -1.95 -6.69
C ALA B 663 3.99 -1.77 -8.21
N ASP B 664 2.81 -1.36 -8.67
CA ASP B 664 2.54 -1.03 -10.05
C ASP B 664 3.17 0.32 -10.38
N ASP B 665 4.20 0.28 -11.20
CA ASP B 665 4.91 1.49 -11.61
C ASP B 665 4.24 2.11 -12.83
N ASN B 666 3.27 1.39 -13.41
CA ASN B 666 2.65 1.88 -14.64
C ASN B 666 1.24 2.43 -14.38
N VAL B 667 0.32 1.54 -13.97
CA VAL B 667 -0.98 1.91 -13.43
C VAL B 667 -0.89 1.85 -11.90
N HIS B 668 -0.68 3.01 -11.29
CA HIS B 668 -0.36 3.14 -9.87
C HIS B 668 -1.46 2.63 -8.93
N PHE B 669 -1.07 1.98 -7.83
CA PHE B 669 -2.05 1.44 -6.87
C PHE B 669 -3.01 2.54 -6.46
N GLN B 670 -2.48 3.78 -6.39
CA GLN B 670 -3.26 5.00 -6.28
C GLN B 670 -4.63 4.88 -6.94
N ASN B 671 -4.68 4.52 -8.23
CA ASN B 671 -5.94 4.29 -8.92
C ASN B 671 -6.97 3.46 -8.14
N SER B 672 -6.60 2.28 -7.67
CA SER B 672 -7.55 1.46 -6.90
C SER B 672 -7.75 1.93 -5.46
N ALA B 673 -6.72 2.57 -4.89
CA ALA B 673 -6.82 3.18 -3.56
C ALA B 673 -7.95 4.20 -3.55
N GLN B 674 -7.98 5.10 -4.55
CA GLN B 674 -9.06 6.07 -4.71
C GLN B 674 -10.45 5.44 -4.95
N ILE B 675 -10.49 4.38 -5.77
CA ILE B 675 -11.73 3.64 -5.98
C ILE B 675 -12.29 3.13 -4.64
N ALA B 676 -11.41 2.43 -3.89
CA ALA B 676 -11.78 1.75 -2.63
C ALA B 676 -12.31 2.77 -1.65
N LYS B 677 -11.55 3.86 -1.51
CA LYS B 677 -11.89 5.00 -0.69
C LYS B 677 -13.25 5.60 -1.07
N ALA B 678 -13.54 5.63 -2.38
CA ALA B 678 -14.80 6.15 -2.89
C ALA B 678 -15.92 5.20 -2.53
N LEU B 679 -15.68 3.90 -2.62
CA LEU B 679 -16.73 2.94 -2.25
C LEU B 679 -16.99 3.07 -0.76
N VAL B 680 -15.94 3.32 0.01
CA VAL B 680 -16.05 3.46 1.46
C VAL B 680 -16.90 4.69 1.78
N ASN B 681 -16.54 5.84 1.18
CA ASN B 681 -17.28 7.08 1.38
C ASN B 681 -18.74 7.02 0.92
N ALA B 682 -19.02 6.21 -0.10
CA ALA B 682 -20.38 6.01 -0.56
C ALA B 682 -21.06 4.85 0.18
N GLN B 683 -20.33 4.25 1.12
CA GLN B 683 -20.84 3.15 1.95
C GLN B 683 -21.25 1.92 1.14
N VAL B 684 -20.36 1.45 0.29
CA VAL B 684 -20.66 0.35 -0.62
C VAL B 684 -19.71 -0.79 -0.33
N ASP B 685 -20.27 -1.98 -0.10
CA ASP B 685 -19.47 -3.17 0.10
C ASP B 685 -18.78 -3.61 -1.18
N PHE B 686 -17.57 -4.13 -1.05
CA PHE B 686 -16.93 -4.83 -2.16
C PHE B 686 -15.91 -5.82 -1.68
N GLN B 687 -15.45 -6.63 -2.63
CA GLN B 687 -14.35 -7.55 -2.38
C GLN B 687 -13.12 -6.88 -2.95
N ALA B 688 -11.98 -7.12 -2.33
CA ALA B 688 -10.72 -6.57 -2.81
C ALA B 688 -9.57 -7.56 -2.61
N MET B 689 -8.42 -7.24 -3.20
CA MET B 689 -7.23 -8.06 -3.05
C MET B 689 -5.99 -7.26 -3.54
N TRP B 690 -5.01 -7.04 -2.67
CA TRP B 690 -3.75 -6.45 -3.10
C TRP B 690 -2.75 -7.57 -3.29
N TYR B 691 -1.74 -7.29 -4.11
CA TYR B 691 -0.60 -8.17 -4.29
C TYR B 691 0.63 -7.36 -3.94
N SER B 692 1.20 -7.70 -2.79
CA SER B 692 2.29 -6.94 -2.24
C SER B 692 3.49 -7.03 -3.18
N ASP B 693 4.08 -5.90 -3.51
CA ASP B 693 5.32 -5.86 -4.28
C ASP B 693 5.16 -6.24 -5.75
N GLN B 694 4.00 -6.79 -6.07
CA GLN B 694 3.73 -7.16 -7.43
C GLN B 694 3.39 -5.92 -8.24
N ASN B 695 3.63 -6.04 -9.53
CA ASN B 695 3.54 -4.94 -10.46
C ASN B 695 2.37 -5.18 -11.44
N HIS B 696 2.31 -4.37 -12.49
CA HIS B 696 1.20 -4.47 -13.45
C HIS B 696 0.99 -5.83 -14.10
N GLY B 697 2.07 -6.57 -14.27
CA GLY B 697 1.99 -7.89 -14.86
C GLY B 697 1.40 -8.93 -13.91
N LEU B 698 1.56 -8.72 -12.61
CA LEU B 698 1.24 -9.73 -11.58
C LEU B 698 1.84 -11.09 -11.95
N SER B 699 3.16 -11.18 -11.71
CA SER B 699 4.02 -12.29 -12.15
C SER B 699 3.91 -13.59 -11.32
N GLY B 700 4.96 -14.39 -11.39
CA GLY B 700 5.15 -15.55 -10.54
C GLY B 700 3.90 -16.24 -10.02
N LEU B 701 3.83 -16.41 -8.71
CA LEU B 701 2.69 -17.10 -8.13
C LEU B 701 1.51 -16.15 -7.95
N SER B 702 1.77 -14.84 -8.07
CA SER B 702 0.67 -13.88 -8.07
C SER B 702 -0.40 -14.32 -9.08
N THR B 703 0.01 -14.45 -10.34
CA THR B 703 -0.85 -14.97 -11.39
C THR B 703 -1.65 -16.17 -10.93
N ASN B 704 -0.97 -17.14 -10.34
CA ASN B 704 -1.64 -18.32 -9.84
C ASN B 704 -2.76 -17.83 -8.93
N HIS B 705 -2.37 -17.14 -7.85
CA HIS B 705 -3.28 -16.57 -6.87
C HIS B 705 -4.39 -15.75 -7.53
N LEU B 706 -4.01 -14.83 -8.40
CA LEU B 706 -4.97 -14.03 -9.14
C LEU B 706 -6.09 -14.90 -9.73
N TYR B 707 -5.74 -15.90 -10.53
CA TYR B 707 -6.77 -16.59 -11.31
C TYR B 707 -7.60 -17.49 -10.44
N THR B 708 -6.98 -18.01 -9.39
CA THR B 708 -7.67 -18.82 -8.42
C THR B 708 -8.69 -17.97 -7.67
N HIS B 709 -8.36 -16.70 -7.45
CA HIS B 709 -9.21 -15.82 -6.67
C HIS B 709 -10.41 -15.37 -7.50
N MET B 710 -10.12 -14.91 -8.70
CA MET B 710 -11.14 -14.59 -9.69
C MET B 710 -12.02 -15.79 -10.03
N THR B 711 -11.44 -16.98 -10.10
CA THR B 711 -12.22 -18.16 -10.41
C THR B 711 -13.22 -18.37 -9.29
N HIS B 712 -12.74 -18.25 -8.05
CA HIS B 712 -13.62 -18.43 -6.90
C HIS B 712 -14.76 -17.41 -6.94
N PHE B 713 -14.39 -16.15 -7.14
CA PHE B 713 -15.32 -15.04 -7.24
C PHE B 713 -16.40 -15.37 -8.25
N LEU B 714 -15.93 -15.81 -9.40
CA LEU B 714 -16.76 -16.00 -10.56
C LEU B 714 -17.73 -17.14 -10.37
N LYS B 715 -17.22 -18.25 -9.83
CA LYS B 715 -18.00 -19.43 -9.51
C LYS B 715 -19.02 -19.10 -8.44
N GLN B 716 -18.70 -18.08 -7.64
CA GLN B 716 -19.61 -17.60 -6.61
C GLN B 716 -20.75 -16.83 -7.30
N CYS B 717 -20.35 -15.87 -8.13
CA CYS B 717 -21.25 -14.98 -8.84
C CYS B 717 -22.23 -15.74 -9.72
N PHE B 718 -21.84 -16.92 -10.18
CA PHE B 718 -22.73 -17.75 -10.98
C PHE B 718 -23.32 -18.89 -10.16
N SER B 719 -23.44 -18.66 -8.86
CA SER B 719 -23.90 -19.67 -7.88
C SER B 719 -23.62 -21.13 -8.28
C1 NAG C . -26.19 30.67 24.83
C2 NAG C . -27.18 29.61 24.38
C3 NAG C . -28.61 30.14 24.57
C4 NAG C . -28.84 30.59 26.02
C5 NAG C . -27.71 31.52 26.50
C6 NAG C . -27.77 31.80 28.00
C7 NAG C . -26.30 28.07 22.67
C8 NAG C . -24.95 28.17 22.00
N2 NAG C . -26.91 29.21 23.00
O3 NAG C . -29.58 29.17 24.23
O4 NAG C . -30.11 31.23 26.09
O5 NAG C . -26.41 30.99 26.20
O6 NAG C . -27.44 30.64 28.76
O7 NAG C . -26.79 26.96 22.89
C1 NAG C . -31.01 30.54 26.98
C2 NAG C . -32.04 31.52 27.55
C3 NAG C . -32.98 30.82 28.54
C4 NAG C . -33.50 29.47 28.00
C5 NAG C . -32.42 28.65 27.30
C6 NAG C . -33.02 27.45 26.56
C7 NAG C . -31.05 33.78 27.59
C8 NAG C . -30.19 34.74 28.37
N2 NAG C . -31.37 32.64 28.21
O3 NAG C . -34.07 31.65 28.87
O4 NAG C . -34.06 28.74 29.07
O5 NAG C . -31.69 29.45 26.38
O6 NAG C . -31.98 26.65 26.05
O7 NAG C . -31.41 34.07 26.44
C1 NAG D . 20.84 14.37 17.78
C2 NAG D . 22.02 13.64 17.15
C3 NAG D . 23.37 14.20 17.63
C4 NAG D . 23.38 15.75 17.69
C5 NAG D . 22.15 16.20 18.48
C6 NAG D . 22.05 17.69 18.70
C7 NAG D . 22.52 11.20 16.90
C8 NAG D . 22.09 9.83 17.36
N2 NAG D . 21.90 12.23 17.47
O3 NAG D . 24.46 13.59 16.92
O4 NAG D . 24.56 16.26 18.29
O5 NAG D . 21.00 15.77 17.79
O6 NAG D . 20.91 17.94 19.48
O7 NAG D . 23.39 11.30 16.03
C1 NAG D . 25.09 14.40 15.91
C2 NAG D . 26.62 14.26 15.96
C3 NAG D . 27.30 14.98 14.79
C4 NAG D . 26.55 14.80 13.46
C5 NAG D . 25.07 15.11 13.70
C6 NAG D . 24.22 15.17 12.43
C7 NAG D . 28.06 14.14 17.95
C8 NAG D . 27.97 14.35 19.44
N2 NAG D . 27.17 14.79 17.20
O3 NAG D . 28.64 14.56 14.67
O4 NAG D . 27.10 15.65 12.48
O5 NAG D . 24.58 14.16 14.61
O6 NAG D . 23.93 13.87 11.99
O7 NAG D . 28.93 13.38 17.50
C1 NAG E . 25.62 -29.87 -23.32
C2 NAG E . 24.51 -30.92 -23.11
C3 NAG E . 25.11 -32.32 -23.14
C4 NAG E . 25.78 -32.54 -24.50
C5 NAG E . 26.73 -31.37 -24.81
C6 NAG E . 27.29 -31.41 -26.24
C7 NAG E . 23.99 -30.12 -20.82
C8 NAG E . 23.18 -28.90 -20.48
N2 NAG E . 23.66 -30.76 -21.94
O3 NAG E . 24.08 -33.27 -22.96
O4 NAG E . 26.46 -33.80 -24.49
O5 NAG E . 26.15 -30.08 -24.56
O6 NAG E . 26.36 -31.91 -27.18
O7 NAG E . 24.91 -30.51 -20.09
C1 NAG E . 25.71 -34.89 -25.12
C2 NAG E . 26.68 -35.95 -25.68
C3 NAG E . 26.19 -37.42 -25.69
C4 NAG E . 25.00 -37.72 -24.79
C5 NAG E . 24.03 -36.54 -24.86
C6 NAG E . 22.68 -36.84 -24.19
C7 NAG E . 26.43 -35.88 -28.18
C8 NAG E . 25.58 -34.81 -28.79
N2 NAG E . 27.09 -35.58 -27.04
O3 NAG E . 27.26 -38.29 -25.38
O4 NAG E . 24.39 -38.93 -25.19
O5 NAG E . 24.69 -35.43 -24.29
O6 NAG E . 22.74 -36.61 -22.80
O7 NAG E . 26.50 -36.98 -28.72
C1 NAG F . -28.07 7.38 15.95
C2 NAG F . -29.41 6.59 16.03
C3 NAG F . -30.58 7.51 16.35
C4 NAG F . -30.28 8.32 17.60
C5 NAG F . -28.91 9.02 17.47
C6 NAG F . -28.50 9.76 18.74
C7 NAG F . -30.40 5.83 13.83
C8 NAG F . -31.48 4.80 13.59
N2 NAG F . -29.64 5.64 14.92
O3 NAG F . -31.75 6.73 16.56
O4 NAG F . -31.31 9.23 17.89
O5 NAG F . -27.91 8.07 17.18
O6 NAG F . -28.35 8.82 19.79
O7 NAG F . -30.24 6.76 13.04
C1 NAG G . 17.53 -9.28 32.42
C2 NAG G . 18.75 -9.82 31.65
C3 NAG G . 19.59 -10.84 32.42
C4 NAG G . 19.45 -10.86 33.94
C5 NAG G . 18.11 -10.34 34.44
C6 NAG G . 18.12 -10.10 35.94
C7 NAG G . 19.08 -11.08 29.53
C8 NAG G . 20.02 -10.31 28.63
N2 NAG G . 18.31 -10.39 30.38
O3 NAG G . 20.96 -10.67 32.10
O4 NAG G . 19.63 -12.19 34.38
O5 NAG G . 17.82 -9.11 33.79
O6 NAG G . 16.85 -9.67 36.35
O7 NAG G . 19.07 -12.31 29.47
C1 NAG H . 3.47 -28.61 -16.56
C2 NAG H . 2.64 -29.92 -16.63
C3 NAG H . 3.53 -31.11 -17.01
C4 NAG H . 4.15 -30.83 -18.37
C5 NAG H . 4.97 -29.55 -18.29
C6 NAG H . 5.46 -29.19 -19.70
C7 NAG H . 2.11 -29.82 -14.18
C8 NAG H . 0.99 -29.17 -13.41
N2 NAG H . 1.83 -30.19 -15.44
O3 NAG H . 2.79 -32.32 -17.07
O4 NAG H . 4.97 -31.91 -18.80
O5 NAG H . 4.21 -28.46 -17.77
O6 NAG H . 4.60 -28.25 -20.33
O7 NAG H . 3.21 -30.01 -13.65
C1 NAG I . 18.15 19.16 -16.87
C2 NAG I . 19.20 20.10 -17.50
C3 NAG I . 19.66 21.20 -16.53
C4 NAG I . 18.46 22.00 -16.01
C5 NAG I . 17.44 21.00 -15.43
C6 NAG I . 16.19 21.70 -14.89
C7 NAG I . 20.59 19.24 -19.35
C8 NAG I . 20.30 20.41 -20.26
N2 NAG I . 20.35 19.38 -18.05
O3 NAG I . 20.58 22.04 -17.18
O4 NAG I . 18.87 22.94 -15.03
O5 NAG I . 17.09 19.99 -16.39
O6 NAG I . 15.29 22.01 -15.94
O7 NAG I . 21.04 18.20 -19.83
C1 NAG J . -4.48 19.78 -32.95
C2 NAG J . -5.03 21.00 -32.19
C3 NAG J . -6.13 21.75 -32.98
C4 NAG J . -5.87 21.83 -34.48
C5 NAG J . -5.44 20.44 -34.95
C6 NAG J . -5.27 20.27 -36.45
C7 NAG J . -6.60 19.98 -30.53
C8 NAG J . -6.43 18.71 -29.74
N2 NAG J . -5.49 20.66 -30.85
O3 NAG J . -6.28 23.06 -32.43
O4 NAG J . -7.04 22.27 -35.12
O5 NAG J . -4.22 20.17 -34.29
O6 NAG J . -6.03 19.15 -36.85
O7 NAG J . -7.73 20.35 -30.85
C1 NAG K . -20.70 12.79 -17.70
C2 NAG K . -21.71 13.61 -18.50
C3 NAG K . -23.10 12.95 -18.57
C4 NAG K . -22.94 11.54 -19.14
C5 NAG K . -21.96 10.71 -18.28
C6 NAG K . -21.08 9.83 -19.19
C7 NAG K . -21.06 15.92 -18.46
C8 NAG K . -20.36 16.78 -17.44
N2 NAG K . -21.81 14.95 -17.95
O3 NAG K . -23.97 13.70 -19.38
O4 NAG K . -24.20 10.92 -19.23
O5 NAG K . -21.17 11.48 -17.37
O6 NAG K . -21.59 8.51 -19.29
O7 NAG K . -20.94 16.13 -19.67
#